data_8CXW
#
_entry.id   8CXW
#
_cell.length_a   81.326
_cell.length_b   161.634
_cell.length_c   229.602
_cell.angle_alpha   90.000
_cell.angle_beta   90.000
_cell.angle_gamma   90.000
#
_symmetry.space_group_name_H-M   'P 21 21 21'
#
loop_
_entity.id
_entity.type
_entity.pdbx_description
1 polymer 'Site-specific DNA-methyltransferase (adenine-specific)'
2 polymer 'DNA Strand 1'
3 polymer 'DNA Strand 2'
4 non-polymer 'POTASSIUM ION'
5 non-polymer 1,2-ETHANEDIOL
6 non-polymer Piclidenoson
7 water water
#
loop_
_entity_poly.entity_id
_entity_poly.type
_entity_poly.pdbx_seq_one_letter_code
_entity_poly.pdbx_strand_id
1 'polypeptide(L)'
;HMDDISQDNFLLSKEYENSLDVDTKKASGIYYTPKIIVDYIVKKTLKNHDIIKNPYPRILDISCGCGNFLLEVYDILYDL
FEENIYELKKKYDENYWTVDNIHRHILNYCIYGADIDEKAISILKDSLTNKKVVNDLDESDIKINLFCCDSLKKKWRYKF
DYIVGNPPYIGHKKLEKKYKKFLLEKYSEVYKDKADLYFCFYKKIIDILKQGGIGSVITPRYFLESLSGKDLREYIKSNV
NVQEIVDFLGANIFKNIGVSSCILTFDKKKTKETYIDVFKIKNEDICINKFETLEELLKSSKFEHFNINQRLLSDEWILV
NKDDETFYNKIQEKCKYSLEDIAISFQGIITGCDKAFILSKDDVKLNLVDDKFLKCWIKSKNINKYIVDKSEYRLIYSND
IDNENTNKRILDEIIGLYKTKLENRRECKSGIRKWYELQWGREKLFFERKKIMYPYKSNENRFAIDYDNNFSSADVYSFF
IKEEYLDKFSYEYLVGILNSSVYDKYFKITAKKMSKNIYDYYPNKVMKIRIFRDNNYEEIENLSKQIISILLNKSIDKGK
VEKLQIKMDNLIMDSLGI
;
A,B,C
2 'polydeoxyribonucleotide' (DT)(DT)(DC)(DA)(DA)(DA)(DA)(DA)(DG)(DT)(DC)(DC)(DC)(DA) D,F,H
3 'polydeoxyribonucleotide' (DA)(DT)(DG)(DG)(DG)(DA)(DC)(DT)(DT)(DT)(DT)(DT)(DG)(DA) E,G,I
#
# COMPACT_ATOMS: atom_id res chain seq x y z
N TYR A 31 20.30 24.62 -42.59
CA TYR A 31 20.65 25.90 -41.99
C TYR A 31 22.09 26.27 -42.32
N TYR A 32 22.28 26.77 -43.53
CA TYR A 32 23.61 27.08 -44.04
C TYR A 32 24.27 28.16 -43.21
N THR A 33 25.46 27.86 -42.70
CA THR A 33 26.20 28.83 -41.90
C THR A 33 26.89 29.84 -42.81
N PRO A 34 26.87 31.14 -42.51
CA PRO A 34 27.54 32.11 -43.38
C PRO A 34 29.02 31.79 -43.52
N LYS A 35 29.53 31.97 -44.75
CA LYS A 35 30.88 31.52 -45.07
C LYS A 35 31.94 32.22 -44.22
N ILE A 36 31.72 33.50 -43.90
CA ILE A 36 32.72 34.24 -43.15
C ILE A 36 32.90 33.64 -41.75
N ILE A 37 31.82 33.16 -41.16
CA ILE A 37 31.91 32.52 -39.85
C ILE A 37 32.57 31.15 -39.95
N VAL A 38 32.23 30.39 -40.99
CA VAL A 38 32.82 29.07 -41.19
C VAL A 38 34.34 29.19 -41.31
N ASP A 39 34.81 30.12 -42.13
CA ASP A 39 36.24 30.30 -42.30
C ASP A 39 36.92 30.73 -41.00
N TYR A 40 36.27 31.62 -40.24
CA TYR A 40 36.82 32.06 -38.97
C TYR A 40 36.97 30.90 -37.99
N ILE A 41 35.96 30.03 -37.92
CA ILE A 41 36.00 28.90 -36.99
C ILE A 41 37.13 27.95 -37.36
N VAL A 42 37.26 27.63 -38.65
CA VAL A 42 38.33 26.74 -39.09
C VAL A 42 39.69 27.37 -38.85
N LYS A 43 39.84 28.66 -39.17
CA LYS A 43 41.10 29.33 -38.90
C LYS A 43 41.42 29.37 -37.41
N LYS A 44 40.38 29.45 -36.57
CA LYS A 44 40.60 29.48 -35.12
C LYS A 44 41.25 28.19 -34.63
N THR A 45 40.79 27.05 -35.14
CA THR A 45 41.30 25.76 -34.68
C THR A 45 42.62 25.35 -35.31
N LEU A 46 42.98 25.92 -36.47
CA LEU A 46 44.10 25.37 -37.24
C LEU A 46 45.21 26.36 -37.59
N LYS A 47 45.08 27.65 -37.29
CA LYS A 47 46.04 28.62 -37.79
C LYS A 47 47.44 28.42 -37.23
N ASN A 48 47.56 27.81 -36.05
CA ASN A 48 48.85 27.63 -35.40
C ASN A 48 49.17 26.15 -35.15
N HIS A 49 48.59 25.26 -35.96
CA HIS A 49 48.92 23.84 -35.84
C HIS A 49 50.29 23.56 -36.43
N ASP A 50 51.08 22.77 -35.70
CA ASP A 50 52.43 22.38 -36.15
C ASP A 50 52.28 21.10 -36.96
N ILE A 51 52.17 21.26 -38.28
CA ILE A 51 51.98 20.10 -39.15
C ILE A 51 53.24 19.24 -39.20
N ILE A 52 54.41 19.85 -38.94
CA ILE A 52 55.65 19.08 -38.92
C ILE A 52 55.69 18.16 -37.72
N LYS A 53 55.33 18.68 -36.54
CA LYS A 53 55.35 17.86 -35.33
C LYS A 53 54.31 16.74 -35.40
N ASN A 54 53.11 17.06 -35.88
CA ASN A 54 52.02 16.09 -36.01
C ASN A 54 51.37 16.23 -37.38
N PRO A 55 51.78 15.42 -38.37
CA PRO A 55 51.13 15.46 -39.69
C PRO A 55 49.87 14.64 -39.80
N TYR A 56 49.31 14.16 -38.69
CA TYR A 56 48.09 13.34 -38.67
C TYR A 56 47.04 13.93 -37.76
N PRO A 57 46.65 15.20 -37.96
CA PRO A 57 45.61 15.78 -37.12
C PRO A 57 44.24 15.25 -37.53
N ARG A 58 43.38 15.04 -36.53
CA ARG A 58 42.04 14.53 -36.74
C ARG A 58 41.06 15.66 -36.48
N ILE A 59 40.41 16.13 -37.54
CA ILE A 59 39.46 17.23 -37.47
C ILE A 59 38.07 16.67 -37.71
N LEU A 60 37.13 17.00 -36.81
CA LEU A 60 35.83 16.36 -36.78
C LEU A 60 34.71 17.39 -36.77
N ASP A 61 33.61 17.06 -37.45
CA ASP A 61 32.36 17.81 -37.38
C ASP A 61 31.24 16.81 -37.20
N ILE A 62 30.56 16.84 -36.04
CA ILE A 62 29.56 15.84 -35.72
C ILE A 62 28.17 16.21 -36.20
N SER A 63 28.01 17.37 -36.83
CA SER A 63 26.78 17.72 -37.54
C SER A 63 27.15 18.34 -38.88
N CYS A 64 28.05 17.68 -39.61
CA CYS A 64 28.67 18.28 -40.78
C CYS A 64 27.67 18.64 -41.87
N GLY A 65 26.55 17.93 -41.94
CA GLY A 65 25.59 18.21 -42.99
C GLY A 65 26.20 17.99 -44.37
N CYS A 66 26.02 18.97 -45.25
CA CYS A 66 26.63 18.91 -46.58
C CYS A 66 28.12 19.20 -46.57
N GLY A 67 28.67 19.62 -45.42
CA GLY A 67 30.10 19.80 -45.29
C GLY A 67 30.57 21.23 -45.46
N ASN A 68 29.82 22.18 -44.89
CA ASN A 68 30.24 23.57 -44.96
C ASN A 68 31.59 23.78 -44.29
N PHE A 69 31.82 23.15 -43.14
CA PHE A 69 33.09 23.29 -42.43
C PHE A 69 34.16 22.37 -43.00
N LEU A 70 33.80 21.11 -43.28
CA LEU A 70 34.81 20.11 -43.64
C LEU A 70 35.45 20.43 -44.99
N LEU A 71 34.69 20.96 -45.94
CA LEU A 71 35.28 21.34 -47.22
C LEU A 71 36.30 22.46 -47.04
N GLU A 72 36.01 23.42 -46.16
CA GLU A 72 37.00 24.44 -45.83
C GLU A 72 38.19 23.85 -45.11
N VAL A 73 37.95 22.85 -44.24
CA VAL A 73 39.04 22.18 -43.54
C VAL A 73 39.98 21.52 -44.54
N TYR A 74 39.42 20.91 -45.59
CA TYR A 74 40.24 20.29 -46.63
C TYR A 74 41.14 21.32 -47.29
N ASP A 75 40.59 22.49 -47.63
CA ASP A 75 41.38 23.52 -48.28
C ASP A 75 42.51 24.01 -47.37
N ILE A 76 42.18 24.27 -46.10
CA ILE A 76 43.20 24.76 -45.16
C ILE A 76 44.28 23.70 -44.96
N LEU A 77 43.88 22.45 -44.80
CA LEU A 77 44.85 21.37 -44.63
C LEU A 77 45.73 21.23 -45.88
N TYR A 78 45.14 21.29 -47.07
CA TYR A 78 45.91 21.09 -48.29
C TYR A 78 46.99 22.17 -48.45
N ASP A 79 46.65 23.42 -48.16
CA ASP A 79 47.66 24.49 -48.19
C ASP A 79 48.75 24.21 -47.17
N LEU A 80 48.36 23.73 -45.97
CA LEU A 80 49.34 23.47 -44.92
C LEU A 80 50.30 22.36 -45.34
N PHE A 81 49.78 21.29 -45.94
CA PHE A 81 50.65 20.19 -46.35
C PHE A 81 51.56 20.59 -47.50
N GLU A 82 51.03 21.31 -48.49
CA GLU A 82 51.85 21.67 -49.64
C GLU A 82 52.94 22.68 -49.28
N GLU A 83 52.66 23.57 -48.32
CA GLU A 83 53.67 24.55 -47.93
C GLU A 83 54.81 23.93 -47.13
N ASN A 84 54.61 22.76 -46.56
CA ASN A 84 55.64 22.06 -45.79
C ASN A 84 55.93 20.68 -46.37
N ILE A 85 55.72 20.51 -47.68
CA ILE A 85 55.81 19.19 -48.28
C ILE A 85 57.25 18.68 -48.27
N TYR A 86 58.22 19.56 -48.52
CA TYR A 86 59.61 19.13 -48.56
C TYR A 86 60.19 18.91 -47.17
N GLU A 87 59.77 19.70 -46.18
CA GLU A 87 60.19 19.44 -44.81
C GLU A 87 59.64 18.10 -44.32
N LEU A 88 58.37 17.81 -44.64
CA LEU A 88 57.79 16.53 -44.28
C LEU A 88 58.50 15.38 -44.99
N LYS A 89 58.83 15.57 -46.27
CA LYS A 89 59.53 14.53 -47.01
C LYS A 89 60.89 14.21 -46.39
N LYS A 90 61.56 15.22 -45.85
CA LYS A 90 62.89 15.02 -45.27
C LYS A 90 62.81 14.36 -43.89
N LYS A 91 61.83 14.73 -43.08
CA LYS A 91 61.75 14.23 -41.71
C LYS A 91 61.15 12.83 -41.63
N TYR A 92 60.30 12.46 -42.57
CA TYR A 92 59.57 11.20 -42.54
C TYR A 92 59.85 10.41 -43.81
N ASP A 93 59.03 9.37 -44.03
CA ASP A 93 59.12 8.56 -45.23
C ASP A 93 59.05 9.45 -46.46
N GLU A 94 60.14 9.50 -47.22
CA GLU A 94 60.23 10.45 -48.33
C GLU A 94 59.39 10.05 -49.53
N ASN A 95 59.05 8.76 -49.65
CA ASN A 95 58.16 8.34 -50.73
C ASN A 95 56.70 8.59 -50.41
N TYR A 96 56.34 8.65 -49.13
CA TYR A 96 54.96 8.88 -48.74
C TYR A 96 54.54 10.34 -48.90
N TRP A 97 55.46 11.28 -48.66
CA TRP A 97 55.13 12.71 -48.62
C TRP A 97 55.47 13.35 -49.95
N THR A 98 54.50 13.33 -50.86
CA THR A 98 54.56 14.07 -52.11
C THR A 98 53.29 14.91 -52.24
N VAL A 99 53.33 15.89 -53.14
CA VAL A 99 52.15 16.71 -53.38
C VAL A 99 51.01 15.86 -53.92
N ASP A 100 51.33 14.94 -54.83
CA ASP A 100 50.31 14.06 -55.41
C ASP A 100 49.63 13.19 -54.36
N ASN A 101 50.29 12.96 -53.23
CA ASN A 101 49.74 12.10 -52.18
C ASN A 101 48.99 12.89 -51.11
N ILE A 102 48.90 14.22 -51.22
CA ILE A 102 48.27 15.03 -50.19
C ILE A 102 46.78 14.75 -50.12
N HIS A 103 46.12 14.71 -51.27
CA HIS A 103 44.68 14.47 -51.30
C HIS A 103 44.32 13.17 -50.59
N ARG A 104 45.06 12.11 -50.89
CA ARG A 104 44.80 10.80 -50.28
C ARG A 104 45.00 10.84 -48.77
N HIS A 105 46.10 11.48 -48.33
CA HIS A 105 46.43 11.48 -46.91
C HIS A 105 45.39 12.24 -46.09
N ILE A 106 44.86 13.34 -46.65
CA ILE A 106 43.86 14.12 -45.92
C ILE A 106 42.61 13.29 -45.68
N LEU A 107 42.15 12.56 -46.69
CA LEU A 107 40.89 11.84 -46.55
C LEU A 107 41.03 10.60 -45.68
N ASN A 108 42.19 9.95 -45.71
CA ASN A 108 42.37 8.72 -44.94
C ASN A 108 42.50 9.00 -43.45
N TYR A 109 43.23 10.05 -43.07
CA TYR A 109 43.67 10.23 -41.70
C TYR A 109 43.25 11.54 -41.04
N CYS A 110 42.67 12.48 -41.77
CA CYS A 110 42.50 13.83 -41.23
C CYS A 110 41.06 14.26 -41.05
N ILE A 111 40.22 14.08 -42.07
CA ILE A 111 38.87 14.62 -42.07
C ILE A 111 37.88 13.57 -41.57
N TYR A 112 37.08 13.94 -40.58
CA TYR A 112 36.03 13.09 -40.02
C TYR A 112 34.74 13.89 -39.92
N GLY A 113 33.62 13.24 -40.25
CA GLY A 113 32.33 13.91 -40.20
C GLY A 113 31.23 12.93 -39.83
N ALA A 114 30.20 13.44 -39.18
CA ALA A 114 29.05 12.65 -38.79
C ALA A 114 27.78 13.46 -38.97
N ASP A 115 26.74 12.81 -39.49
CA ASP A 115 25.44 13.46 -39.63
C ASP A 115 24.38 12.38 -39.79
N ILE A 116 23.13 12.75 -39.47
CA ILE A 116 22.04 11.79 -39.56
C ILE A 116 21.42 11.75 -40.96
N ASP A 117 21.60 12.80 -41.77
CA ASP A 117 21.00 12.89 -43.09
C ASP A 117 21.87 12.11 -44.08
N GLU A 118 21.31 11.02 -44.63
CA GLU A 118 22.07 10.22 -45.60
C GLU A 118 22.43 11.04 -46.83
N LYS A 119 21.48 11.81 -47.35
CA LYS A 119 21.73 12.56 -48.57
C LYS A 119 22.85 13.58 -48.38
N ALA A 120 22.88 14.25 -47.22
CA ALA A 120 23.94 15.21 -46.96
C ALA A 120 25.31 14.54 -46.92
N ILE A 121 25.40 13.37 -46.27
CA ILE A 121 26.67 12.65 -46.23
C ILE A 121 27.08 12.21 -47.63
N SER A 122 26.11 11.72 -48.42
CA SER A 122 26.42 11.30 -49.78
C SER A 122 26.93 12.47 -50.62
N ILE A 123 26.32 13.64 -50.46
CA ILE A 123 26.78 14.83 -51.18
C ILE A 123 28.17 15.23 -50.71
N LEU A 124 28.42 15.20 -49.40
CA LEU A 124 29.73 15.57 -48.88
C LEU A 124 30.80 14.59 -49.34
N LYS A 125 30.48 13.30 -49.41
CA LYS A 125 31.44 12.32 -49.90
C LYS A 125 31.84 12.61 -51.34
N ASP A 126 30.87 12.97 -52.18
CA ASP A 126 31.18 13.32 -53.56
C ASP A 126 31.96 14.63 -53.64
N SER A 127 31.63 15.60 -52.78
CA SER A 127 32.37 16.86 -52.78
C SER A 127 33.84 16.66 -52.41
N LEU A 128 34.09 15.84 -51.39
CA LEU A 128 35.48 15.56 -51.02
C LEU A 128 36.22 14.81 -52.11
N THR A 129 35.54 13.88 -52.78
CA THR A 129 36.16 13.12 -53.85
C THR A 129 36.51 14.03 -55.03
N ASN A 130 35.64 14.98 -55.35
CA ASN A 130 35.84 15.85 -56.51
C ASN A 130 36.95 16.88 -56.30
N LYS A 131 37.60 16.91 -55.13
CA LYS A 131 38.70 17.84 -54.91
C LYS A 131 39.92 17.51 -55.77
N LYS A 132 40.03 16.30 -56.27
CA LYS A 132 41.17 15.90 -57.10
C LYS A 132 40.76 15.74 -58.56
N ASP A 138 39.24 4.81 -61.31
CA ASP A 138 39.68 4.92 -59.92
C ASP A 138 41.07 4.33 -59.74
N GLU A 139 41.87 4.94 -58.85
CA GLU A 139 43.22 4.43 -58.60
C GLU A 139 43.18 3.29 -57.59
N SER A 140 42.84 3.60 -56.33
CA SER A 140 42.62 2.52 -55.36
C SER A 140 41.46 2.77 -54.39
N ASP A 141 40.49 3.63 -54.72
CA ASP A 141 39.25 3.80 -53.94
C ASP A 141 39.54 4.24 -52.50
N ILE A 142 40.01 5.49 -52.39
CA ILE A 142 40.20 6.12 -51.08
C ILE A 142 38.95 5.97 -50.22
N LYS A 143 39.16 5.77 -48.92
CA LYS A 143 38.07 5.66 -47.96
C LYS A 143 37.97 6.96 -47.16
N ILE A 144 36.75 7.44 -46.97
CA ILE A 144 36.49 8.72 -46.34
C ILE A 144 35.74 8.48 -45.03
N ASN A 145 36.21 9.11 -43.96
CA ASN A 145 35.67 8.88 -42.61
C ASN A 145 34.44 9.75 -42.38
N LEU A 146 33.35 9.35 -43.03
CA LEU A 146 32.05 9.99 -42.85
C LEU A 146 31.06 8.94 -42.36
N PHE A 147 30.36 9.25 -41.28
CA PHE A 147 29.44 8.32 -40.65
C PHE A 147 28.03 8.90 -40.68
N CYS A 148 27.07 8.12 -41.16
CA CYS A 148 25.66 8.48 -41.06
C CYS A 148 25.11 7.82 -39.80
N CYS A 149 24.96 8.61 -38.74
CA CYS A 149 24.57 8.07 -37.44
C CYS A 149 24.10 9.20 -36.54
N ASP A 150 23.57 8.81 -35.38
CA ASP A 150 23.29 9.75 -34.30
C ASP A 150 24.60 10.05 -33.58
N SER A 151 25.06 11.30 -33.67
CA SER A 151 26.33 11.65 -33.07
C SER A 151 26.31 11.47 -31.56
N LEU A 152 25.12 11.55 -30.95
CA LEU A 152 25.00 11.42 -29.51
C LEU A 152 24.93 9.97 -29.04
N LYS A 153 24.78 9.01 -29.95
CA LYS A 153 24.72 7.61 -29.59
C LYS A 153 25.92 6.79 -30.10
N LYS A 154 26.70 7.35 -31.02
CA LYS A 154 27.78 6.57 -31.63
C LYS A 154 28.86 6.27 -30.60
N LYS A 155 29.36 5.03 -30.63
CA LYS A 155 30.51 4.63 -29.83
C LYS A 155 31.76 5.18 -30.51
N TRP A 156 32.25 6.32 -30.02
CA TRP A 156 33.40 6.96 -30.62
C TRP A 156 34.68 6.25 -30.19
N ARG A 157 35.39 5.66 -31.16
CA ARG A 157 36.51 4.78 -30.89
C ARG A 157 37.79 5.52 -30.52
N TYR A 158 37.87 6.82 -30.75
CA TYR A 158 39.07 7.57 -30.41
C TYR A 158 38.73 9.05 -30.32
N LYS A 159 39.59 9.78 -29.60
CA LYS A 159 39.41 11.22 -29.45
C LYS A 159 40.00 11.97 -30.64
N PHE A 160 39.78 13.29 -30.67
CA PHE A 160 40.06 14.11 -31.84
C PHE A 160 40.87 15.34 -31.46
N ASP A 161 41.72 15.77 -32.40
CA ASP A 161 42.56 16.95 -32.19
C ASP A 161 41.76 18.24 -32.30
N TYR A 162 40.87 18.34 -33.29
CA TYR A 162 40.12 19.57 -33.51
C TYR A 162 38.68 19.24 -33.89
N ILE A 163 37.73 19.98 -33.32
CA ILE A 163 36.31 19.78 -33.57
C ILE A 163 35.69 21.13 -33.93
N VAL A 164 34.99 21.17 -35.07
CA VAL A 164 34.31 22.38 -35.55
C VAL A 164 32.91 22.00 -36.00
N GLY A 165 32.04 23.00 -36.07
CA GLY A 165 30.74 22.81 -36.69
C GLY A 165 29.66 23.65 -36.05
N ASN A 166 28.44 23.43 -36.52
CA ASN A 166 27.24 24.14 -36.08
C ASN A 166 26.18 23.11 -35.71
N PRO A 167 26.06 22.77 -34.43
CA PRO A 167 25.16 21.66 -34.04
C PRO A 167 23.70 22.06 -34.20
N PRO A 168 22.79 21.09 -34.19
CA PRO A 168 21.36 21.43 -34.22
C PRO A 168 20.88 22.02 -32.89
N TYR A 169 19.92 22.94 -32.98
CA TYR A 169 19.26 23.51 -31.81
C TYR A 169 17.81 23.07 -31.82
N ILE A 170 17.40 22.33 -30.79
CA ILE A 170 16.02 21.88 -30.66
C ILE A 170 15.58 22.09 -29.22
N GLY A 171 14.53 22.90 -29.03
CA GLY A 171 14.05 23.21 -27.70
C GLY A 171 13.18 22.11 -27.12
N HIS A 172 12.66 22.38 -25.92
CA HIS A 172 11.91 21.38 -25.17
C HIS A 172 10.54 21.10 -25.77
N LYS A 173 10.01 22.02 -26.59
CA LYS A 173 8.72 21.79 -27.22
C LYS A 173 8.85 20.95 -28.49
N LYS A 174 9.88 21.23 -29.29
CA LYS A 174 10.03 20.63 -30.61
C LYS A 174 10.87 19.36 -30.59
N LEU A 175 11.24 18.86 -29.42
CA LEU A 175 12.01 17.65 -29.29
C LEU A 175 11.07 16.51 -28.92
N GLU A 176 11.08 15.43 -29.71
CA GLU A 176 10.12 14.35 -29.49
C GLU A 176 10.40 13.66 -28.16
N LYS A 177 9.31 13.21 -27.51
CA LYS A 177 9.41 12.71 -26.14
C LYS A 177 10.26 11.45 -26.04
N LYS A 178 10.20 10.57 -27.05
CA LYS A 178 10.99 9.33 -26.99
C LYS A 178 12.48 9.63 -26.92
N TYR A 179 12.95 10.59 -27.74
CA TYR A 179 14.35 10.98 -27.69
C TYR A 179 14.69 11.71 -26.39
N LYS A 180 13.75 12.49 -25.86
CA LYS A 180 14.03 13.27 -24.65
C LYS A 180 14.28 12.37 -23.45
N LYS A 181 13.63 11.21 -23.40
CA LYS A 181 13.90 10.26 -22.31
C LYS A 181 15.35 9.78 -22.37
N PHE A 182 15.86 9.52 -23.57
CA PHE A 182 17.26 9.12 -23.72
C PHE A 182 18.20 10.22 -23.26
N LEU A 183 17.92 11.48 -23.64
CA LEU A 183 18.79 12.58 -23.23
C LEU A 183 18.78 12.77 -21.73
N LEU A 184 17.60 12.65 -21.10
CA LEU A 184 17.52 12.82 -19.65
C LEU A 184 18.26 11.71 -18.92
N GLU A 185 18.19 10.47 -19.44
CA GLU A 185 18.84 9.34 -18.79
C GLU A 185 20.35 9.33 -19.02
N LYS A 186 20.81 9.77 -20.20
CA LYS A 186 22.21 9.62 -20.57
C LYS A 186 23.00 10.92 -20.61
N TYR A 187 22.34 12.07 -20.74
CA TYR A 187 23.01 13.37 -20.78
C TYR A 187 22.56 14.26 -19.63
N SER A 188 22.33 13.66 -18.46
CA SER A 188 21.80 14.40 -17.33
C SER A 188 22.76 15.46 -16.81
N GLU A 189 24.06 15.32 -17.06
CA GLU A 189 25.01 16.31 -16.58
C GLU A 189 24.80 17.68 -17.20
N VAL A 190 24.16 17.76 -18.36
CA VAL A 190 23.86 19.05 -18.98
C VAL A 190 22.40 19.20 -19.38
N TYR A 191 21.62 18.13 -19.48
CA TYR A 191 20.26 18.19 -20.01
C TYR A 191 19.25 17.80 -18.94
N LYS A 192 18.57 18.79 -18.37
CA LYS A 192 17.40 18.58 -17.54
C LYS A 192 16.37 19.65 -17.87
N ASP A 193 15.12 19.36 -17.52
CA ASP A 193 14.04 20.37 -17.48
C ASP A 193 13.89 20.98 -18.86
N LYS A 194 14.01 22.30 -19.02
CA LYS A 194 13.81 22.98 -20.30
C LYS A 194 15.11 23.18 -21.07
N ALA A 195 16.09 22.30 -20.89
CA ALA A 195 17.35 22.42 -21.60
C ALA A 195 17.15 22.13 -23.09
N ASP A 196 18.15 22.49 -23.89
CA ASP A 196 18.11 22.35 -25.33
C ASP A 196 19.01 21.21 -25.79
N LEU A 197 18.76 20.75 -27.02
CA LEU A 197 19.52 19.64 -27.57
C LEU A 197 21.00 19.99 -27.72
N TYR A 198 21.30 21.22 -28.17
CA TYR A 198 22.70 21.57 -28.41
C TYR A 198 23.53 21.61 -27.14
N PHE A 199 22.91 21.58 -25.96
CA PHE A 199 23.66 21.36 -24.73
C PHE A 199 24.43 20.04 -24.81
N CYS A 200 23.77 19.00 -25.31
CA CYS A 200 24.38 17.67 -25.37
C CYS A 200 25.52 17.63 -26.37
N PHE A 201 25.40 18.36 -27.48
CA PHE A 201 26.49 18.42 -28.45
C PHE A 201 27.72 19.07 -27.84
N TYR A 202 27.52 20.07 -26.98
CA TYR A 202 28.63 20.63 -26.22
C TYR A 202 29.30 19.56 -25.38
N LYS A 203 28.51 18.75 -24.67
CA LYS A 203 29.07 17.72 -23.82
C LYS A 203 29.81 16.67 -24.64
N LYS A 204 29.22 16.25 -25.76
CA LYS A 204 29.85 15.24 -26.59
C LYS A 204 31.17 15.74 -27.17
N ILE A 205 31.19 16.98 -27.65
CA ILE A 205 32.40 17.55 -28.23
C ILE A 205 33.50 17.64 -27.19
N ILE A 206 33.14 18.10 -25.99
CA ILE A 206 34.12 18.20 -24.90
C ILE A 206 34.64 16.82 -24.53
N ASP A 207 33.75 15.83 -24.50
CA ASP A 207 34.14 14.49 -24.07
C ASP A 207 35.16 13.85 -25.01
N ILE A 208 34.98 14.02 -26.32
CA ILE A 208 35.79 13.31 -27.30
C ILE A 208 36.91 14.19 -27.86
N LEU A 209 37.26 15.26 -27.16
CA LEU A 209 38.36 16.13 -27.58
C LEU A 209 39.66 15.65 -26.94
N LYS A 210 40.69 15.48 -27.77
CA LYS A 210 41.99 15.02 -27.28
C LYS A 210 42.60 16.03 -26.32
N GLN A 211 43.54 15.55 -25.51
CA GLN A 211 44.31 16.45 -24.67
C GLN A 211 45.07 17.44 -25.54
N GLY A 212 45.00 18.72 -25.20
CA GLY A 212 45.60 19.75 -26.02
C GLY A 212 44.82 20.10 -27.26
N GLY A 213 43.61 19.54 -27.43
CA GLY A 213 42.82 19.81 -28.61
C GLY A 213 42.12 21.15 -28.54
N ILE A 214 41.53 21.56 -29.66
CA ILE A 214 40.84 22.84 -29.78
C ILE A 214 39.47 22.59 -30.40
N GLY A 215 38.44 23.13 -29.77
CA GLY A 215 37.09 23.09 -30.31
C GLY A 215 36.56 24.49 -30.56
N SER A 216 35.80 24.63 -31.65
CA SER A 216 35.19 25.92 -31.99
C SER A 216 33.87 25.65 -32.67
N VAL A 217 32.78 26.15 -32.09
CA VAL A 217 31.42 25.92 -32.59
C VAL A 217 30.63 27.22 -32.53
N ILE A 218 29.56 27.27 -33.33
CA ILE A 218 28.59 28.35 -33.27
C ILE A 218 27.26 27.75 -32.82
N THR A 219 26.72 28.29 -31.73
CA THR A 219 25.51 27.79 -31.10
C THR A 219 24.64 29.00 -30.71
N PRO A 220 23.43 28.79 -30.20
CA PRO A 220 22.70 29.94 -29.64
C PRO A 220 23.41 30.50 -28.42
N ARG A 221 23.22 31.80 -28.21
CA ARG A 221 23.86 32.50 -27.10
C ARG A 221 23.13 32.31 -25.77
N TYR A 222 21.91 31.77 -25.79
CA TYR A 222 21.05 31.82 -24.61
C TYR A 222 21.63 31.06 -23.43
N PHE A 223 22.42 30.01 -23.68
CA PHE A 223 22.98 29.24 -22.58
C PHE A 223 23.96 30.06 -21.74
N LEU A 224 24.45 31.19 -22.26
CA LEU A 224 25.37 32.02 -21.50
C LEU A 224 24.71 32.61 -20.26
N GLU A 225 23.40 32.84 -20.30
CA GLU A 225 22.68 33.46 -19.20
C GLU A 225 21.48 32.64 -18.70
N SER A 226 20.96 31.72 -19.50
CA SER A 226 19.70 31.07 -19.17
C SER A 226 19.82 30.19 -17.93
N LEU A 227 18.70 30.03 -17.22
CA LEU A 227 18.66 29.15 -16.07
C LEU A 227 18.87 27.69 -16.47
N SER A 228 18.42 27.30 -17.66
CA SER A 228 18.59 25.93 -18.11
C SER A 228 20.06 25.60 -18.38
N GLY A 229 20.87 26.60 -18.70
CA GLY A 229 22.26 26.42 -19.03
C GLY A 229 23.21 26.32 -17.86
N LYS A 230 22.70 26.33 -16.62
CA LYS A 230 23.58 26.32 -15.46
C LYS A 230 24.45 25.07 -15.43
N ASP A 231 23.85 23.91 -15.65
CA ASP A 231 24.63 22.67 -15.67
C ASP A 231 25.64 22.66 -16.82
N LEU A 232 25.23 23.16 -17.99
CA LEU A 232 26.14 23.23 -19.12
C LEU A 232 27.31 24.16 -18.83
N ARG A 233 27.04 25.32 -18.24
CA ARG A 233 28.12 26.25 -17.92
C ARG A 233 29.10 25.65 -16.92
N GLU A 234 28.58 24.92 -15.92
CA GLU A 234 29.44 24.25 -14.97
C GLU A 234 30.29 23.19 -15.65
N TYR A 235 29.74 22.51 -16.65
CA TYR A 235 30.49 21.48 -17.36
C TYR A 235 31.61 22.09 -18.20
N ILE A 236 31.30 23.16 -18.95
CA ILE A 236 32.30 23.78 -19.80
C ILE A 236 33.43 24.37 -18.97
N LYS A 237 33.06 25.07 -17.89
CA LYS A 237 34.04 25.78 -17.07
C LYS A 237 35.05 24.82 -16.45
N SER A 238 34.60 23.64 -16.02
CA SER A 238 35.42 22.72 -15.27
C SER A 238 36.02 21.60 -16.12
N ASN A 239 35.92 21.69 -17.45
CA ASN A 239 36.46 20.63 -18.30
C ASN A 239 37.38 21.16 -19.38
N VAL A 240 37.15 22.39 -19.85
CA VAL A 240 37.97 22.98 -20.89
C VAL A 240 38.32 24.41 -20.52
N ASN A 241 39.36 24.93 -21.17
CA ASN A 241 39.71 26.33 -21.08
C ASN A 241 39.02 27.09 -22.20
N VAL A 242 38.11 28.00 -21.85
CA VAL A 242 37.39 28.78 -22.84
C VAL A 242 38.31 29.88 -23.34
N GLN A 243 38.81 29.73 -24.58
CA GLN A 243 39.72 30.73 -25.14
C GLN A 243 38.99 32.03 -25.46
N GLU A 244 37.83 31.93 -26.13
CA GLU A 244 37.22 33.11 -26.72
C GLU A 244 35.72 32.92 -26.84
N ILE A 245 34.97 33.99 -26.56
CA ILE A 245 33.53 34.03 -26.75
C ILE A 245 33.23 35.21 -27.68
N VAL A 246 32.56 34.93 -28.79
CA VAL A 246 32.07 35.96 -29.69
C VAL A 246 30.54 36.01 -29.51
N ASP A 247 30.04 37.13 -28.97
CA ASP A 247 28.63 37.30 -28.69
C ASP A 247 28.04 38.30 -29.68
N PHE A 248 27.10 37.84 -30.50
CA PHE A 248 26.45 38.69 -31.50
C PHE A 248 25.21 39.37 -30.96
N LEU A 249 24.84 39.11 -29.71
CA LEU A 249 23.65 39.69 -29.06
C LEU A 249 22.45 39.42 -29.96
N GLY A 250 21.67 40.43 -30.34
CA GLY A 250 20.48 40.23 -31.14
C GLY A 250 20.69 40.27 -32.64
N ALA A 251 21.93 40.30 -33.11
CA ALA A 251 22.18 40.39 -34.53
C ALA A 251 21.64 39.17 -35.27
N ASN A 252 21.11 39.39 -36.46
CA ASN A 252 20.51 38.31 -37.26
C ASN A 252 21.60 37.66 -38.10
N ILE A 253 22.32 36.71 -37.49
CA ILE A 253 23.41 36.03 -38.17
C ILE A 253 22.86 35.11 -39.26
N PHE A 254 21.82 34.35 -38.95
CA PHE A 254 21.21 33.43 -39.91
C PHE A 254 20.00 34.10 -40.53
N LYS A 255 20.03 34.24 -41.86
CA LYS A 255 18.96 34.95 -42.57
C LYS A 255 17.64 34.22 -42.39
N ASN A 256 16.58 34.97 -42.10
CA ASN A 256 15.22 34.44 -41.91
C ASN A 256 15.16 33.39 -40.80
N ILE A 257 16.04 33.49 -39.82
CA ILE A 257 16.04 32.60 -38.66
C ILE A 257 15.96 33.46 -37.41
N GLY A 258 14.97 33.20 -36.57
CA GLY A 258 14.84 33.92 -35.31
C GLY A 258 15.66 33.30 -34.21
N VAL A 259 16.98 33.46 -34.27
CA VAL A 259 17.88 32.94 -33.25
C VAL A 259 19.05 33.90 -33.11
N SER A 260 19.62 33.93 -31.91
CA SER A 260 20.77 34.78 -31.59
C SER A 260 21.96 33.89 -31.31
N SER A 261 23.08 34.17 -31.96
CA SER A 261 24.19 33.23 -32.06
C SER A 261 25.40 33.72 -31.28
N CYS A 262 26.29 32.77 -30.98
CA CYS A 262 27.60 33.06 -30.40
C CYS A 262 28.59 32.01 -30.89
N ILE A 263 29.87 32.36 -30.87
CA ILE A 263 30.95 31.46 -31.27
C ILE A 263 31.80 31.18 -30.04
N LEU A 264 31.92 29.91 -29.68
CA LEU A 264 32.68 29.49 -28.51
C LEU A 264 33.91 28.72 -28.97
N THR A 265 35.08 29.13 -28.47
CA THR A 265 36.33 28.46 -28.77
C THR A 265 37.00 28.05 -27.46
N PHE A 266 37.32 26.77 -27.35
CA PHE A 266 37.85 26.20 -26.12
C PHE A 266 38.95 25.20 -26.45
N ASP A 267 39.79 24.92 -25.47
CA ASP A 267 40.87 23.95 -25.65
C ASP A 267 41.00 23.09 -24.40
N LYS A 268 41.78 22.01 -24.52
CA LYS A 268 42.19 21.18 -23.41
C LYS A 268 43.71 21.23 -23.24
N LYS A 269 44.27 22.43 -23.37
CA LYS A 269 45.70 22.64 -23.26
C LYS A 269 46.08 22.95 -21.82
N LYS A 270 47.25 22.45 -21.40
CA LYS A 270 47.76 22.72 -20.07
C LYS A 270 48.29 24.14 -20.02
N THR A 271 47.53 25.02 -19.36
CA THR A 271 47.92 26.43 -19.25
C THR A 271 47.36 26.99 -17.95
N LYS A 272 48.11 27.89 -17.33
CA LYS A 272 47.71 28.51 -16.08
C LYS A 272 47.11 29.89 -16.27
N GLU A 273 46.87 30.32 -17.52
CA GLU A 273 46.35 31.66 -17.76
C GLU A 273 44.87 31.77 -17.43
N THR A 274 44.04 30.88 -17.99
CA THR A 274 42.61 30.81 -17.68
C THR A 274 41.91 32.15 -17.87
N TYR A 275 42.20 32.83 -18.97
CA TYR A 275 41.58 34.10 -19.30
C TYR A 275 40.86 34.00 -20.64
N ILE A 276 39.65 34.55 -20.69
CA ILE A 276 38.76 34.43 -21.85
C ILE A 276 38.75 35.76 -22.60
N ASP A 277 38.93 35.69 -23.92
CA ASP A 277 38.70 36.85 -24.77
C ASP A 277 37.22 36.93 -25.11
N VAL A 278 36.57 38.04 -24.77
CA VAL A 278 35.16 38.25 -25.06
C VAL A 278 35.05 39.37 -26.07
N PHE A 279 34.46 39.06 -27.23
CA PHE A 279 34.16 40.04 -28.27
C PHE A 279 32.64 40.19 -28.30
N LYS A 280 32.14 41.28 -27.74
CA LYS A 280 30.71 41.54 -27.67
C LYS A 280 30.35 42.65 -28.65
N ILE A 281 29.36 42.39 -29.49
CA ILE A 281 28.97 43.35 -30.53
C ILE A 281 28.37 44.59 -29.88
N LYS A 282 28.54 45.73 -30.55
CA LYS A 282 28.03 47.00 -30.05
C LYS A 282 26.85 47.54 -30.85
N ASN A 283 26.70 47.14 -32.11
CA ASN A 283 25.59 47.59 -32.94
C ASN A 283 24.92 46.35 -33.55
N GLU A 284 23.70 46.07 -33.11
CA GLU A 284 22.99 44.88 -33.60
C GLU A 284 22.50 45.05 -35.03
N ASP A 285 22.42 46.28 -35.54
CA ASP A 285 21.95 46.51 -36.90
C ASP A 285 22.97 46.16 -37.96
N ILE A 286 24.21 45.86 -37.58
CA ILE A 286 25.29 45.74 -38.56
C ILE A 286 25.10 44.48 -39.40
N CYS A 287 25.56 44.54 -40.64
CA CYS A 287 25.60 43.37 -41.52
C CYS A 287 26.95 42.67 -41.36
N ILE A 288 26.94 41.35 -41.58
CA ILE A 288 28.09 40.53 -41.21
C ILE A 288 29.22 40.58 -42.23
N ASN A 289 28.99 41.12 -43.42
CA ASN A 289 29.97 41.08 -44.51
C ASN A 289 30.59 42.44 -44.76
N LYS A 290 30.82 43.21 -43.69
CA LYS A 290 31.45 44.51 -43.83
C LYS A 290 32.87 44.39 -44.37
N PHE A 291 33.63 43.41 -43.88
CA PHE A 291 34.98 43.15 -44.33
C PHE A 291 35.06 41.73 -44.89
N GLU A 292 36.23 41.42 -45.48
CA GLU A 292 36.42 40.10 -46.08
C GLU A 292 36.49 39.00 -45.02
N THR A 293 36.95 39.33 -43.82
CA THR A 293 37.14 38.33 -42.76
C THR A 293 36.44 38.78 -41.50
N LEU A 294 36.05 37.81 -40.67
CA LEU A 294 35.35 38.13 -39.43
C LEU A 294 36.28 38.82 -38.43
N GLU A 295 37.56 38.45 -38.41
CA GLU A 295 38.48 39.02 -37.44
C GLU A 295 38.67 40.52 -37.63
N GLU A 296 38.51 41.00 -38.87
CA GLU A 296 38.52 42.44 -39.10
C GLU A 296 37.34 43.11 -38.40
N LEU A 297 36.17 42.48 -38.46
CA LEU A 297 35.00 43.00 -37.77
C LEU A 297 35.20 43.00 -36.26
N LEU A 298 35.82 41.94 -35.72
CA LEU A 298 36.02 41.85 -34.28
C LEU A 298 37.00 42.92 -33.78
N LYS A 299 38.09 43.16 -34.51
CA LYS A 299 39.05 44.18 -34.12
C LYS A 299 38.54 45.59 -34.33
N SER A 300 37.41 45.76 -35.01
CA SER A 300 36.95 47.06 -35.46
C SER A 300 36.18 47.77 -34.36
N SER A 301 35.59 48.91 -34.72
CA SER A 301 34.77 49.71 -33.81
C SER A 301 33.35 49.22 -33.71
N LYS A 302 33.02 48.11 -34.37
CA LYS A 302 31.69 47.50 -34.24
C LYS A 302 31.60 46.54 -33.05
N PHE A 303 32.74 46.11 -32.52
CA PHE A 303 32.78 45.21 -31.37
C PHE A 303 33.60 45.83 -30.26
N GLU A 304 33.31 45.45 -29.03
CA GLU A 304 34.14 45.75 -27.89
C GLU A 304 34.79 44.47 -27.38
N HIS A 305 36.02 44.58 -26.92
CA HIS A 305 36.77 43.44 -26.41
C HIS A 305 37.12 43.66 -24.95
N PHE A 306 37.04 42.59 -24.17
CA PHE A 306 37.49 42.61 -22.78
C PHE A 306 37.80 41.18 -22.36
N ASN A 307 38.45 41.06 -21.20
CA ASN A 307 38.90 39.78 -20.69
C ASN A 307 38.13 39.40 -19.43
N ILE A 308 37.87 38.10 -19.27
CA ILE A 308 37.19 37.57 -18.10
C ILE A 308 38.01 36.41 -17.56
N ASN A 309 38.28 36.43 -16.24
CA ASN A 309 39.01 35.36 -15.60
C ASN A 309 38.09 34.16 -15.42
N GLN A 310 38.42 33.05 -16.08
CA GLN A 310 37.55 31.87 -16.01
C GLN A 310 37.47 31.31 -14.59
N ARG A 311 38.56 31.40 -13.82
CA ARG A 311 38.54 30.91 -12.44
C ARG A 311 37.57 31.70 -11.57
N LEU A 312 37.23 32.92 -11.94
CA LEU A 312 36.32 33.76 -11.16
C LEU A 312 34.87 33.62 -11.59
N LEU A 313 34.57 32.74 -12.54
CA LEU A 313 33.19 32.53 -12.95
C LEU A 313 32.42 31.78 -11.90
N SER A 314 31.30 32.34 -11.47
CA SER A 314 30.38 31.66 -10.57
C SER A 314 29.49 30.75 -11.42
N ASP A 315 28.39 30.24 -10.84
CA ASP A 315 27.42 29.52 -11.64
C ASP A 315 26.81 30.40 -12.73
N GLU A 316 26.89 31.72 -12.56
CA GLU A 316 26.51 32.67 -13.59
C GLU A 316 27.76 33.23 -14.26
N TRP A 317 27.67 33.48 -15.57
CA TRP A 317 28.77 34.06 -16.34
C TRP A 317 28.42 35.52 -16.61
N ILE A 318 29.03 36.42 -15.84
CA ILE A 318 28.83 37.86 -16.00
C ILE A 318 29.96 38.36 -16.88
N LEU A 319 29.68 38.49 -18.17
CA LEU A 319 30.69 38.87 -19.16
C LEU A 319 30.49 40.35 -19.52
N VAL A 320 31.14 41.22 -18.74
CA VAL A 320 31.02 42.66 -18.93
C VAL A 320 32.41 43.29 -18.79
N ASN A 321 32.53 44.52 -19.26
CA ASN A 321 33.78 45.25 -19.18
C ASN A 321 34.00 45.78 -17.77
N LYS A 322 35.15 46.43 -17.56
CA LYS A 322 35.52 46.87 -16.21
C LYS A 322 34.55 47.91 -15.69
N ASP A 323 34.10 48.83 -16.54
CA ASP A 323 33.15 49.86 -16.10
C ASP A 323 31.85 49.24 -15.62
N ASP A 324 31.32 48.28 -16.38
CA ASP A 324 30.06 47.64 -16.01
C ASP A 324 30.22 46.72 -14.80
N GLU A 325 31.37 46.05 -14.69
CA GLU A 325 31.63 45.22 -13.51
C GLU A 325 31.66 46.07 -12.25
N THR A 326 32.35 47.21 -12.30
CA THR A 326 32.35 48.15 -11.18
C THR A 326 30.94 48.65 -10.90
N PHE A 327 30.19 48.99 -11.97
CA PHE A 327 28.83 49.46 -11.81
C PHE A 327 27.95 48.41 -11.17
N TYR A 328 28.01 47.17 -11.69
CA TYR A 328 27.21 46.08 -11.14
C TYR A 328 27.59 45.77 -9.70
N ASN A 329 28.89 45.73 -9.41
CA ASN A 329 29.33 45.40 -8.05
C ASN A 329 28.91 46.46 -7.04
N LYS A 330 28.93 47.74 -7.43
CA LYS A 330 28.50 48.81 -6.52
C LYS A 330 27.06 48.62 -6.10
N ILE A 331 26.17 48.36 -7.07
CA ILE A 331 24.76 48.20 -6.77
C ILE A 331 24.53 46.96 -5.91
N GLN A 332 25.20 45.85 -6.25
CA GLN A 332 25.01 44.62 -5.49
C GLN A 332 25.45 44.79 -4.04
N GLU A 333 26.56 45.49 -3.81
CA GLU A 333 27.07 45.66 -2.46
C GLU A 333 26.25 46.66 -1.66
N LYS A 334 25.73 47.71 -2.32
CA LYS A 334 25.00 48.75 -1.61
C LYS A 334 23.60 48.32 -1.21
N CYS A 335 22.98 47.44 -2.00
CA CYS A 335 21.60 47.01 -1.74
C CYS A 335 21.57 45.86 -0.75
N LYS A 336 20.76 46.01 0.29
CA LYS A 336 20.61 44.98 1.32
C LYS A 336 19.51 43.97 1.00
N TYR A 337 18.53 44.34 0.18
CA TYR A 337 17.39 43.49 -0.11
C TYR A 337 17.37 43.13 -1.60
N SER A 338 16.72 42.01 -1.90
CA SER A 338 16.38 41.64 -3.26
C SER A 338 14.87 41.60 -3.40
N LEU A 339 14.40 41.61 -4.65
CA LEU A 339 12.95 41.56 -4.87
C LEU A 339 12.36 40.26 -4.32
N GLU A 340 13.09 39.16 -4.44
CA GLU A 340 12.62 37.89 -3.89
C GLU A 340 12.45 37.96 -2.38
N ASP A 341 13.29 38.75 -1.71
CA ASP A 341 13.18 38.88 -0.26
C ASP A 341 11.86 39.52 0.16
N ILE A 342 11.40 40.51 -0.60
CA ILE A 342 10.30 41.36 -0.17
C ILE A 342 8.99 41.08 -0.90
N ALA A 343 9.00 40.32 -1.99
CA ALA A 343 7.83 40.20 -2.85
C ALA A 343 7.46 38.75 -3.09
N ILE A 344 6.26 38.55 -3.62
CA ILE A 344 5.77 37.25 -4.04
C ILE A 344 5.49 37.32 -5.54
N SER A 345 6.18 36.48 -6.30
CA SER A 345 6.10 36.51 -7.76
C SER A 345 5.25 35.36 -8.28
N PHE A 346 4.56 35.60 -9.41
CA PHE A 346 3.79 34.54 -10.03
C PHE A 346 3.58 34.84 -11.51
N GLN A 347 3.53 33.77 -12.31
CA GLN A 347 3.25 33.84 -13.73
C GLN A 347 1.75 34.01 -13.96
N GLY A 348 1.40 34.56 -15.12
CA GLY A 348 0.03 34.84 -15.45
C GLY A 348 -0.77 33.60 -15.81
N ILE A 349 -2.02 33.84 -16.21
CA ILE A 349 -2.94 32.75 -16.57
C ILE A 349 -2.42 32.05 -17.83
N ILE A 350 -2.51 30.73 -17.83
CA ILE A 350 -2.27 29.93 -19.03
C ILE A 350 -3.56 29.18 -19.32
N THR A 351 -4.36 29.70 -20.23
CA THR A 351 -5.66 29.09 -20.53
C THR A 351 -5.48 27.77 -21.26
N GLY A 352 -4.49 27.68 -22.14
CA GLY A 352 -4.33 26.54 -23.03
C GLY A 352 -4.98 26.73 -24.38
N CYS A 353 -5.93 27.65 -24.50
CA CYS A 353 -6.50 28.04 -25.79
C CYS A 353 -7.08 29.43 -25.59
N ASP A 354 -6.33 30.46 -26.00
CA ASP A 354 -6.75 31.83 -25.75
C ASP A 354 -7.99 32.20 -26.54
N LYS A 355 -8.10 31.71 -27.77
CA LYS A 355 -9.24 32.04 -28.61
C LYS A 355 -10.57 31.58 -28.02
N ALA A 356 -10.54 30.58 -27.14
CA ALA A 356 -11.76 30.05 -26.54
C ALA A 356 -12.21 30.81 -25.30
N PHE A 357 -11.30 31.52 -24.62
CA PHE A 357 -11.62 32.17 -23.36
C PHE A 357 -11.46 33.68 -23.37
N ILE A 358 -10.85 34.26 -24.39
CA ILE A 358 -10.59 35.69 -24.46
C ILE A 358 -11.46 36.31 -25.53
N LEU A 359 -12.24 37.33 -25.17
CA LEU A 359 -13.10 38.03 -26.09
C LEU A 359 -12.91 39.53 -25.94
N SER A 360 -13.14 40.26 -27.02
CA SER A 360 -13.14 41.71 -26.96
C SER A 360 -14.25 42.19 -26.02
N LYS A 361 -13.97 43.25 -25.26
CA LYS A 361 -14.96 43.78 -24.33
C LYS A 361 -16.21 44.27 -25.05
N ASP A 362 -16.12 44.56 -26.34
CA ASP A 362 -17.27 44.96 -27.14
C ASP A 362 -17.94 43.79 -27.84
N ASP A 363 -17.44 42.58 -27.67
CA ASP A 363 -18.07 41.42 -28.28
C ASP A 363 -19.46 41.20 -27.69
N VAL A 364 -20.44 40.98 -28.56
CA VAL A 364 -21.83 40.80 -28.10
C VAL A 364 -22.00 39.52 -27.31
N LYS A 365 -21.10 38.54 -27.49
CA LYS A 365 -21.23 37.26 -26.82
C LYS A 365 -21.03 37.36 -25.31
N LEU A 366 -20.45 38.47 -24.83
CA LEU A 366 -20.30 38.66 -23.39
C LEU A 366 -21.64 38.90 -22.70
N ASN A 367 -22.69 39.25 -23.45
CA ASN A 367 -24.01 39.37 -22.86
C ASN A 367 -24.53 38.04 -22.36
N LEU A 368 -23.98 36.92 -22.84
CA LEU A 368 -24.31 35.61 -22.33
C LEU A 368 -23.62 35.29 -21.02
N VAL A 369 -22.51 35.96 -20.72
CA VAL A 369 -21.66 35.61 -19.59
C VAL A 369 -21.95 36.54 -18.44
N ASP A 370 -22.30 35.97 -17.28
CA ASP A 370 -22.52 36.76 -16.08
C ASP A 370 -21.21 37.45 -15.68
N ASP A 371 -21.35 38.68 -15.16
CA ASP A 371 -20.18 39.50 -14.88
C ASP A 371 -19.30 38.90 -13.78
N LYS A 372 -19.83 37.98 -12.98
CA LYS A 372 -18.99 37.30 -11.99
C LYS A 372 -17.92 36.43 -12.65
N PHE A 373 -18.12 36.05 -13.91
CA PHE A 373 -17.17 35.21 -14.63
C PHE A 373 -16.13 36.01 -15.42
N LEU A 374 -16.26 37.33 -15.48
CA LEU A 374 -15.46 38.15 -16.40
C LEU A 374 -14.36 38.87 -15.64
N LYS A 375 -13.15 38.81 -16.17
CA LYS A 375 -11.98 39.48 -15.62
C LYS A 375 -11.34 40.35 -16.70
N CYS A 376 -10.76 41.47 -16.27
CA CYS A 376 -10.03 42.31 -17.20
C CYS A 376 -8.75 41.63 -17.67
N TRP A 377 -8.45 41.76 -18.94
CA TRP A 377 -7.37 41.01 -19.60
C TRP A 377 -6.50 41.98 -20.38
N ILE A 378 -5.18 41.88 -20.17
CA ILE A 378 -4.22 42.76 -20.82
C ILE A 378 -3.11 41.92 -21.44
N LYS A 379 -2.44 42.52 -22.43
CA LYS A 379 -1.29 41.93 -23.08
C LYS A 379 -0.02 42.67 -22.64
N SER A 380 1.13 42.17 -23.09
CA SER A 380 2.40 42.79 -22.69
C SER A 380 2.52 44.21 -23.20
N LYS A 381 1.98 44.50 -24.38
CA LYS A 381 2.07 45.85 -24.95
C LYS A 381 1.26 46.86 -24.14
N ASN A 382 0.33 46.42 -23.30
CA ASN A 382 -0.43 47.32 -22.47
C ASN A 382 0.34 47.81 -21.25
N ILE A 383 1.51 47.24 -20.98
CA ILE A 383 2.33 47.65 -19.85
C ILE A 383 3.27 48.76 -20.30
N ASN A 384 3.12 49.93 -19.70
CA ASN A 384 4.06 51.02 -19.86
C ASN A 384 4.82 51.20 -18.54
N LYS A 385 5.69 52.20 -18.50
CA LYS A 385 6.29 52.58 -17.24
C LYS A 385 5.21 53.18 -16.32
N TYR A 386 5.12 52.64 -15.11
CA TYR A 386 4.32 53.12 -13.98
C TYR A 386 2.81 52.87 -14.04
N ILE A 387 2.25 52.56 -15.20
CA ILE A 387 0.80 52.40 -15.31
C ILE A 387 0.49 51.48 -16.48
N VAL A 388 -0.72 50.93 -16.50
CA VAL A 388 -1.18 49.98 -17.51
C VAL A 388 -2.27 50.62 -18.34
N ASP A 389 -2.25 50.33 -19.64
CA ASP A 389 -3.33 50.79 -20.51
C ASP A 389 -4.66 50.18 -20.09
N LYS A 390 -5.75 50.86 -20.46
CA LYS A 390 -7.07 50.33 -20.18
C LYS A 390 -7.29 49.02 -20.93
N SER A 391 -7.94 48.07 -20.27
CA SER A 391 -8.17 46.75 -20.84
C SER A 391 -9.09 46.85 -22.05
N GLU A 392 -8.78 46.06 -23.07
CA GLU A 392 -9.64 45.92 -24.23
C GLU A 392 -10.15 44.50 -24.39
N TYR A 393 -9.79 43.59 -23.48
CA TYR A 393 -10.17 42.19 -23.57
C TYR A 393 -10.69 41.71 -22.23
N ARG A 394 -11.52 40.67 -22.28
CA ARG A 394 -12.09 40.07 -21.08
C ARG A 394 -11.79 38.58 -21.08
N LEU A 395 -11.51 38.05 -19.90
CA LEU A 395 -11.25 36.64 -19.69
C LEU A 395 -12.45 35.99 -19.02
N ILE A 396 -12.96 34.92 -19.63
CA ILE A 396 -14.01 34.12 -19.01
C ILE A 396 -13.33 33.15 -18.05
N TYR A 397 -13.45 33.41 -16.75
CA TYR A 397 -12.87 32.51 -15.76
C TYR A 397 -13.77 31.29 -15.64
N SER A 398 -13.60 30.38 -16.61
CA SER A 398 -14.53 29.26 -16.76
C SER A 398 -14.44 28.27 -15.61
N ASN A 399 -13.40 28.35 -14.78
CA ASN A 399 -13.28 27.42 -13.64
C ASN A 399 -14.47 27.57 -12.70
N ASP A 400 -14.95 28.79 -12.50
CA ASP A 400 -16.08 29.03 -11.60
C ASP A 400 -17.40 28.52 -12.15
N ILE A 401 -17.47 28.17 -13.43
CA ILE A 401 -18.67 27.53 -13.97
C ILE A 401 -18.82 26.18 -13.29
N ASP A 402 -19.92 26.01 -12.53
CA ASP A 402 -20.08 24.83 -11.69
C ASP A 402 -20.28 23.57 -12.53
N ASN A 403 -21.17 23.63 -13.51
CA ASN A 403 -21.51 22.44 -14.28
C ASN A 403 -22.04 22.86 -15.64
N GLU A 404 -22.13 21.89 -16.55
CA GLU A 404 -22.47 22.18 -17.94
C GLU A 404 -23.95 22.55 -18.09
N ASN A 405 -24.82 21.99 -17.25
CA ASN A 405 -26.26 22.19 -17.44
C ASN A 405 -26.70 23.62 -17.12
N THR A 406 -26.07 24.26 -16.15
CA THR A 406 -26.52 25.58 -15.70
C THR A 406 -26.18 26.69 -16.69
N ASN A 407 -25.03 26.59 -17.37
CA ASN A 407 -24.58 27.65 -18.27
C ASN A 407 -24.34 27.09 -19.67
N LYS A 408 -25.32 26.35 -20.20
CA LYS A 408 -25.15 25.66 -21.48
C LYS A 408 -24.84 26.64 -22.61
N ARG A 409 -25.45 27.82 -22.59
CA ARG A 409 -25.24 28.78 -23.67
C ARG A 409 -23.78 29.22 -23.74
N ILE A 410 -23.16 29.47 -22.60
CA ILE A 410 -21.76 29.87 -22.61
C ILE A 410 -20.88 28.77 -23.18
N LEU A 411 -21.13 27.53 -22.77
CA LEU A 411 -20.31 26.41 -23.27
C LEU A 411 -20.61 26.13 -24.74
N ASP A 412 -21.88 26.11 -25.12
CA ASP A 412 -22.23 25.72 -26.49
C ASP A 412 -21.85 26.80 -27.49
N GLU A 413 -22.03 28.08 -27.14
CA GLU A 413 -21.89 29.17 -28.09
C GLU A 413 -20.54 29.89 -28.03
N ILE A 414 -19.76 29.70 -26.97
CA ILE A 414 -18.48 30.41 -26.86
C ILE A 414 -17.32 29.44 -26.74
N ILE A 415 -17.28 28.69 -25.63
CA ILE A 415 -16.12 27.86 -25.33
C ILE A 415 -16.10 26.61 -26.19
N GLY A 416 -17.27 26.05 -26.49
CA GLY A 416 -17.34 24.80 -27.24
C GLY A 416 -16.94 24.89 -28.68
N LEU A 417 -16.79 26.10 -29.23
CA LEU A 417 -16.31 26.25 -30.59
C LEU A 417 -14.89 25.73 -30.76
N TYR A 418 -14.14 25.58 -29.67
CA TYR A 418 -12.78 25.07 -29.69
C TYR A 418 -12.64 23.82 -28.83
N LYS A 419 -13.72 23.06 -28.70
CA LYS A 419 -13.75 21.94 -27.75
C LYS A 419 -12.72 20.87 -28.11
N THR A 420 -12.57 20.58 -29.41
CA THR A 420 -11.60 19.57 -29.83
C THR A 420 -10.18 19.97 -29.44
N LYS A 421 -9.82 21.23 -29.67
CA LYS A 421 -8.49 21.70 -29.27
C LYS A 421 -8.36 21.75 -27.75
N LEU A 422 -9.44 22.12 -27.06
CA LEU A 422 -9.42 22.14 -25.60
C LEU A 422 -9.19 20.75 -25.02
N GLU A 423 -9.81 19.73 -25.62
CA GLU A 423 -9.67 18.37 -25.13
C GLU A 423 -8.29 17.78 -25.42
N ASN A 424 -7.54 18.38 -26.35
CA ASN A 424 -6.20 17.91 -26.63
C ASN A 424 -5.15 18.44 -25.65
N ARG A 425 -5.53 19.34 -24.76
CA ARG A 425 -4.62 19.79 -23.72
C ARG A 425 -4.28 18.63 -22.79
N ARG A 426 -3.05 18.66 -22.25
CA ARG A 426 -2.54 17.53 -21.49
C ARG A 426 -3.42 17.23 -20.27
N GLU A 427 -3.78 18.27 -19.52
CA GLU A 427 -4.57 18.05 -18.31
C GLU A 427 -5.98 17.59 -18.62
N CYS A 428 -6.50 17.88 -19.82
CA CYS A 428 -7.79 17.34 -20.21
C CYS A 428 -7.71 15.87 -20.59
N LYS A 429 -6.60 15.45 -21.20
CA LYS A 429 -6.43 14.05 -21.56
C LYS A 429 -6.36 13.16 -20.32
N SER A 430 -5.69 13.64 -19.27
CA SER A 430 -5.56 12.87 -18.03
C SER A 430 -6.76 13.04 -17.11
N GLY A 431 -7.73 13.87 -17.46
CA GLY A 431 -8.92 14.05 -16.66
C GLY A 431 -8.79 15.01 -15.50
N ILE A 432 -7.61 15.60 -15.29
CA ILE A 432 -7.45 16.53 -14.18
C ILE A 432 -8.29 17.78 -14.42
N ARG A 433 -8.38 18.22 -15.67
CA ARG A 433 -9.10 19.43 -16.03
C ARG A 433 -10.29 19.08 -16.91
N LYS A 434 -11.44 19.70 -16.62
CA LYS A 434 -12.59 19.58 -17.50
C LYS A 434 -12.31 20.31 -18.81
N TRP A 435 -13.02 19.90 -19.87
CA TRP A 435 -12.70 20.40 -21.21
C TRP A 435 -12.91 21.90 -21.33
N TYR A 436 -13.85 22.46 -20.58
CA TYR A 436 -14.13 23.89 -20.64
C TYR A 436 -13.35 24.70 -19.61
N GLU A 437 -12.54 24.06 -18.77
CA GLU A 437 -11.80 24.74 -17.73
C GLU A 437 -10.49 25.32 -18.26
N LEU A 438 -10.02 26.38 -17.60
CA LEU A 438 -8.70 26.91 -17.89
C LEU A 438 -7.64 25.90 -17.49
N GLN A 439 -6.60 25.77 -18.32
CA GLN A 439 -5.55 24.79 -18.04
C GLN A 439 -4.82 25.12 -16.76
N TRP A 440 -4.39 26.38 -16.61
CA TRP A 440 -3.70 26.85 -15.40
C TRP A 440 -4.37 28.15 -14.97
N GLY A 441 -5.44 28.02 -14.19
CA GLY A 441 -6.21 29.18 -13.74
C GLY A 441 -5.59 29.96 -12.60
N ARG A 442 -4.56 29.41 -11.95
CA ARG A 442 -3.85 30.05 -10.84
C ARG A 442 -4.87 30.33 -9.73
N GLU A 443 -4.61 31.37 -8.93
CA GLU A 443 -5.52 31.83 -7.89
C GLU A 443 -5.99 33.24 -8.23
N LYS A 444 -7.32 33.44 -8.25
CA LYS A 444 -7.85 34.75 -8.56
C LYS A 444 -7.42 35.80 -7.54
N LEU A 445 -7.30 35.40 -6.28
CA LEU A 445 -6.93 36.34 -5.23
C LEU A 445 -5.54 36.93 -5.44
N PHE A 446 -4.66 36.21 -6.13
CA PHE A 446 -3.35 36.76 -6.43
C PHE A 446 -3.44 37.93 -7.40
N PHE A 447 -4.39 37.90 -8.32
CA PHE A 447 -4.54 38.95 -9.33
C PHE A 447 -5.42 40.10 -8.87
N GLU A 448 -6.51 39.80 -8.16
CA GLU A 448 -7.48 40.82 -7.77
C GLU A 448 -6.99 41.55 -6.53
N ARG A 449 -5.90 42.28 -6.71
CA ARG A 449 -5.29 43.07 -5.65
C ARG A 449 -4.34 44.06 -6.30
N LYS A 450 -3.89 45.03 -5.50
CA LYS A 450 -2.86 45.95 -5.97
C LYS A 450 -1.55 45.20 -6.15
N LYS A 451 -0.95 45.34 -7.32
CA LYS A 451 0.25 44.56 -7.65
C LYS A 451 1.02 45.29 -8.74
N ILE A 452 2.22 44.80 -9.00
CA ILE A 452 3.10 45.35 -10.04
C ILE A 452 3.22 44.32 -11.16
N MET A 453 3.07 44.78 -12.40
CA MET A 453 3.14 43.91 -13.57
C MET A 453 4.17 44.45 -14.54
N TYR A 454 4.82 43.53 -15.27
CA TYR A 454 5.84 43.89 -16.25
C TYR A 454 5.79 42.89 -17.40
N PRO A 455 6.10 43.32 -18.62
CA PRO A 455 6.07 42.39 -19.76
C PRO A 455 7.17 41.35 -19.65
N TYR A 456 6.89 40.17 -20.22
CA TYR A 456 7.85 39.07 -20.13
C TYR A 456 9.03 39.24 -21.09
N LYS A 457 8.86 40.03 -22.14
CA LYS A 457 9.93 40.34 -23.10
C LYS A 457 9.80 41.80 -23.49
N SER A 458 10.88 42.56 -23.32
CA SER A 458 10.83 43.99 -23.58
C SER A 458 12.22 44.51 -23.89
N ASN A 459 12.26 45.69 -24.50
CA ASN A 459 13.52 46.38 -24.78
C ASN A 459 14.02 47.20 -23.60
N GLU A 460 13.17 47.45 -22.61
CA GLU A 460 13.54 48.31 -21.49
C GLU A 460 12.69 47.93 -20.28
N ASN A 461 13.12 48.40 -19.12
CA ASN A 461 12.37 48.18 -17.89
C ASN A 461 11.01 48.86 -17.98
N ARG A 462 9.95 48.10 -17.80
CA ARG A 462 8.58 48.61 -17.79
CA ARG A 462 8.58 48.63 -17.79
C ARG A 462 7.84 47.94 -16.64
N PHE A 463 7.90 48.57 -15.46
CA PHE A 463 7.19 48.09 -14.28
C PHE A 463 6.07 49.06 -13.97
N ALA A 464 4.85 48.53 -13.86
CA ALA A 464 3.67 49.36 -13.65
C ALA A 464 2.89 48.89 -12.43
N ILE A 465 2.21 49.83 -11.79
CA ILE A 465 1.29 49.51 -10.72
C ILE A 465 -0.08 49.24 -11.35
N ASP A 466 -0.66 48.08 -11.03
CA ASP A 466 -1.99 47.73 -11.51
C ASP A 466 -3.01 48.07 -10.44
N TYR A 467 -3.95 48.96 -10.78
CA TYR A 467 -5.03 49.32 -9.87
C TYR A 467 -6.35 48.67 -10.24
N ASP A 468 -6.43 47.99 -11.37
CA ASP A 468 -7.70 47.56 -11.96
C ASP A 468 -7.88 46.05 -11.95
N ASN A 469 -7.20 45.33 -11.05
CA ASN A 469 -7.38 43.89 -10.91
C ASN A 469 -7.19 43.16 -12.25
N ASN A 470 -6.17 43.58 -12.99
CA ASN A 470 -5.96 43.05 -14.33
C ASN A 470 -5.44 41.62 -14.28
N PHE A 471 -6.07 40.74 -15.05
CA PHE A 471 -5.53 39.42 -15.35
C PHE A 471 -4.71 39.50 -16.63
N SER A 472 -3.87 38.49 -16.83
CA SER A 472 -3.03 38.46 -18.02
C SER A 472 -2.57 37.03 -18.26
N SER A 473 -2.01 36.81 -19.44
CA SER A 473 -1.40 35.55 -19.79
C SER A 473 0.04 35.52 -19.29
N ALA A 474 0.82 34.54 -19.74
CA ALA A 474 2.21 34.41 -19.32
C ALA A 474 3.13 35.42 -19.97
N ASP A 475 2.63 36.26 -20.87
CA ASP A 475 3.45 37.33 -21.42
C ASP A 475 3.58 38.51 -20.46
N VAL A 476 2.85 38.50 -19.34
CA VAL A 476 2.97 39.51 -18.29
C VAL A 476 3.16 38.79 -16.96
N TYR A 477 4.16 39.21 -16.20
CA TYR A 477 4.42 38.69 -14.87
C TYR A 477 3.98 39.72 -13.83
N SER A 478 3.59 39.22 -12.65
CA SER A 478 3.12 40.05 -11.57
C SER A 478 3.81 39.68 -10.28
N PHE A 479 3.96 40.67 -9.39
CA PHE A 479 4.36 40.42 -8.03
C PHE A 479 3.68 41.43 -7.11
N PHE A 480 3.49 41.04 -5.86
CA PHE A 480 2.98 41.93 -4.83
C PHE A 480 3.92 41.86 -3.62
N ILE A 481 3.90 42.94 -2.83
CA ILE A 481 4.82 43.08 -1.72
C ILE A 481 4.34 42.24 -0.55
N LYS A 482 5.26 41.52 0.09
CA LYS A 482 4.93 40.81 1.31
C LYS A 482 4.45 41.78 2.38
N GLU A 483 3.52 41.31 3.22
CA GLU A 483 2.95 42.16 4.26
C GLU A 483 4.03 42.69 5.20
N GLU A 484 5.02 41.86 5.53
CA GLU A 484 6.05 42.25 6.49
C GLU A 484 7.01 43.30 5.95
N TYR A 485 7.00 43.57 4.64
CA TYR A 485 7.86 44.58 4.05
C TYR A 485 7.09 45.78 3.52
N LEU A 486 5.81 45.89 3.86
CA LEU A 486 5.01 47.02 3.38
C LEU A 486 5.43 48.33 4.04
N ASP A 487 5.88 48.27 5.29
CA ASP A 487 6.30 49.49 5.98
C ASP A 487 7.71 49.92 5.60
N LYS A 488 8.44 49.12 4.82
CA LYS A 488 9.75 49.52 4.30
C LYS A 488 9.70 49.92 2.84
N PHE A 489 8.89 49.25 2.02
CA PHE A 489 8.81 49.53 0.61
C PHE A 489 7.35 49.68 0.20
N SER A 490 7.06 50.74 -0.54
CA SER A 490 5.76 50.93 -1.17
C SER A 490 5.85 50.60 -2.66
N TYR A 491 4.68 50.40 -3.26
CA TYR A 491 4.65 50.14 -4.70
C TYR A 491 5.15 51.32 -5.49
N GLU A 492 4.83 52.54 -5.04
CA GLU A 492 5.25 53.74 -5.74
C GLU A 492 6.77 53.89 -5.74
N TYR A 493 7.41 53.57 -4.61
CA TYR A 493 8.87 53.64 -4.57
C TYR A 493 9.50 52.62 -5.50
N LEU A 494 8.94 51.40 -5.54
CA LEU A 494 9.55 50.33 -6.32
C LEU A 494 9.49 50.63 -7.81
N VAL A 495 8.34 51.05 -8.32
CA VAL A 495 8.24 51.37 -9.74
C VAL A 495 9.16 52.54 -10.10
N GLY A 496 9.39 53.44 -9.15
CA GLY A 496 10.30 54.54 -9.39
C GLY A 496 11.73 54.11 -9.66
N ILE A 497 12.30 53.31 -8.74
CA ILE A 497 13.67 52.88 -8.93
C ILE A 497 13.79 51.82 -10.03
N LEU A 498 12.76 50.97 -10.19
CA LEU A 498 12.85 49.89 -11.17
C LEU A 498 12.77 50.43 -12.60
N ASN A 499 12.02 51.50 -12.83
CA ASN A 499 11.93 52.12 -14.14
C ASN A 499 13.05 53.11 -14.41
N SER A 500 13.92 53.36 -13.43
CA SER A 500 14.98 54.33 -13.61
C SER A 500 16.01 53.84 -14.63
N SER A 501 16.70 54.78 -15.26
CA SER A 501 17.75 54.42 -16.20
C SER A 501 18.85 53.63 -15.51
N VAL A 502 19.08 53.89 -14.22
CA VAL A 502 20.10 53.15 -13.48
C VAL A 502 19.77 51.66 -13.46
N TYR A 503 18.52 51.33 -13.13
CA TYR A 503 18.13 49.93 -13.03
C TYR A 503 17.91 49.29 -14.39
N ASP A 504 17.60 50.07 -15.43
CA ASP A 504 17.54 49.51 -16.77
C ASP A 504 18.91 49.01 -17.22
N LYS A 505 19.95 49.82 -16.99
CA LYS A 505 21.32 49.36 -17.23
C LYS A 505 21.70 48.25 -16.26
N TYR A 506 21.28 48.38 -15.00
CA TYR A 506 21.64 47.40 -13.98
C TYR A 506 21.07 46.02 -14.32
N PHE A 507 19.80 45.96 -14.72
CA PHE A 507 19.19 44.67 -15.01
C PHE A 507 19.76 44.07 -16.28
N LYS A 508 20.01 44.89 -17.30
CA LYS A 508 20.48 44.40 -18.59
C LYS A 508 21.90 43.87 -18.54
N ILE A 509 22.65 44.11 -17.45
CA ILE A 509 24.00 43.58 -17.34
C ILE A 509 23.98 42.05 -17.34
N THR A 510 23.06 41.46 -16.58
CA THR A 510 22.96 40.00 -16.47
C THR A 510 21.70 39.44 -17.11
N ALA A 511 20.90 40.27 -17.79
CA ALA A 511 19.66 39.80 -18.36
C ALA A 511 19.91 38.87 -19.56
N LYS A 512 18.91 38.06 -19.86
CA LYS A 512 18.99 37.07 -20.94
C LYS A 512 18.59 37.74 -22.24
N LYS A 513 19.56 37.93 -23.14
CA LYS A 513 19.30 38.61 -24.41
C LYS A 513 18.68 37.63 -25.39
N MET A 514 17.48 37.95 -25.89
CA MET A 514 16.70 37.03 -26.71
C MET A 514 16.83 37.32 -28.21
N SER A 515 16.47 38.52 -28.64
CA SER A 515 16.59 38.92 -30.03
C SER A 515 16.86 40.42 -30.07
N LYS A 516 16.90 40.96 -31.29
CA LYS A 516 17.22 42.37 -31.49
C LYS A 516 16.31 43.26 -30.64
N ASN A 517 16.92 43.97 -29.69
CA ASN A 517 16.21 44.87 -28.78
C ASN A 517 15.16 44.15 -27.93
N ILE A 518 15.42 42.92 -27.52
CA ILE A 518 14.51 42.19 -26.65
C ILE A 518 15.32 41.47 -25.58
N TYR A 519 14.94 41.68 -24.32
CA TYR A 519 15.47 40.92 -23.19
C TYR A 519 14.34 40.12 -22.55
N ASP A 520 14.71 39.04 -21.87
CA ASP A 520 13.74 38.28 -21.09
C ASP A 520 13.56 38.95 -19.73
N TYR A 521 12.34 39.39 -19.43
CA TYR A 521 11.99 39.84 -18.10
C TYR A 521 11.19 38.73 -17.43
N TYR A 522 11.92 37.75 -16.89
CA TYR A 522 11.37 36.58 -16.24
C TYR A 522 11.74 36.58 -14.76
N PRO A 523 10.91 35.97 -13.91
CA PRO A 523 11.20 36.00 -12.46
C PRO A 523 12.54 35.37 -12.09
N ASN A 524 13.07 34.43 -12.89
CA ASN A 524 14.34 33.80 -12.54
C ASN A 524 15.50 34.79 -12.54
N LYS A 525 15.31 35.96 -13.16
CA LYS A 525 16.27 37.05 -13.06
C LYS A 525 15.68 38.34 -12.51
N VAL A 526 14.39 38.61 -12.77
CA VAL A 526 13.78 39.84 -12.26
C VAL A 526 13.75 39.84 -10.73
N MET A 527 13.44 38.68 -10.14
CA MET A 527 13.39 38.58 -8.68
C MET A 527 14.77 38.60 -8.03
N LYS A 528 15.84 38.50 -8.80
CA LYS A 528 17.18 38.64 -8.26
C LYS A 528 17.64 40.09 -8.20
N ILE A 529 16.82 41.02 -8.69
CA ILE A 529 17.20 42.43 -8.66
C ILE A 529 17.30 42.90 -7.22
N ARG A 530 18.43 43.49 -6.86
CA ARG A 530 18.65 44.00 -5.52
C ARG A 530 18.17 45.44 -5.43
N ILE A 531 17.58 45.79 -4.29
CA ILE A 531 17.01 47.11 -4.05
C ILE A 531 17.53 47.65 -2.73
N PHE A 532 17.44 48.96 -2.56
CA PHE A 532 18.02 49.66 -1.42
C PHE A 532 16.97 50.52 -0.73
N ARG A 533 17.32 50.97 0.47
CA ARG A 533 16.49 51.89 1.24
C ARG A 533 17.41 52.83 1.99
N ASP A 534 17.28 54.13 1.72
CA ASP A 534 18.22 55.08 2.32
C ASP A 534 17.55 56.46 2.37
N ASN A 535 18.38 57.50 2.59
CA ASN A 535 17.87 58.84 2.86
C ASN A 535 17.09 59.43 1.69
N ASN A 536 17.24 58.89 0.49
CA ASN A 536 16.54 59.41 -0.68
C ASN A 536 15.19 58.73 -0.92
N TYR A 537 14.77 57.86 -0.01
CA TYR A 537 13.54 57.08 -0.24
C TYR A 537 12.34 58.00 -0.46
N GLU A 538 12.17 59.01 0.40
CA GLU A 538 10.96 59.81 0.38
C GLU A 538 10.84 60.60 -0.92
N GLU A 539 11.92 61.23 -1.37
CA GLU A 539 11.85 62.06 -2.58
C GLU A 539 11.71 61.20 -3.83
N ILE A 540 12.36 60.04 -3.85
CA ILE A 540 12.19 59.11 -4.97
C ILE A 540 10.74 58.66 -5.06
N GLU A 541 10.14 58.33 -3.92
CA GLU A 541 8.73 57.94 -3.89
C GLU A 541 7.83 59.09 -4.33
N ASN A 542 8.12 60.31 -3.85
CA ASN A 542 7.31 61.46 -4.19
C ASN A 542 7.37 61.77 -5.68
N LEU A 543 8.57 61.70 -6.27
CA LEU A 543 8.69 61.91 -7.71
C LEU A 543 7.91 60.84 -8.49
N SER A 544 7.94 59.60 -7.99
CA SER A 544 7.16 58.54 -8.64
C SER A 544 5.67 58.85 -8.59
N LYS A 545 5.18 59.35 -7.46
CA LYS A 545 3.76 59.69 -7.36
C LYS A 545 3.39 60.81 -8.33
N GLN A 546 4.27 61.80 -8.49
CA GLN A 546 4.01 62.86 -9.46
C GLN A 546 3.92 62.31 -10.87
N ILE A 547 4.83 61.41 -11.23
CA ILE A 547 4.80 60.81 -12.57
C ILE A 547 3.50 60.03 -12.76
N ILE A 548 3.10 59.25 -11.75
CA ILE A 548 1.84 58.51 -11.83
C ILE A 548 0.67 59.46 -11.98
N SER A 549 0.69 60.56 -11.23
CA SER A 549 -0.41 61.52 -11.28
C SER A 549 -0.53 62.15 -12.67
N ILE A 550 0.61 62.50 -13.28
CA ILE A 550 0.58 63.08 -14.62
C ILE A 550 0.15 62.05 -15.65
N LEU A 551 0.69 60.82 -15.53
CA LEU A 551 0.41 59.79 -16.53
C LEU A 551 -1.05 59.38 -16.55
N LEU A 552 -1.80 59.67 -15.48
CA LEU A 552 -3.22 59.33 -15.41
C LEU A 552 -4.11 60.51 -15.80
N ASN A 553 -3.54 61.62 -16.24
CA ASN A 553 -4.33 62.79 -16.62
C ASN A 553 -4.95 62.63 -18.00
N LYS A 554 -5.95 63.47 -18.27
CA LYS A 554 -6.56 63.51 -19.60
C LYS A 554 -5.65 64.21 -20.61
N SER A 555 -5.06 65.34 -20.22
CA SER A 555 -4.11 66.07 -21.05
C SER A 555 -2.73 65.83 -20.43
N ILE A 556 -2.04 64.81 -20.93
CA ILE A 556 -0.77 64.38 -20.33
C ILE A 556 0.34 65.30 -20.83
N ASP A 557 1.02 65.96 -19.89
CA ASP A 557 2.22 66.74 -20.20
C ASP A 557 3.41 65.80 -20.03
N LYS A 558 3.60 64.93 -21.04
CA LYS A 558 4.63 63.92 -20.96
C LYS A 558 6.02 64.52 -20.84
N GLY A 559 6.21 65.77 -21.25
CA GLY A 559 7.52 66.40 -21.13
C GLY A 559 7.97 66.52 -19.69
N LYS A 560 7.07 66.95 -18.80
CA LYS A 560 7.43 67.09 -17.39
C LYS A 560 7.72 65.73 -16.75
N VAL A 561 7.08 64.66 -17.26
CA VAL A 561 7.38 63.32 -16.77
C VAL A 561 8.85 62.98 -17.02
N GLU A 562 9.36 63.33 -18.21
CA GLU A 562 10.77 63.10 -18.51
C GLU A 562 11.67 63.88 -17.57
N LYS A 563 11.31 65.13 -17.29
CA LYS A 563 12.12 65.95 -16.38
C LYS A 563 12.14 65.35 -14.98
N LEU A 564 10.99 64.87 -14.48
CA LEU A 564 10.95 64.25 -13.18
C LEU A 564 11.75 62.96 -13.15
N GLN A 565 11.73 62.20 -14.25
CA GLN A 565 12.51 60.98 -14.33
C GLN A 565 14.01 61.27 -14.24
N ILE A 566 14.45 62.35 -14.90
CA ILE A 566 15.86 62.73 -14.85
C ILE A 566 16.27 63.08 -13.42
N LYS A 567 15.42 63.81 -12.71
CA LYS A 567 15.71 64.14 -11.32
C LYS A 567 15.74 62.90 -10.44
N MET A 568 14.82 61.96 -10.68
CA MET A 568 14.83 60.72 -9.91
C MET A 568 16.09 59.91 -10.18
N ASP A 569 16.52 59.85 -11.45
CA ASP A 569 17.74 59.12 -11.78
C ASP A 569 18.94 59.71 -11.06
N ASN A 570 18.99 61.04 -10.93
CA ASN A 570 20.07 61.67 -10.18
C ASN A 570 20.04 61.26 -8.71
N LEU A 571 18.85 61.21 -8.12
CA LEU A 571 18.74 60.77 -6.72
C LEU A 571 19.25 59.34 -6.55
N ILE A 572 18.85 58.45 -7.47
CA ILE A 572 19.25 57.05 -7.36
C ILE A 572 20.75 56.90 -7.57
N MET A 573 21.32 57.62 -8.55
CA MET A 573 22.78 57.57 -8.73
C MET A 573 23.51 58.12 -7.52
N ASP A 574 22.95 59.16 -6.90
CA ASP A 574 23.51 59.66 -5.64
C ASP A 574 23.44 58.60 -4.55
N SER A 575 22.32 57.88 -4.47
CA SER A 575 22.16 56.86 -3.43
C SER A 575 23.16 55.74 -3.61
N LEU A 576 23.39 55.31 -4.85
CA LEU A 576 24.28 54.19 -5.13
C LEU A 576 25.73 54.63 -5.35
N GLY A 577 26.00 55.93 -5.35
CA GLY A 577 27.36 56.42 -5.51
C GLY A 577 28.02 56.02 -6.82
N ILE A 578 27.41 56.41 -7.93
CA ILE A 578 27.93 56.05 -9.24
C ILE A 578 28.05 57.29 -10.12
N ILE B 30 -15.95 -14.23 7.37
CA ILE B 30 -15.69 -12.98 8.08
C ILE B 30 -16.67 -11.90 7.62
N TYR B 31 -16.83 -11.79 6.30
CA TYR B 31 -17.73 -10.81 5.70
C TYR B 31 -19.15 -11.35 5.54
N TYR B 32 -19.51 -12.37 6.31
CA TYR B 32 -20.83 -12.96 6.23
CA TYR B 32 -20.84 -12.95 6.20
C TYR B 32 -21.89 -12.00 6.79
N THR B 33 -22.94 -11.76 6.01
CA THR B 33 -23.99 -10.85 6.43
C THR B 33 -24.83 -11.48 7.54
N PRO B 34 -25.23 -10.70 8.54
CA PRO B 34 -26.14 -11.23 9.56
C PRO B 34 -27.44 -11.71 8.94
N LYS B 35 -27.97 -12.81 9.49
CA LYS B 35 -29.16 -13.42 8.89
C LYS B 35 -30.36 -12.50 8.95
N ILE B 36 -30.49 -11.73 10.03
CA ILE B 36 -31.63 -10.83 10.16
C ILE B 36 -31.60 -9.74 9.08
N ILE B 37 -30.40 -9.32 8.67
CA ILE B 37 -30.29 -8.38 7.56
C ILE B 37 -30.71 -9.05 6.26
N VAL B 38 -30.25 -10.28 6.03
CA VAL B 38 -30.57 -10.99 4.80
C VAL B 38 -32.08 -11.21 4.68
N ASP B 39 -32.72 -11.63 5.78
CA ASP B 39 -34.17 -11.82 5.75
C ASP B 39 -34.90 -10.52 5.47
N TYR B 40 -34.45 -9.43 6.07
CA TYR B 40 -35.09 -8.14 5.85
C TYR B 40 -34.95 -7.68 4.40
N ILE B 41 -33.75 -7.83 3.83
CA ILE B 41 -33.52 -7.37 2.47
C ILE B 41 -34.33 -8.18 1.47
N VAL B 42 -34.35 -9.52 1.63
CA VAL B 42 -35.12 -10.36 0.72
C VAL B 42 -36.60 -10.04 0.82
N LYS B 43 -37.10 -9.86 2.05
CA LYS B 43 -38.50 -9.52 2.22
C LYS B 43 -38.81 -8.16 1.60
N LYS B 44 -37.90 -7.19 1.75
CA LYS B 44 -38.15 -5.85 1.23
C LYS B 44 -38.38 -5.84 -0.27
N THR B 45 -37.79 -6.78 -1.00
CA THR B 45 -37.94 -6.81 -2.45
C THR B 45 -39.11 -7.69 -2.90
N LEU B 46 -39.32 -8.82 -2.23
CA LEU B 46 -40.23 -9.86 -2.74
C LEU B 46 -41.60 -9.88 -2.06
N LYS B 47 -41.80 -9.13 -0.97
CA LYS B 47 -42.97 -9.38 -0.13
C LYS B 47 -44.28 -9.07 -0.84
N ASN B 48 -44.28 -8.13 -1.79
CA ASN B 48 -45.50 -7.72 -2.47
C ASN B 48 -45.53 -8.15 -3.92
N HIS B 49 -44.79 -9.20 -4.28
CA HIS B 49 -44.77 -9.68 -5.65
C HIS B 49 -46.06 -10.42 -5.97
N ASP B 50 -46.62 -10.12 -7.15
CA ASP B 50 -47.82 -10.80 -7.65
C ASP B 50 -47.36 -12.01 -8.44
N ILE B 51 -47.30 -13.17 -7.76
CA ILE B 51 -46.81 -14.37 -8.42
C ILE B 51 -47.80 -14.86 -9.47
N ILE B 52 -49.08 -14.52 -9.31
CA ILE B 52 -50.07 -14.91 -10.32
C ILE B 52 -49.86 -14.11 -11.59
N LYS B 53 -49.67 -12.79 -11.45
CA LYS B 53 -49.50 -11.94 -12.62
C LYS B 53 -48.18 -12.22 -13.32
N ASN B 54 -47.10 -12.41 -12.55
CA ASN B 54 -45.77 -12.68 -13.10
C ASN B 54 -45.17 -13.87 -12.35
N PRO B 55 -45.35 -15.08 -12.86
CA PRO B 55 -44.71 -16.26 -12.27
C PRO B 55 -43.27 -16.48 -12.68
N TYR B 56 -42.63 -15.52 -13.35
CA TYR B 56 -41.23 -15.62 -13.76
C TYR B 56 -40.46 -14.37 -13.30
N PRO B 57 -40.33 -14.16 -11.99
CA PRO B 57 -39.53 -13.02 -11.51
C PRO B 57 -38.05 -13.40 -11.46
N ARG B 58 -37.21 -12.55 -12.06
CA ARG B 58 -35.77 -12.76 -12.06
C ARG B 58 -35.16 -12.04 -10.86
N ILE B 59 -34.53 -12.81 -9.98
CA ILE B 59 -33.87 -12.28 -8.79
C ILE B 59 -32.38 -12.55 -8.93
N LEU B 60 -31.57 -11.50 -8.83
CA LEU B 60 -30.14 -11.58 -9.12
C LEU B 60 -29.32 -11.08 -7.94
N ASP B 61 -28.23 -11.77 -7.66
CA ASP B 61 -27.19 -11.31 -6.75
C ASP B 61 -25.86 -11.35 -7.49
N ILE B 62 -25.24 -10.19 -7.68
CA ILE B 62 -24.01 -10.13 -8.46
C ILE B 62 -22.76 -10.31 -7.61
N SER B 63 -22.90 -10.48 -6.30
CA SER B 63 -21.80 -10.86 -5.42
C SER B 63 -22.31 -11.93 -4.45
N CYS B 64 -22.97 -12.95 -5.00
CA CYS B 64 -23.72 -13.90 -4.18
C CYS B 64 -22.82 -14.70 -3.24
N GLY B 65 -21.58 -14.99 -3.66
CA GLY B 65 -20.70 -15.79 -2.82
C GLY B 65 -21.26 -17.18 -2.59
N CYS B 66 -21.27 -17.61 -1.33
CA CYS B 66 -21.84 -18.91 -1.00
C CYS B 66 -23.34 -18.97 -1.20
N GLY B 67 -24.01 -17.82 -1.24
CA GLY B 67 -25.44 -17.79 -1.46
C GLY B 67 -26.23 -17.40 -0.23
N ASN B 68 -25.69 -16.47 0.57
CA ASN B 68 -26.38 -16.02 1.78
C ASN B 68 -27.76 -15.49 1.45
N PHE B 69 -27.85 -14.64 0.42
CA PHE B 69 -29.14 -14.07 0.03
C PHE B 69 -29.95 -15.01 -0.83
N LEU B 70 -29.31 -15.65 -1.83
CA LEU B 70 -30.06 -16.43 -2.81
C LEU B 70 -30.71 -17.67 -2.21
N LEU B 71 -30.08 -18.27 -1.20
CA LEU B 71 -30.72 -19.39 -0.52
C LEU B 71 -31.99 -18.95 0.20
N GLU B 72 -31.96 -17.77 0.81
CA GLU B 72 -33.18 -17.20 1.39
C GLU B 72 -34.18 -16.84 0.30
N VAL B 73 -33.70 -16.37 -0.85
CA VAL B 73 -34.58 -16.07 -1.98
C VAL B 73 -35.33 -17.34 -2.41
N TYR B 74 -34.64 -18.48 -2.43
CA TYR B 74 -35.27 -19.73 -2.81
C TYR B 74 -36.44 -20.06 -1.87
N ASP B 75 -36.19 -19.99 -0.56
CA ASP B 75 -37.22 -20.34 0.41
C ASP B 75 -38.44 -19.43 0.29
N ILE B 76 -38.20 -18.13 0.12
CA ILE B 76 -39.32 -17.19 -0.04
C ILE B 76 -40.07 -17.47 -1.34
N LEU B 77 -39.33 -17.72 -2.42
CA LEU B 77 -39.96 -18.05 -3.69
C LEU B 77 -40.73 -19.37 -3.61
N TYR B 78 -40.16 -20.39 -2.95
CA TYR B 78 -40.83 -21.68 -2.88
C TYR B 78 -42.17 -21.59 -2.17
N ASP B 79 -42.21 -20.86 -1.05
CA ASP B 79 -43.48 -20.66 -0.36
C ASP B 79 -44.44 -19.85 -1.23
N LEU B 80 -43.93 -18.87 -1.96
CA LEU B 80 -44.78 -18.04 -2.79
C LEU B 80 -45.43 -18.86 -3.91
N PHE B 81 -44.66 -19.73 -4.55
CA PHE B 81 -45.24 -20.60 -5.57
C PHE B 81 -46.19 -21.62 -4.97
N GLU B 82 -45.81 -22.23 -3.85
CA GLU B 82 -46.64 -23.26 -3.23
C GLU B 82 -47.98 -22.68 -2.76
N GLU B 83 -47.95 -21.46 -2.22
CA GLU B 83 -49.17 -20.84 -1.71
C GLU B 83 -50.19 -20.61 -2.81
N ASN B 84 -49.75 -20.43 -4.05
CA ASN B 84 -50.63 -20.08 -5.16
C ASN B 84 -50.57 -21.09 -6.29
N ILE B 85 -50.15 -22.32 -6.01
CA ILE B 85 -49.86 -23.28 -7.08
C ILE B 85 -51.12 -23.62 -7.87
N TYR B 86 -52.27 -23.73 -7.19
CA TYR B 86 -53.49 -24.12 -7.89
C TYR B 86 -54.01 -22.99 -8.76
N GLU B 87 -53.89 -21.75 -8.31
CA GLU B 87 -54.29 -20.62 -9.16
C GLU B 87 -53.39 -20.51 -10.38
N LEU B 88 -52.09 -20.76 -10.20
CA LEU B 88 -51.17 -20.78 -11.34
C LEU B 88 -51.52 -21.89 -12.32
N LYS B 89 -51.85 -23.09 -11.78
CA LYS B 89 -52.24 -24.20 -12.63
C LYS B 89 -53.51 -23.89 -13.42
N LYS B 90 -54.44 -23.18 -12.81
CA LYS B 90 -55.68 -22.85 -13.49
C LYS B 90 -55.48 -21.80 -14.57
N LYS B 91 -54.66 -20.78 -14.29
CA LYS B 91 -54.45 -19.68 -15.24
C LYS B 91 -53.51 -20.07 -16.37
N TYR B 92 -52.53 -20.92 -16.10
CA TYR B 92 -51.49 -21.29 -17.06
C TYR B 92 -51.57 -22.78 -17.35
N ASP B 93 -50.54 -23.30 -18.02
CA ASP B 93 -50.48 -24.72 -18.38
C ASP B 93 -50.67 -25.59 -17.13
N GLU B 94 -51.76 -26.35 -17.11
CA GLU B 94 -52.13 -27.10 -15.92
C GLU B 94 -51.13 -28.22 -15.62
N ASN B 95 -50.54 -28.82 -16.66
CA ASN B 95 -49.58 -29.90 -16.43
C ASN B 95 -48.25 -29.37 -15.89
N TYR B 96 -47.88 -28.14 -16.25
CA TYR B 96 -46.60 -27.59 -15.82
C TYR B 96 -46.60 -27.24 -14.34
N TRP B 97 -47.67 -26.63 -13.86
CA TRP B 97 -47.69 -26.04 -12.51
C TRP B 97 -48.13 -27.08 -11.49
N THR B 98 -47.14 -27.82 -10.96
CA THR B 98 -47.33 -28.74 -9.86
C THR B 98 -46.31 -28.41 -8.78
N VAL B 99 -46.58 -28.91 -7.56
CA VAL B 99 -45.64 -28.69 -6.46
C VAL B 99 -44.30 -29.35 -6.76
N ASP B 100 -44.33 -30.53 -7.37
CA ASP B 100 -43.10 -31.22 -7.75
C ASP B 100 -42.24 -30.41 -8.72
N ASN B 101 -42.83 -29.50 -9.48
CA ASN B 101 -42.10 -28.74 -10.49
C ASN B 101 -41.62 -27.38 -10.00
N ILE B 102 -41.99 -26.96 -8.78
CA ILE B 102 -41.59 -25.64 -8.29
C ILE B 102 -40.07 -25.53 -8.21
N HIS B 103 -39.43 -26.57 -7.67
CA HIS B 103 -37.97 -26.55 -7.52
C HIS B 103 -37.26 -26.33 -8.85
N ARG B 104 -37.66 -27.08 -9.87
CA ARG B 104 -37.03 -26.92 -11.18
C ARG B 104 -37.36 -25.55 -11.79
N HIS B 105 -38.59 -25.08 -11.60
CA HIS B 105 -38.97 -23.78 -12.14
C HIS B 105 -38.18 -22.64 -11.51
N ILE B 106 -37.95 -22.73 -10.19
CA ILE B 106 -37.20 -21.68 -9.50
C ILE B 106 -35.77 -21.61 -10.04
N LEU B 107 -35.14 -22.77 -10.19
CA LEU B 107 -33.74 -22.79 -10.60
C LEU B 107 -33.56 -22.44 -12.07
N ASN B 108 -34.54 -22.80 -12.91
CA ASN B 108 -34.40 -22.54 -14.34
C ASN B 108 -34.54 -21.06 -14.66
N TYR B 109 -35.55 -20.41 -14.10
CA TYR B 109 -35.97 -19.10 -14.58
C TYR B 109 -35.85 -17.96 -13.57
N CYS B 110 -35.75 -18.25 -12.27
CA CYS B 110 -35.95 -17.22 -11.26
C CYS B 110 -34.68 -16.77 -10.55
N ILE B 111 -33.78 -17.68 -10.22
CA ILE B 111 -32.61 -17.36 -9.39
C ILE B 111 -31.39 -17.21 -10.28
N TYR B 112 -30.72 -16.07 -10.17
CA TYR B 112 -29.50 -15.77 -10.91
C TYR B 112 -28.43 -15.30 -9.93
N GLY B 113 -27.21 -15.80 -10.10
CA GLY B 113 -26.12 -15.43 -9.22
C GLY B 113 -24.82 -15.26 -9.97
N ALA B 114 -23.93 -14.44 -9.40
CA ALA B 114 -22.64 -14.18 -10.01
C ALA B 114 -21.62 -13.88 -8.92
N ASP B 115 -20.39 -14.32 -9.15
CA ASP B 115 -19.28 -14.12 -8.22
C ASP B 115 -17.99 -14.58 -8.91
N ILE B 116 -16.87 -13.97 -8.50
CA ILE B 116 -15.57 -14.36 -9.04
C ILE B 116 -14.96 -15.56 -8.34
N ASP B 117 -15.54 -16.01 -7.23
CA ASP B 117 -15.00 -17.12 -6.45
C ASP B 117 -15.63 -18.41 -6.99
N GLU B 118 -14.85 -19.18 -7.74
CA GLU B 118 -15.38 -20.40 -8.34
C GLU B 118 -15.74 -21.43 -7.27
N LYS B 119 -14.98 -21.47 -6.17
CA LYS B 119 -15.32 -22.36 -5.08
C LYS B 119 -16.68 -22.01 -4.49
N ALA B 120 -16.94 -20.72 -4.30
CA ALA B 120 -18.23 -20.28 -3.76
C ALA B 120 -19.38 -20.61 -4.70
N ILE B 121 -19.18 -20.39 -6.00
CA ILE B 121 -20.22 -20.71 -6.99
C ILE B 121 -20.51 -22.20 -6.98
N SER B 122 -19.45 -23.02 -6.88
CA SER B 122 -19.65 -24.47 -6.80
C SER B 122 -20.43 -24.85 -5.56
N ILE B 123 -20.11 -24.24 -4.41
CA ILE B 123 -20.82 -24.55 -3.18
C ILE B 123 -22.29 -24.13 -3.27
N LEU B 124 -22.55 -22.94 -3.82
CA LEU B 124 -23.93 -22.49 -3.99
C LEU B 124 -24.70 -23.40 -4.94
N LYS B 125 -24.02 -23.93 -5.95
CA LYS B 125 -24.67 -24.85 -6.88
C LYS B 125 -25.15 -26.11 -6.15
N ASP B 126 -24.32 -26.64 -5.25
CA ASP B 126 -24.72 -27.79 -4.45
C ASP B 126 -25.86 -27.45 -3.49
N SER B 127 -25.79 -26.28 -2.86
CA SER B 127 -26.84 -25.89 -1.90
C SER B 127 -28.18 -25.75 -2.60
N LEU B 128 -28.20 -25.14 -3.78
CA LEU B 128 -29.45 -25.01 -4.53
C LEU B 128 -29.95 -26.36 -5.00
N THR B 129 -29.03 -27.26 -5.38
CA THR B 129 -29.43 -28.59 -5.82
C THR B 129 -29.99 -29.42 -4.67
N ASN B 130 -29.49 -29.22 -3.46
CA ASN B 130 -29.93 -29.98 -2.30
C ASN B 130 -31.21 -29.43 -1.68
N LYS B 131 -31.83 -28.43 -2.30
CA LYS B 131 -33.11 -27.93 -1.82
C LYS B 131 -34.26 -28.88 -2.13
N LYS B 132 -34.06 -29.81 -3.06
CA LYS B 132 -35.05 -30.83 -3.39
C LYS B 132 -34.72 -32.10 -2.63
N VAL B 133 -35.72 -32.63 -1.90
CA VAL B 133 -35.48 -33.78 -1.03
C VAL B 133 -35.07 -35.00 -1.85
N VAL B 134 -35.79 -35.26 -2.93
CA VAL B 134 -35.57 -36.47 -3.73
C VAL B 134 -34.31 -36.30 -4.58
N ASN B 135 -33.49 -37.35 -4.61
CA ASN B 135 -32.30 -37.39 -5.45
C ASN B 135 -32.59 -38.23 -6.70
N ASP B 136 -32.13 -37.74 -7.84
CA ASP B 136 -32.37 -38.37 -9.14
C ASP B 136 -33.87 -38.47 -9.42
N LEU B 137 -34.53 -37.31 -9.40
CA LEU B 137 -35.96 -37.25 -9.72
C LEU B 137 -36.19 -37.22 -11.22
N ASP B 138 -35.35 -36.48 -11.96
CA ASP B 138 -35.41 -36.46 -13.42
C ASP B 138 -34.02 -36.59 -14.06
N GLU B 139 -33.12 -37.37 -13.44
CA GLU B 139 -31.81 -37.70 -14.01
C GLU B 139 -30.93 -36.47 -14.20
N SER B 140 -30.85 -35.64 -13.16
CA SER B 140 -29.88 -34.55 -13.05
C SER B 140 -29.81 -33.71 -14.32
N ASP B 141 -30.95 -33.08 -14.64
CA ASP B 141 -31.07 -32.24 -15.83
C ASP B 141 -31.59 -30.86 -15.45
N ILE B 142 -30.98 -30.26 -14.43
CA ILE B 142 -31.42 -28.98 -13.89
C ILE B 142 -30.42 -27.91 -14.33
N LYS B 143 -30.89 -26.95 -15.13
CA LYS B 143 -30.08 -25.79 -15.48
C LYS B 143 -30.14 -24.78 -14.35
N ILE B 144 -28.97 -24.24 -13.98
CA ILE B 144 -28.85 -23.30 -12.89
C ILE B 144 -28.12 -22.06 -13.40
N ASN B 145 -28.67 -20.89 -13.09
CA ASN B 145 -28.15 -19.64 -13.64
C ASN B 145 -27.15 -19.01 -12.67
N LEU B 146 -26.02 -19.68 -12.52
CA LEU B 146 -24.89 -19.17 -11.75
C LEU B 146 -23.71 -18.93 -12.66
N PHE B 147 -23.06 -17.78 -12.51
CA PHE B 147 -21.95 -17.38 -13.37
C PHE B 147 -20.73 -17.08 -12.52
N CYS B 148 -19.59 -17.64 -12.90
CA CYS B 148 -18.31 -17.34 -12.26
C CYS B 148 -17.59 -16.33 -13.17
N CYS B 149 -17.72 -15.05 -12.84
CA CYS B 149 -17.22 -13.99 -13.71
C CYS B 149 -17.13 -12.69 -12.93
N ASP B 150 -16.58 -11.67 -13.57
CA ASP B 150 -16.57 -10.32 -13.04
C ASP B 150 -17.92 -9.68 -13.34
N SER B 151 -18.70 -9.41 -12.28
CA SER B 151 -20.04 -8.85 -12.48
C SER B 151 -19.99 -7.47 -13.13
N LEU B 152 -18.96 -6.69 -12.84
CA LEU B 152 -18.85 -5.35 -13.44
C LEU B 152 -18.48 -5.41 -14.91
N LYS B 153 -18.01 -6.55 -15.41
CA LYS B 153 -17.65 -6.70 -16.82
C LYS B 153 -18.67 -7.50 -17.62
N LYS B 154 -19.49 -8.31 -16.97
CA LYS B 154 -20.39 -9.20 -17.70
C LYS B 154 -21.46 -8.41 -18.44
N LYS B 155 -21.70 -8.78 -19.70
CA LYS B 155 -22.75 -8.20 -20.50
C LYS B 155 -24.01 -9.05 -20.33
N TRP B 156 -25.05 -8.47 -19.75
CA TRP B 156 -26.30 -9.18 -19.51
C TRP B 156 -27.24 -8.99 -20.69
N ARG B 157 -27.83 -10.09 -21.16
CA ARG B 157 -28.75 -10.03 -22.30
C ARG B 157 -30.09 -9.41 -21.93
N TYR B 158 -30.40 -9.31 -20.63
CA TYR B 158 -31.68 -8.77 -20.21
C TYR B 158 -31.56 -8.24 -18.79
N LYS B 159 -32.52 -7.42 -18.40
CA LYS B 159 -32.55 -6.82 -17.08
C LYS B 159 -33.28 -7.75 -16.10
N PHE B 160 -33.22 -7.40 -14.81
CA PHE B 160 -33.66 -8.27 -13.73
C PHE B 160 -34.73 -7.61 -12.88
N ASP B 161 -35.71 -8.41 -12.45
CA ASP B 161 -36.84 -7.88 -11.69
C ASP B 161 -36.42 -7.45 -10.29
N TYR B 162 -35.55 -8.21 -9.64
CA TYR B 162 -35.13 -7.88 -8.28
C TYR B 162 -33.64 -8.18 -8.13
N ILE B 163 -32.95 -7.31 -7.38
CA ILE B 163 -31.51 -7.45 -7.14
C ILE B 163 -31.26 -7.26 -5.65
N VAL B 164 -30.57 -8.23 -5.04
CA VAL B 164 -30.23 -8.18 -3.62
C VAL B 164 -28.75 -8.56 -3.48
N GLY B 165 -28.22 -8.35 -2.28
CA GLY B 165 -26.91 -8.86 -1.94
C GLY B 165 -26.10 -7.86 -1.15
N ASN B 166 -24.81 -8.19 -1.00
CA ASN B 166 -23.86 -7.36 -0.24
C ASN B 166 -22.57 -7.31 -1.04
N PRO B 167 -22.30 -6.21 -1.74
CA PRO B 167 -21.15 -6.15 -2.64
C PRO B 167 -19.85 -6.04 -1.87
N PRO B 168 -18.71 -6.26 -2.53
CA PRO B 168 -17.42 -6.04 -1.86
C PRO B 168 -17.17 -4.56 -1.62
N TYR B 169 -16.44 -4.28 -0.54
CA TYR B 169 -15.98 -2.93 -0.24
C TYR B 169 -14.45 -2.92 -0.33
N ILE B 170 -13.91 -2.17 -1.30
CA ILE B 170 -12.47 -2.04 -1.46
C ILE B 170 -12.15 -0.59 -1.78
N GLY B 171 -11.31 0.03 -0.96
CA GLY B 171 -10.93 1.41 -1.14
C GLY B 171 -9.80 1.59 -2.14
N HIS B 172 -9.33 2.83 -2.24
CA HIS B 172 -8.31 3.14 -3.25
C HIS B 172 -6.97 2.51 -2.89
N LYS B 173 -6.71 2.28 -1.61
CA LYS B 173 -5.44 1.68 -1.20
C LYS B 173 -5.37 0.21 -1.59
N LYS B 174 -6.41 -0.55 -1.29
CA LYS B 174 -6.37 -2.01 -1.38
C LYS B 174 -6.80 -2.54 -2.74
N LEU B 175 -7.25 -1.68 -3.64
CA LEU B 175 -7.64 -2.10 -4.98
C LEU B 175 -6.42 -2.06 -5.90
N GLU B 176 -6.27 -3.10 -6.71
CA GLU B 176 -5.12 -3.18 -7.61
C GLU B 176 -5.18 -2.07 -8.66
N LYS B 177 -4.01 -1.54 -9.01
CA LYS B 177 -3.95 -0.41 -9.94
C LYS B 177 -4.49 -0.79 -11.30
N LYS B 178 -4.15 -2.00 -11.78
CA LYS B 178 -4.58 -2.42 -13.11
C LYS B 178 -6.09 -2.49 -13.22
N TYR B 179 -6.76 -2.90 -12.14
CA TYR B 179 -8.22 -2.92 -12.15
C TYR B 179 -8.80 -1.51 -12.09
N LYS B 180 -8.15 -0.61 -11.38
CA LYS B 180 -8.65 0.76 -11.26
C LYS B 180 -8.66 1.47 -12.61
N LYS B 181 -7.75 1.10 -13.51
CA LYS B 181 -7.78 1.68 -14.85
C LYS B 181 -9.07 1.34 -15.57
N PHE B 182 -9.54 0.09 -15.42
CA PHE B 182 -10.81 -0.30 -16.00
C PHE B 182 -11.98 0.47 -15.37
N LEU B 183 -11.98 0.56 -14.04
CA LEU B 183 -13.08 1.27 -13.36
C LEU B 183 -13.10 2.74 -13.72
N LEU B 184 -11.92 3.38 -13.79
CA LEU B 184 -11.88 4.79 -14.13
C LEU B 184 -12.32 5.04 -15.57
N GLU B 185 -12.12 4.07 -16.45
CA GLU B 185 -12.52 4.24 -17.85
C GLU B 185 -14.00 3.92 -18.06
N LYS B 186 -14.49 2.84 -17.44
CA LYS B 186 -15.82 2.35 -17.72
C LYS B 186 -16.87 2.79 -16.71
N TYR B 187 -16.47 3.21 -15.51
CA TYR B 187 -17.41 3.59 -14.46
C TYR B 187 -17.17 5.03 -13.99
N SER B 188 -16.79 5.91 -14.92
CA SER B 188 -16.44 7.29 -14.53
C SER B 188 -17.63 8.07 -13.99
N GLU B 189 -18.86 7.62 -14.27
CA GLU B 189 -20.02 8.32 -13.74
C GLU B 189 -20.09 8.27 -12.22
N VAL B 190 -19.48 7.27 -11.59
CA VAL B 190 -19.55 7.14 -10.13
C VAL B 190 -18.17 6.90 -9.52
N TYR B 191 -17.18 6.53 -10.33
CA TYR B 191 -15.88 6.14 -9.81
C TYR B 191 -14.80 7.10 -10.31
N LYS B 192 -14.28 7.91 -9.39
CA LYS B 192 -13.14 8.77 -9.63
C LYS B 192 -12.36 8.94 -8.33
N ASP B 193 -11.07 9.26 -8.46
CA ASP B 193 -10.22 9.61 -7.32
C ASP B 193 -10.25 8.53 -6.24
N LYS B 194 -10.69 8.90 -5.04
CA LYS B 194 -10.66 8.01 -3.88
C LYS B 194 -11.97 7.24 -3.71
N ALA B 195 -12.71 7.01 -4.79
CA ALA B 195 -13.97 6.30 -4.70
C ALA B 195 -13.73 4.82 -4.39
N ASP B 196 -14.80 4.16 -3.94
CA ASP B 196 -14.72 2.76 -3.52
C ASP B 196 -15.33 1.85 -4.59
N LEU B 197 -14.97 0.57 -4.50
CA LEU B 197 -15.43 -0.41 -5.49
C LEU B 197 -16.95 -0.56 -5.46
N TYR B 198 -17.54 -0.52 -4.26
CA TYR B 198 -18.99 -0.74 -4.16
C TYR B 198 -19.78 0.39 -4.82
N PHE B 199 -19.14 1.52 -5.12
CA PHE B 199 -19.80 2.52 -5.96
C PHE B 199 -20.20 1.92 -7.30
N CYS B 200 -19.29 1.15 -7.91
CA CYS B 200 -19.54 0.57 -9.21
C CYS B 200 -20.63 -0.51 -9.16
N PHE B 201 -20.70 -1.25 -8.05
CA PHE B 201 -21.78 -2.22 -7.91
C PHE B 201 -23.13 -1.53 -7.82
N TYR B 202 -23.19 -0.35 -7.18
CA TYR B 202 -24.41 0.43 -7.19
C TYR B 202 -24.83 0.78 -8.62
N LYS B 203 -23.87 1.24 -9.43
CA LYS B 203 -24.20 1.62 -10.81
C LYS B 203 -24.64 0.41 -11.63
N LYS B 204 -23.92 -0.71 -11.50
CA LYS B 204 -24.27 -1.89 -12.27
C LYS B 204 -25.65 -2.41 -11.87
N ILE B 205 -25.95 -2.42 -10.57
CA ILE B 205 -27.25 -2.88 -10.10
C ILE B 205 -28.37 -2.01 -10.68
N ILE B 206 -28.17 -0.69 -10.64
CA ILE B 206 -29.17 0.22 -11.20
C ILE B 206 -29.33 0.00 -12.70
N ASP B 207 -28.19 -0.18 -13.40
CA ASP B 207 -28.23 -0.22 -14.86
C ASP B 207 -28.99 -1.45 -15.37
N ILE B 208 -28.86 -2.58 -14.68
CA ILE B 208 -29.51 -3.81 -15.10
C ILE B 208 -30.80 -4.09 -14.34
N LEU B 209 -31.33 -3.10 -13.62
CA LEU B 209 -32.61 -3.27 -12.94
C LEU B 209 -33.75 -3.08 -13.93
N LYS B 210 -34.63 -4.07 -14.01
CA LYS B 210 -35.76 -4.02 -14.92
C LYS B 210 -36.70 -2.89 -14.54
N GLN B 211 -37.43 -2.39 -15.53
CA GLN B 211 -38.39 -1.31 -15.27
C GLN B 211 -39.47 -1.82 -14.31
N GLY B 212 -39.69 -1.06 -13.24
CA GLY B 212 -40.61 -1.47 -12.19
C GLY B 212 -40.02 -2.39 -11.16
N GLY B 213 -38.75 -2.77 -11.28
CA GLY B 213 -38.13 -3.68 -10.35
C GLY B 213 -37.70 -3.00 -9.06
N ILE B 214 -37.26 -3.83 -8.10
CA ILE B 214 -36.85 -3.36 -6.79
C ILE B 214 -35.46 -3.90 -6.49
N GLY B 215 -34.57 -3.04 -6.01
CA GLY B 215 -33.26 -3.44 -5.55
C GLY B 215 -33.06 -3.07 -4.10
N SER B 216 -32.33 -3.92 -3.37
CA SER B 216 -32.04 -3.67 -1.96
C SER B 216 -30.68 -4.28 -1.62
N VAL B 217 -29.79 -3.46 -1.06
CA VAL B 217 -28.42 -3.87 -0.77
C VAL B 217 -27.99 -3.29 0.57
N ILE B 218 -26.94 -3.88 1.14
CA ILE B 218 -26.27 -3.35 2.32
C ILE B 218 -24.84 -3.01 1.94
N THR B 219 -24.45 -1.75 2.14
CA THR B 219 -23.14 -1.24 1.76
C THR B 219 -22.60 -0.37 2.90
N PRO B 220 -21.37 0.13 2.81
CA PRO B 220 -20.95 1.14 3.79
C PRO B 220 -21.83 2.38 3.71
N ARG B 221 -21.94 3.07 4.84
CA ARG B 221 -22.76 4.27 4.93
C ARG B 221 -22.02 5.54 4.49
N TYR B 222 -20.73 5.44 4.18
CA TYR B 222 -19.92 6.63 3.97
C TYR B 222 -20.26 7.37 2.69
N PHE B 223 -20.85 6.70 1.70
CA PHE B 223 -21.19 7.38 0.45
C PHE B 223 -22.32 8.39 0.64
N LEU B 224 -23.08 8.28 1.73
CA LEU B 224 -24.15 9.23 2.01
C LEU B 224 -23.61 10.63 2.31
N GLU B 225 -22.36 10.73 2.77
CA GLU B 225 -21.80 12.00 3.22
C GLU B 225 -20.43 12.32 2.64
N SER B 226 -19.68 11.35 2.16
CA SER B 226 -18.29 11.59 1.75
C SER B 226 -18.22 12.42 0.48
N LEU B 227 -17.08 13.10 0.32
CA LEU B 227 -16.83 13.85 -0.92
C LEU B 227 -16.75 12.90 -2.11
N SER B 228 -16.16 11.72 -1.90
CA SER B 228 -15.99 10.78 -3.00
C SER B 228 -17.32 10.30 -3.57
N GLY B 229 -18.36 10.26 -2.73
CA GLY B 229 -19.65 9.75 -3.14
C GLY B 229 -20.57 10.75 -3.82
N LYS B 230 -20.04 11.93 -4.17
CA LYS B 230 -20.88 12.96 -4.78
C LYS B 230 -21.49 12.48 -6.10
N ASP B 231 -20.68 11.91 -6.99
CA ASP B 231 -21.19 11.42 -8.25
C ASP B 231 -22.15 10.25 -8.04
N LEU B 232 -21.84 9.36 -7.10
CA LEU B 232 -22.71 8.22 -6.84
C LEU B 232 -24.08 8.67 -6.35
N ARG B 233 -24.11 9.68 -5.46
CA ARG B 233 -25.40 10.18 -4.97
C ARG B 233 -26.23 10.76 -6.11
N GLU B 234 -25.59 11.52 -7.01
CA GLU B 234 -26.30 12.07 -8.15
C GLU B 234 -26.85 10.97 -9.05
N TYR B 235 -26.06 9.91 -9.26
CA TYR B 235 -26.50 8.80 -10.11
C TYR B 235 -27.70 8.09 -9.51
N ILE B 236 -27.66 7.83 -8.20
CA ILE B 236 -28.78 7.16 -7.54
C ILE B 236 -30.02 8.03 -7.57
N LYS B 237 -29.88 9.30 -7.20
CA LYS B 237 -31.02 10.20 -7.09
C LYS B 237 -31.71 10.40 -8.44
N SER B 238 -30.95 10.39 -9.54
CA SER B 238 -31.49 10.71 -10.85
C SER B 238 -31.92 9.50 -11.66
N ASN B 239 -31.71 8.28 -11.16
CA ASN B 239 -32.03 7.09 -11.92
C ASN B 239 -32.98 6.13 -11.21
N VAL B 240 -33.07 6.16 -9.88
CA VAL B 240 -33.99 5.29 -9.15
C VAL B 240 -34.74 6.13 -8.13
N ASN B 241 -35.87 5.59 -7.67
CA ASN B 241 -36.64 6.17 -6.57
C ASN B 241 -36.21 5.45 -5.30
N VAL B 242 -35.54 6.18 -4.41
CA VAL B 242 -35.07 5.58 -3.15
C VAL B 242 -36.28 5.39 -2.23
N GLN B 243 -36.58 4.14 -1.90
CA GLN B 243 -37.69 3.85 -1.01
C GLN B 243 -37.30 4.07 0.45
N GLU B 244 -36.16 3.55 0.85
CA GLU B 244 -35.82 3.47 2.28
C GLU B 244 -34.31 3.50 2.45
N ILE B 245 -33.86 4.18 3.49
CA ILE B 245 -32.47 4.19 3.91
C ILE B 245 -32.43 3.85 5.39
N VAL B 246 -31.81 2.72 5.73
CA VAL B 246 -31.61 2.33 7.11
C VAL B 246 -30.15 2.62 7.46
N ASP B 247 -29.93 3.69 8.22
CA ASP B 247 -28.59 4.10 8.61
C ASP B 247 -28.32 3.58 10.01
N PHE B 248 -27.31 2.71 10.13
CA PHE B 248 -26.89 2.18 11.42
C PHE B 248 -25.85 3.07 12.11
N LEU B 249 -25.53 4.22 11.51
CA LEU B 249 -24.53 5.15 12.04
C LEU B 249 -23.25 4.38 12.34
N GLY B 250 -22.63 4.55 13.49
CA GLY B 250 -21.36 3.91 13.78
C GLY B 250 -21.48 2.56 14.45
N ALA B 251 -22.68 1.96 14.40
CA ALA B 251 -22.89 0.67 15.03
C ALA B 251 -22.11 -0.42 14.31
N ASN B 252 -21.82 -1.50 15.04
CA ASN B 252 -21.05 -2.62 14.52
C ASN B 252 -22.02 -3.71 14.08
N ILE B 253 -22.17 -3.88 12.77
CA ILE B 253 -23.11 -4.86 12.22
C ILE B 253 -22.36 -6.13 11.84
N PHE B 254 -21.11 -5.99 11.42
CA PHE B 254 -20.24 -7.10 11.07
C PHE B 254 -19.20 -7.26 12.18
N LYS B 255 -19.29 -8.37 12.91
CA LYS B 255 -18.38 -8.61 14.02
C LYS B 255 -16.94 -8.71 13.53
N ASN B 256 -16.04 -8.07 14.27
CA ASN B 256 -14.61 -8.02 13.96
C ASN B 256 -14.31 -7.28 12.66
N ILE B 257 -15.25 -6.49 12.15
CA ILE B 257 -15.06 -5.72 10.93
C ILE B 257 -15.23 -4.25 11.26
N GLY B 258 -14.23 -3.45 10.92
CA GLY B 258 -14.27 -2.03 11.21
C GLY B 258 -14.94 -1.23 10.13
N VAL B 259 -16.24 -1.44 9.92
CA VAL B 259 -17.01 -0.70 8.92
C VAL B 259 -18.34 -0.30 9.53
N SER B 260 -18.92 0.76 8.99
CA SER B 260 -20.24 1.21 9.37
C SER B 260 -21.16 1.04 8.17
N SER B 261 -22.35 0.47 8.40
CA SER B 261 -23.17 -0.05 7.32
C SER B 261 -24.49 0.72 7.21
N CYS B 262 -25.11 0.61 6.03
CA CYS B 262 -26.43 1.14 5.76
C CYS B 262 -27.13 0.22 4.77
N ILE B 263 -28.46 0.28 4.75
CA ILE B 263 -29.29 -0.51 3.85
C ILE B 263 -30.08 0.46 2.97
N LEU B 264 -29.95 0.30 1.65
CA LEU B 264 -30.68 1.11 0.69
C LEU B 264 -31.66 0.22 -0.07
N THR B 265 -32.92 0.63 -0.12
CA THR B 265 -33.93 -0.01 -0.96
C THR B 265 -34.43 1.01 -1.96
N PHE B 266 -34.39 0.64 -3.24
CA PHE B 266 -34.78 1.52 -4.32
C PHE B 266 -35.57 0.73 -5.35
N ASP B 267 -36.29 1.45 -6.20
CA ASP B 267 -37.07 0.82 -7.26
C ASP B 267 -37.02 1.68 -8.51
N LYS B 268 -37.58 1.16 -9.59
CA LYS B 268 -37.79 1.88 -10.84
C LYS B 268 -39.27 1.93 -11.19
N LYS B 269 -40.11 2.13 -10.18
CA LYS B 269 -41.55 2.22 -10.40
C LYS B 269 -41.95 3.64 -10.80
N LYS B 270 -43.12 3.74 -11.44
CA LYS B 270 -43.67 5.05 -11.80
C LYS B 270 -44.27 5.66 -10.54
N THR B 271 -43.43 6.33 -9.76
CA THR B 271 -43.85 6.94 -8.51
C THR B 271 -44.19 8.41 -8.72
N LYS B 272 -45.03 8.93 -7.83
CA LYS B 272 -45.51 10.30 -7.98
C LYS B 272 -44.68 11.29 -7.17
N GLU B 273 -44.62 11.10 -5.85
CA GLU B 273 -43.99 12.04 -4.95
C GLU B 273 -42.61 11.60 -4.46
N THR B 274 -42.34 10.29 -4.49
CA THR B 274 -41.07 9.67 -4.10
C THR B 274 -40.45 10.27 -2.83
N TYR B 275 -41.15 10.12 -1.71
CA TYR B 275 -40.59 10.45 -0.40
C TYR B 275 -39.79 9.27 0.13
N ILE B 276 -38.62 9.55 0.69
CA ILE B 276 -37.74 8.53 1.23
C ILE B 276 -38.10 8.25 2.69
N ASP B 277 -38.13 6.98 3.06
CA ASP B 277 -38.25 6.58 4.45
C ASP B 277 -36.84 6.42 5.04
N VAL B 278 -36.52 7.24 6.04
CA VAL B 278 -35.19 7.25 6.64
C VAL B 278 -35.32 6.74 8.07
N PHE B 279 -34.68 5.61 8.34
CA PHE B 279 -34.60 5.04 9.68
C PHE B 279 -33.18 5.24 10.18
N LYS B 280 -33.02 6.15 11.14
CA LYS B 280 -31.71 6.46 11.72
C LYS B 280 -31.65 5.89 13.13
N ILE B 281 -30.58 5.16 13.43
CA ILE B 281 -30.43 4.54 14.74
C ILE B 281 -30.18 5.63 15.78
N LYS B 282 -30.77 5.45 16.96
CA LYS B 282 -30.61 6.44 18.03
C LYS B 282 -29.39 6.18 18.89
N ASN B 283 -29.14 4.92 19.26
CA ASN B 283 -28.01 4.54 20.08
C ASN B 283 -27.16 3.54 19.30
N GLU B 284 -25.87 3.85 19.14
CA GLU B 284 -24.96 3.01 18.36
C GLU B 284 -24.54 1.75 19.11
N ASP B 285 -24.87 1.63 20.39
CA ASP B 285 -24.45 0.50 21.21
C ASP B 285 -25.44 -0.65 21.20
N ILE B 286 -26.57 -0.52 20.50
CA ILE B 286 -27.62 -1.52 20.61
C ILE B 286 -27.20 -2.80 19.90
N CYS B 287 -27.79 -3.92 20.33
CA CYS B 287 -27.60 -5.21 19.68
C CYS B 287 -28.67 -5.43 18.63
N ILE B 288 -28.26 -5.92 17.46
CA ILE B 288 -29.16 -6.07 16.32
C ILE B 288 -30.11 -7.24 16.46
N ASN B 289 -29.85 -8.17 17.38
CA ASN B 289 -30.72 -9.32 17.62
C ASN B 289 -31.74 -9.05 18.73
N LYS B 290 -32.10 -7.78 18.96
CA LYS B 290 -33.04 -7.47 20.03
C LYS B 290 -34.40 -8.10 19.80
N PHE B 291 -34.81 -8.23 18.55
CA PHE B 291 -36.05 -8.88 18.16
C PHE B 291 -35.75 -10.03 17.20
N GLU B 292 -36.79 -10.79 16.86
CA GLU B 292 -36.64 -11.85 15.88
C GLU B 292 -36.39 -11.29 14.49
N THR B 293 -37.01 -10.16 14.16
CA THR B 293 -36.93 -9.56 12.85
C THR B 293 -36.43 -8.12 12.95
N LEU B 294 -35.82 -7.64 11.86
CA LEU B 294 -35.29 -6.29 11.86
C LEU B 294 -36.39 -5.24 11.80
N GLU B 295 -37.57 -5.61 11.28
CA GLU B 295 -38.67 -4.65 11.20
C GLU B 295 -39.09 -4.18 12.57
N GLU B 296 -39.12 -5.09 13.55
CA GLU B 296 -39.47 -4.72 14.91
C GLU B 296 -38.44 -3.76 15.49
N LEU B 297 -37.16 -3.98 15.19
CA LEU B 297 -36.13 -3.06 15.64
C LEU B 297 -36.31 -1.67 15.03
N LEU B 298 -36.65 -1.61 13.74
CA LEU B 298 -36.85 -0.32 13.09
C LEU B 298 -38.05 0.41 13.66
N LYS B 299 -39.16 -0.30 13.88
CA LYS B 299 -40.37 0.32 14.42
C LYS B 299 -40.26 0.69 15.89
N SER B 300 -39.19 0.23 16.56
CA SER B 300 -39.07 0.42 18.00
C SER B 300 -38.52 1.80 18.32
N SER B 301 -38.34 2.07 19.62
CA SER B 301 -37.76 3.32 20.07
C SER B 301 -36.26 3.40 19.81
N LYS B 302 -35.63 2.30 19.41
CA LYS B 302 -34.21 2.33 19.11
C LYS B 302 -33.89 3.07 17.82
N PHE B 303 -34.88 3.29 16.96
CA PHE B 303 -34.69 3.93 15.66
C PHE B 303 -35.62 5.12 15.53
N GLU B 304 -35.08 6.22 15.00
CA GLU B 304 -35.88 7.37 14.63
C GLU B 304 -36.29 7.26 13.17
N HIS B 305 -37.49 7.71 12.85
CA HIS B 305 -38.00 7.68 11.49
C HIS B 305 -38.43 9.08 11.06
N PHE B 306 -38.11 9.42 9.82
CA PHE B 306 -38.58 10.66 9.20
C PHE B 306 -38.49 10.51 7.70
N ASN B 307 -39.15 11.42 6.98
CA ASN B 307 -39.21 11.38 5.53
C ASN B 307 -38.35 12.48 4.92
N ILE B 308 -37.82 12.20 3.73
CA ILE B 308 -37.05 13.17 2.95
C ILE B 308 -37.60 13.16 1.53
N ASN B 309 -37.89 14.34 0.99
CA ASN B 309 -38.32 14.45 -0.39
C ASN B 309 -37.10 14.28 -1.29
N GLN B 310 -37.11 13.24 -2.12
CA GLN B 310 -35.97 12.97 -2.99
C GLN B 310 -35.79 14.08 -4.02
N ARG B 311 -36.89 14.68 -4.49
CA ARG B 311 -36.78 15.75 -5.47
C ARG B 311 -36.09 16.98 -4.89
N LEU B 312 -36.20 17.19 -3.58
CA LEU B 312 -35.59 18.33 -2.91
C LEU B 312 -34.15 18.07 -2.50
N LEU B 313 -33.54 16.99 -2.97
CA LEU B 313 -32.16 16.68 -2.61
C LEU B 313 -31.18 17.46 -3.49
N SER B 314 -30.15 18.00 -2.86
CA SER B 314 -29.08 18.70 -3.55
C SER B 314 -27.97 17.71 -3.86
N ASP B 315 -26.79 18.23 -4.24
CA ASP B 315 -25.63 17.36 -4.42
C ASP B 315 -25.27 16.65 -3.13
N GLU B 316 -25.57 17.25 -1.98
CA GLU B 316 -25.43 16.61 -0.68
C GLU B 316 -26.77 16.08 -0.21
N TRP B 317 -26.73 14.98 0.54
CA TRP B 317 -27.93 14.38 1.12
C TRP B 317 -27.92 14.68 2.61
N ILE B 318 -28.62 15.75 3.01
CA ILE B 318 -28.77 16.09 4.42
C ILE B 318 -30.01 15.35 4.91
N LEU B 319 -29.81 14.09 5.31
CA LEU B 319 -30.89 13.25 5.79
C LEU B 319 -31.00 13.43 7.29
N VAL B 320 -31.93 14.29 7.72
CA VAL B 320 -32.03 14.70 9.12
C VAL B 320 -33.44 15.22 9.35
N ASN B 321 -33.87 15.22 10.61
CA ASN B 321 -35.24 15.57 10.93
C ASN B 321 -35.49 17.07 10.74
N LYS B 322 -36.76 17.45 10.86
CA LYS B 322 -37.16 18.82 10.57
C LYS B 322 -36.52 19.81 11.54
N ASP B 323 -36.41 19.43 12.82
CA ASP B 323 -35.80 20.32 13.81
C ASP B 323 -34.36 20.66 13.44
N ASP B 324 -33.58 19.65 13.06
CA ASP B 324 -32.19 19.90 12.71
C ASP B 324 -32.06 20.67 11.41
N GLU B 325 -32.96 20.42 10.45
CA GLU B 325 -32.93 21.15 9.19
C GLU B 325 -33.14 22.64 9.41
N THR B 326 -34.11 23.00 10.26
CA THR B 326 -34.31 24.40 10.61
C THR B 326 -33.12 24.94 11.39
N PHE B 327 -32.58 24.13 12.31
CA PHE B 327 -31.40 24.52 13.06
C PHE B 327 -30.21 24.78 12.14
N TYR B 328 -29.94 23.84 11.24
CA TYR B 328 -28.83 24.00 10.30
C TYR B 328 -29.05 25.19 9.37
N ASN B 329 -30.28 25.37 8.88
CA ASN B 329 -30.56 26.47 7.96
C ASN B 329 -30.37 27.82 8.63
N LYS B 330 -30.80 27.96 9.88
CA LYS B 330 -30.64 29.23 10.59
C LYS B 330 -29.17 29.61 10.71
N ILE B 331 -28.32 28.65 11.07
CA ILE B 331 -26.89 28.92 11.22
C ILE B 331 -26.27 29.26 9.87
N GLN B 332 -26.64 28.53 8.81
CA GLN B 332 -26.07 28.77 7.49
C GLN B 332 -26.39 30.19 7.00
N GLU B 333 -27.63 30.64 7.22
CA GLU B 333 -28.03 31.94 6.70
C GLU B 333 -27.38 33.08 7.48
N LYS B 334 -27.33 32.98 8.81
CA LYS B 334 -26.81 34.06 9.63
C LYS B 334 -25.32 34.29 9.40
N CYS B 335 -24.57 33.24 9.09
CA CYS B 335 -23.13 33.31 8.94
C CYS B 335 -22.78 33.80 7.53
N LYS B 336 -22.05 34.90 7.45
CA LYS B 336 -21.66 35.49 6.17
C LYS B 336 -20.32 35.00 5.66
N TYR B 337 -19.55 34.29 6.48
CA TYR B 337 -18.23 33.80 6.10
C TYR B 337 -18.15 32.29 6.28
N SER B 338 -17.25 31.66 5.54
CA SER B 338 -16.83 30.30 5.77
C SER B 338 -15.37 30.28 6.19
N LEU B 339 -14.96 29.20 6.85
CA LEU B 339 -13.56 29.07 7.25
C LEU B 339 -12.64 29.13 6.04
N GLU B 340 -13.06 28.53 4.92
CA GLU B 340 -12.27 28.58 3.69
C GLU B 340 -12.03 30.01 3.23
N ASP B 341 -13.01 30.90 3.44
CA ASP B 341 -12.85 32.29 3.02
C ASP B 341 -11.70 32.97 3.75
N ILE B 342 -11.54 32.69 5.04
CA ILE B 342 -10.65 33.45 5.91
C ILE B 342 -9.39 32.72 6.29
N ALA B 343 -9.26 31.43 5.99
CA ALA B 343 -8.18 30.62 6.53
C ALA B 343 -7.44 29.88 5.42
N ILE B 344 -6.20 29.51 5.74
CA ILE B 344 -5.38 28.66 4.88
C ILE B 344 -5.25 27.31 5.58
N SER B 345 -5.76 26.26 4.93
CA SER B 345 -5.79 24.93 5.52
C SER B 345 -4.70 24.05 4.89
N PHE B 346 -4.19 23.12 5.69
CA PHE B 346 -3.19 22.18 5.18
C PHE B 346 -3.13 20.94 6.07
N GLN B 347 -2.87 19.81 5.43
CA GLN B 347 -2.65 18.54 6.11
C GLN B 347 -1.24 18.48 6.69
N GLY B 348 -1.05 17.58 7.65
CA GLY B 348 0.21 17.45 8.33
C GLY B 348 1.29 16.76 7.50
N ILE B 349 2.44 16.56 8.13
CA ILE B 349 3.56 15.90 7.48
C ILE B 349 3.20 14.44 7.21
N ILE B 350 3.59 13.95 6.03
CA ILE B 350 3.48 12.53 5.71
C ILE B 350 4.90 12.04 5.43
N THR B 351 5.54 11.48 6.45
CA THR B 351 6.93 11.04 6.32
C THR B 351 7.03 9.88 5.34
N GLY B 352 6.07 8.95 5.38
CA GLY B 352 6.09 7.73 4.63
C GLY B 352 6.56 6.53 5.42
N CYS B 353 7.35 6.77 6.46
CA CYS B 353 7.74 5.74 7.43
C CYS B 353 8.03 6.46 8.74
N ASP B 354 7.05 6.49 9.65
CA ASP B 354 7.20 7.25 10.88
C ASP B 354 8.29 6.67 11.77
N LYS B 355 8.50 5.35 11.71
CA LYS B 355 9.51 4.73 12.57
C LYS B 355 10.92 5.18 12.20
N ALA B 356 11.11 5.72 11.00
CA ALA B 356 12.43 6.19 10.59
C ALA B 356 12.69 7.64 10.97
N PHE B 357 11.65 8.44 11.23
CA PHE B 357 11.81 9.86 11.49
C PHE B 357 11.29 10.32 12.85
N ILE B 358 10.41 9.57 13.49
CA ILE B 358 9.78 9.98 14.73
C ILE B 358 10.44 9.23 15.87
N LEU B 359 10.96 9.98 16.85
CA LEU B 359 11.63 9.42 18.01
C LEU B 359 10.95 9.92 19.28
N SER B 360 10.83 9.04 20.26
CA SER B 360 10.40 9.45 21.59
C SER B 360 11.38 10.49 22.12
N LYS B 361 10.86 11.52 22.77
CA LYS B 361 11.72 12.61 23.21
C LYS B 361 12.67 12.16 24.33
N ASP B 362 12.46 10.99 24.90
CA ASP B 362 13.41 10.38 25.82
C ASP B 362 14.38 9.42 25.14
N ASP B 363 14.26 9.23 23.82
CA ASP B 363 15.15 8.32 23.11
C ASP B 363 16.57 8.88 23.08
N VAL B 364 17.55 7.98 23.20
CA VAL B 364 18.94 8.39 23.28
C VAL B 364 19.49 8.79 21.92
N LYS B 365 18.94 8.24 20.83
CA LYS B 365 19.45 8.54 19.50
C LYS B 365 19.27 10.01 19.13
N LEU B 366 18.44 10.75 19.85
CA LEU B 366 18.30 12.18 19.61
C LEU B 366 19.58 12.94 19.89
N ASN B 367 20.49 12.37 20.70
CA ASN B 367 21.79 13.00 20.92
C ASN B 367 22.59 13.10 19.64
N LEU B 368 22.38 12.18 18.70
CA LEU B 368 23.08 12.20 17.42
C LEU B 368 22.52 13.23 16.46
N VAL B 369 21.32 13.75 16.71
CA VAL B 369 20.65 14.67 15.80
C VAL B 369 20.87 16.09 16.31
N ASP B 370 21.41 16.94 15.45
CA ASP B 370 21.53 18.36 15.77
C ASP B 370 20.15 18.94 16.00
N ASP B 371 20.04 19.84 16.98
CA ASP B 371 18.74 20.38 17.36
C ASP B 371 18.10 21.21 16.26
N LYS B 372 18.88 21.64 15.26
CA LYS B 372 18.30 22.35 14.12
C LYS B 372 17.45 21.44 13.24
N PHE B 373 17.58 20.13 13.40
CA PHE B 373 16.79 19.17 12.65
C PHE B 373 15.53 18.73 13.38
N LEU B 374 15.42 19.02 14.68
CA LEU B 374 14.37 18.46 15.52
C LEU B 374 13.19 19.41 15.62
N LYS B 375 11.99 18.88 15.40
CA LYS B 375 10.74 19.60 15.57
C LYS B 375 9.86 18.85 16.57
N CYS B 376 8.98 19.60 17.23
CA CYS B 376 8.00 18.97 18.11
C CYS B 376 6.95 18.22 17.30
N TRP B 377 6.50 17.09 17.83
CA TRP B 377 5.62 16.16 17.11
C TRP B 377 4.47 15.78 18.02
N ILE B 378 3.24 15.98 17.56
CA ILE B 378 2.06 15.67 18.34
C ILE B 378 1.14 14.77 17.53
N LYS B 379 0.31 14.02 18.25
CA LYS B 379 -0.69 13.14 17.66
C LYS B 379 -2.08 13.69 17.96
N SER B 380 -3.09 13.06 17.37
CA SER B 380 -4.48 13.49 17.58
C SER B 380 -4.87 13.41 19.05
N LYS B 381 -4.21 12.54 19.82
CA LYS B 381 -4.45 12.45 21.25
C LYS B 381 -4.28 13.80 21.93
N ASN B 382 -3.26 14.55 21.53
CA ASN B 382 -2.82 15.72 22.26
C ASN B 382 -3.74 16.93 22.08
N ILE B 383 -4.66 16.89 21.13
CA ILE B 383 -5.50 18.05 20.86
C ILE B 383 -6.66 18.06 21.85
N ASN B 384 -6.76 19.13 22.64
CA ASN B 384 -7.90 19.39 23.48
C ASN B 384 -8.64 20.60 22.92
N LYS B 385 -9.76 20.96 23.56
CA LYS B 385 -10.35 22.27 23.32
C LYS B 385 -9.41 23.35 23.86
N TYR B 386 -9.08 24.31 23.00
CA TYR B 386 -8.36 25.58 23.17
C TYR B 386 -6.85 25.43 23.38
N ILE B 387 -6.31 24.23 23.63
CA ILE B 387 -4.88 24.08 23.89
C ILE B 387 -4.44 22.68 23.48
N VAL B 388 -3.13 22.51 23.33
CA VAL B 388 -2.51 21.25 22.94
C VAL B 388 -1.69 20.72 24.11
N ASP B 389 -1.77 19.41 24.34
CA ASP B 389 -0.89 18.77 25.31
C ASP B 389 0.57 18.96 24.91
N LYS B 390 1.46 18.82 25.90
CA LYS B 390 2.88 18.88 25.60
C LYS B 390 3.28 17.72 24.69
N SER B 391 4.15 18.02 23.73
CA SER B 391 4.59 17.00 22.79
C SER B 391 5.46 15.96 23.48
N GLU B 392 5.32 14.70 23.06
CA GLU B 392 6.10 13.60 23.57
C GLU B 392 7.01 12.98 22.52
N TYR B 393 7.04 13.54 21.31
CA TYR B 393 7.83 13.01 20.22
C TYR B 393 8.57 14.13 19.52
N ARG B 394 9.66 13.77 18.84
CA ARG B 394 10.44 14.69 18.04
C ARG B 394 10.55 14.14 16.62
N LEU B 395 10.43 15.03 15.64
CA LEU B 395 10.54 14.68 14.23
C LEU B 395 11.88 15.16 13.69
N ILE B 396 12.58 14.26 13.00
CA ILE B 396 13.82 14.61 12.29
C ILE B 396 13.42 15.11 10.92
N TYR B 397 13.42 16.43 10.74
CA TYR B 397 13.05 17.03 9.45
C TYR B 397 14.22 16.82 8.49
N SER B 398 14.29 15.59 7.97
CA SER B 398 15.44 15.14 7.21
C SER B 398 15.60 15.86 5.88
N ASN B 399 14.58 16.59 5.41
CA ASN B 399 14.72 17.35 4.18
C ASN B 399 15.82 18.41 4.28
N ASP B 400 16.20 18.80 5.49
CA ASP B 400 17.22 19.81 5.70
C ASP B 400 18.63 19.23 5.74
N ILE B 401 18.78 17.93 5.53
CA ILE B 401 20.09 17.30 5.43
C ILE B 401 20.61 17.50 4.02
N ASP B 402 21.71 18.23 3.87
CA ASP B 402 22.16 18.62 2.54
C ASP B 402 22.80 17.45 1.81
N ASN B 403 23.90 16.93 2.36
CA ASN B 403 24.65 15.85 1.74
C ASN B 403 24.65 14.64 2.65
N GLU B 404 24.77 13.46 2.04
CA GLU B 404 24.82 12.24 2.82
C GLU B 404 26.11 12.14 3.62
N ASN B 405 27.21 12.70 3.12
CA ASN B 405 28.49 12.51 3.77
C ASN B 405 28.61 13.35 5.05
N THR B 406 28.06 14.57 5.04
CA THR B 406 28.28 15.48 6.15
C THR B 406 27.54 15.03 7.42
N ASN B 407 26.36 14.42 7.27
CA ASN B 407 25.57 14.00 8.43
C ASN B 407 25.42 12.48 8.43
N LYS B 408 26.54 11.77 8.21
CA LYS B 408 26.48 10.34 7.96
C LYS B 408 25.90 9.57 9.14
N ARG B 409 26.25 9.95 10.37
CA ARG B 409 25.86 9.17 11.54
C ARG B 409 24.34 9.10 11.68
N ILE B 410 23.65 10.22 11.42
CA ILE B 410 22.19 10.23 11.51
C ILE B 410 21.59 9.26 10.49
N LEU B 411 22.10 9.31 9.26
CA LEU B 411 21.55 8.46 8.20
C LEU B 411 21.82 6.99 8.47
N ASP B 412 23.01 6.67 8.96
CA ASP B 412 23.39 5.26 9.12
C ASP B 412 22.68 4.62 10.31
N GLU B 413 22.56 5.34 11.42
CA GLU B 413 22.14 4.73 12.68
C GLU B 413 20.69 5.00 13.06
N ILE B 414 20.01 5.91 12.38
CA ILE B 414 18.61 6.17 12.69
C ILE B 414 17.73 5.92 11.47
N ILE B 415 17.93 6.71 10.41
CA ILE B 415 17.06 6.64 9.25
C ILE B 415 17.34 5.39 8.42
N GLY B 416 18.62 5.04 8.24
CA GLY B 416 18.97 3.93 7.38
C GLY B 416 18.44 2.59 7.83
N LEU B 417 18.02 2.49 9.09
CA LEU B 417 17.41 1.25 9.58
C LEU B 417 16.14 0.89 8.84
N TYR B 418 15.59 1.80 8.03
CA TYR B 418 14.38 1.56 7.26
C TYR B 418 14.59 1.96 5.80
N LYS B 419 15.85 1.90 5.34
CA LYS B 419 16.20 2.40 4.02
C LYS B 419 15.42 1.68 2.93
N THR B 420 15.27 0.36 3.06
CA THR B 420 14.53 -0.40 2.05
C THR B 420 13.06 0.03 1.99
N LYS B 421 12.43 0.23 3.15
CA LYS B 421 11.06 0.72 3.17
C LYS B 421 10.95 2.11 2.55
N LEU B 422 11.91 2.99 2.88
CA LEU B 422 11.89 4.35 2.34
C LEU B 422 12.07 4.34 0.83
N GLU B 423 12.92 3.45 0.31
CA GLU B 423 13.16 3.39 -1.12
C GLU B 423 11.96 2.85 -1.89
N ASN B 424 11.02 2.19 -1.23
CA ASN B 424 9.82 1.70 -1.89
C ASN B 424 8.78 2.79 -2.10
N ARG B 425 8.93 3.94 -1.45
CA ARG B 425 7.99 5.03 -1.64
C ARG B 425 7.99 5.51 -3.08
N ARG B 426 6.82 5.99 -3.53
CA ARG B 426 6.61 6.26 -4.95
C ARG B 426 7.59 7.31 -5.46
N GLU B 427 7.78 8.39 -4.70
CA GLU B 427 8.64 9.46 -5.16
C GLU B 427 10.12 9.10 -5.07
N CYS B 428 10.49 8.13 -4.24
CA CYS B 428 11.87 7.65 -4.22
C CYS B 428 12.15 6.74 -5.40
N LYS B 429 11.18 5.91 -5.79
CA LYS B 429 11.37 5.05 -6.97
C LYS B 429 11.42 5.88 -8.23
N SER B 430 10.65 6.98 -8.29
CA SER B 430 10.67 7.84 -9.47
C SER B 430 11.90 8.73 -9.51
N GLY B 431 12.62 8.87 -8.40
CA GLY B 431 13.88 9.57 -8.37
C GLY B 431 13.83 11.01 -7.92
N ILE B 432 12.63 11.60 -7.79
CA ILE B 432 12.55 13.01 -7.41
C ILE B 432 12.74 13.23 -5.91
N ARG B 433 12.71 12.18 -5.10
CA ARG B 433 12.83 12.28 -3.66
C ARG B 433 13.95 11.36 -3.18
N LYS B 434 14.89 11.92 -2.42
CA LYS B 434 15.96 11.11 -1.87
C LYS B 434 15.41 10.12 -0.86
N TRP B 435 16.13 9.00 -0.69
CA TRP B 435 15.63 7.92 0.14
C TRP B 435 15.47 8.34 1.60
N TYR B 436 16.33 9.24 2.09
CA TYR B 436 16.27 9.66 3.48
C TYR B 436 15.37 10.87 3.70
N GLU B 437 14.80 11.45 2.65
CA GLU B 437 13.95 12.61 2.79
C GLU B 437 12.54 12.22 3.20
N LEU B 438 11.83 13.16 3.82
CA LEU B 438 10.41 13.00 4.08
C LEU B 438 9.65 12.94 2.76
N GLN B 439 8.68 12.03 2.67
CA GLN B 439 7.94 11.86 1.42
C GLN B 439 7.18 13.13 1.06
N TRP B 440 6.45 13.70 2.02
CA TRP B 440 5.76 14.98 1.85
C TRP B 440 6.10 15.83 3.06
N GLY B 441 7.21 16.57 2.97
CA GLY B 441 7.66 17.40 4.07
C GLY B 441 6.92 18.69 4.25
N ARG B 442 6.01 19.01 3.34
CA ARG B 442 5.14 20.20 3.43
C ARG B 442 6.02 21.45 3.50
N GLU B 443 5.54 22.48 4.19
CA GLU B 443 6.23 23.76 4.30
C GLU B 443 6.40 24.10 5.77
N LYS B 444 7.66 24.23 6.20
CA LYS B 444 7.93 24.51 7.62
C LYS B 444 7.34 25.84 8.05
N LEU B 445 7.34 26.83 7.15
CA LEU B 445 6.79 28.14 7.50
C LEU B 445 5.32 28.06 7.88
N PHE B 446 4.60 27.08 7.34
CA PHE B 446 3.20 26.90 7.73
C PHE B 446 3.06 26.38 9.15
N PHE B 447 3.92 25.43 9.54
CA PHE B 447 3.82 24.82 10.88
C PHE B 447 4.45 25.70 11.96
N GLU B 448 5.53 26.41 11.65
CA GLU B 448 6.26 27.17 12.66
C GLU B 448 5.70 28.59 12.75
N ARG B 449 4.46 28.64 13.25
CA ARG B 449 3.72 29.88 13.43
C ARG B 449 2.52 29.58 14.32
N LYS B 450 1.93 30.64 14.87
CA LYS B 450 0.69 30.49 15.62
C LYS B 450 -0.41 29.99 14.69
N LYS B 451 -1.10 28.93 15.10
CA LYS B 451 -2.09 28.32 14.23
C LYS B 451 -3.08 27.53 15.08
N ILE B 452 -4.13 27.05 14.42
CA ILE B 452 -5.16 26.22 15.04
C ILE B 452 -5.02 24.81 14.52
N MET B 453 -5.03 23.83 15.43
CA MET B 453 -4.90 22.43 15.08
C MET B 453 -6.06 21.64 15.67
N TYR B 454 -6.52 20.64 14.94
CA TYR B 454 -7.64 19.80 15.36
C TYR B 454 -7.40 18.36 14.90
N PRO B 455 -7.91 17.37 15.64
CA PRO B 455 -7.72 15.98 15.22
C PRO B 455 -8.54 15.66 13.98
N TYR B 456 -8.03 14.70 13.19
CA TYR B 456 -8.72 14.32 11.97
C TYR B 456 -9.91 13.39 12.22
N LYS B 457 -9.91 12.69 13.35
CA LYS B 457 -11.00 11.80 13.73
C LYS B 457 -11.25 11.98 15.22
N SER B 458 -12.47 12.35 15.59
CA SER B 458 -12.76 12.66 16.98
C SER B 458 -14.26 12.51 17.22
N ASN B 459 -14.62 12.45 18.50
CA ASN B 459 -16.01 12.38 18.91
C ASN B 459 -16.66 13.74 19.06
N GLU B 460 -15.87 14.82 19.06
CA GLU B 460 -16.42 16.15 19.32
C GLU B 460 -15.45 17.18 18.76
N ASN B 461 -15.95 18.42 18.65
CA ASN B 461 -15.12 19.53 18.19
C ASN B 461 -13.97 19.75 19.17
N ARG B 462 -12.74 19.67 18.67
CA ARG B 462 -11.54 19.92 19.47
C ARG B 462 -10.61 20.80 18.62
N PHE B 463 -10.77 22.12 18.75
CA PHE B 463 -9.96 23.08 18.03
C PHE B 463 -9.09 23.82 19.03
N ALA B 464 -7.77 23.78 18.83
CA ALA B 464 -6.81 24.29 19.79
C ALA B 464 -5.85 25.26 19.13
N ILE B 465 -5.50 26.31 19.86
CA ILE B 465 -4.46 27.23 19.41
C ILE B 465 -3.10 26.63 19.75
N ASP B 466 -2.22 26.58 18.76
CA ASP B 466 -0.86 26.11 18.96
C ASP B 466 0.08 27.30 19.05
N TYR B 467 0.81 27.40 20.17
CA TYR B 467 1.85 28.40 20.34
C TYR B 467 3.25 27.84 20.23
N ASP B 468 3.40 26.52 20.10
CA ASP B 468 4.69 25.86 20.29
C ASP B 468 5.27 25.29 18.99
N ASN B 469 4.82 25.79 17.83
CA ASN B 469 5.35 25.36 16.53
C ASN B 469 5.28 23.84 16.36
N ASN B 470 4.17 23.25 16.79
CA ASN B 470 4.04 21.80 16.71
C ASN B 470 3.89 21.33 15.27
N PHE B 471 4.58 20.22 14.96
CA PHE B 471 4.37 19.48 13.74
C PHE B 471 3.51 18.25 14.05
N SER B 472 2.94 17.67 13.00
CA SER B 472 2.08 16.51 13.19
C SER B 472 1.99 15.72 11.89
N SER B 473 1.51 14.49 12.01
CA SER B 473 1.22 13.67 10.85
C SER B 473 -0.15 14.05 10.30
N ALA B 474 -0.67 13.27 9.37
CA ALA B 474 -1.96 13.57 8.76
C ALA B 474 -3.13 13.24 9.67
N ASP B 475 -2.88 12.81 10.90
CA ASP B 475 -3.94 12.64 11.88
C ASP B 475 -4.33 13.95 12.55
N VAL B 476 -3.60 15.03 12.27
CA VAL B 476 -3.91 16.36 12.79
C VAL B 476 -3.88 17.34 11.62
N TYR B 477 -4.94 18.14 11.48
CA TYR B 477 -5.00 19.19 10.50
C TYR B 477 -4.77 20.55 11.16
N SER B 478 -4.31 21.50 10.35
CA SER B 478 -4.00 22.84 10.83
C SER B 478 -4.53 23.88 9.87
N PHE B 479 -4.78 25.08 10.40
CA PHE B 479 -5.06 26.23 9.56
C PHE B 479 -4.67 27.50 10.31
N PHE B 480 -4.20 28.48 9.55
CA PHE B 480 -3.95 29.82 10.07
C PHE B 480 -4.82 30.81 9.29
N ILE B 481 -5.02 31.98 9.90
CA ILE B 481 -5.90 32.99 9.33
C ILE B 481 -5.15 33.78 8.27
N LYS B 482 -5.85 34.07 7.17
CA LYS B 482 -5.26 34.90 6.11
C LYS B 482 -4.97 36.30 6.62
N GLU B 483 -4.05 36.98 5.94
CA GLU B 483 -3.65 38.32 6.36
C GLU B 483 -4.82 39.30 6.29
N GLU B 484 -5.61 39.24 5.22
CA GLU B 484 -6.65 40.24 5.00
C GLU B 484 -7.85 40.04 5.91
N TYR B 485 -7.93 38.93 6.63
CA TYR B 485 -9.01 38.70 7.58
C TYR B 485 -8.56 38.81 9.03
N LEU B 486 -7.28 39.11 9.28
CA LEU B 486 -6.77 39.12 10.65
C LEU B 486 -7.43 40.20 11.49
N ASP B 487 -7.82 41.32 10.88
CA ASP B 487 -8.48 42.39 11.61
C ASP B 487 -9.98 42.16 11.77
N LYS B 488 -10.51 41.08 11.20
CA LYS B 488 -11.91 40.71 11.39
C LYS B 488 -12.10 39.52 12.32
N PHE B 489 -11.19 38.54 12.29
CA PHE B 489 -11.29 37.34 13.10
C PHE B 489 -9.95 37.05 13.77
N SER B 490 -10.00 36.66 15.04
CA SER B 490 -8.82 36.27 15.78
C SER B 490 -8.88 34.79 16.11
N TYR B 491 -7.71 34.22 16.44
CA TYR B 491 -7.64 32.81 16.78
C TYR B 491 -8.45 32.51 18.04
N GLU B 492 -8.41 33.41 19.01
CA GLU B 492 -9.16 33.18 20.25
C GLU B 492 -10.66 33.17 19.99
N TYR B 493 -11.14 34.09 19.14
CA TYR B 493 -12.57 34.07 18.80
C TYR B 493 -12.94 32.79 18.07
N LEU B 494 -12.10 32.35 17.13
CA LEU B 494 -12.44 31.18 16.31
C LEU B 494 -12.54 29.92 17.16
N VAL B 495 -11.54 29.67 18.02
CA VAL B 495 -11.61 28.50 18.88
C VAL B 495 -12.75 28.63 19.88
N GLY B 496 -13.14 29.87 20.22
CA GLY B 496 -14.27 30.06 21.12
C GLY B 496 -15.57 29.55 20.53
N ILE B 497 -15.84 29.89 19.27
CA ILE B 497 -17.10 29.47 18.66
C ILE B 497 -17.01 28.03 18.14
N LEU B 498 -15.82 27.60 17.69
CA LEU B 498 -15.70 26.27 17.12
C LEU B 498 -15.81 25.17 18.17
N ASN B 499 -15.40 25.47 19.41
CA ASN B 499 -15.49 24.51 20.49
C ASN B 499 -16.80 24.59 21.26
N SER B 500 -17.72 25.48 20.86
CA SER B 500 -18.98 25.64 21.56
C SER B 500 -19.92 24.46 21.28
N SER B 501 -20.86 24.27 22.20
CA SER B 501 -21.88 23.25 22.00
C SER B 501 -22.69 23.49 20.74
N VAL B 502 -22.90 24.75 20.38
CA VAL B 502 -23.67 25.08 19.19
C VAL B 502 -22.98 24.54 17.94
N TYR B 503 -21.68 24.81 17.80
CA TYR B 503 -20.97 24.40 16.60
C TYR B 503 -20.64 22.92 16.58
N ASP B 504 -20.56 22.26 17.73
CA ASP B 504 -20.40 20.82 17.75
C ASP B 504 -21.64 20.13 17.18
N LYS B 505 -22.82 20.56 17.60
CA LYS B 505 -24.06 20.06 17.01
C LYS B 505 -24.16 20.45 15.54
N TYR B 506 -23.78 21.70 15.22
CA TYR B 506 -23.89 22.20 13.86
C TYR B 506 -23.00 21.41 12.90
N PHE B 507 -21.76 21.13 13.30
CA PHE B 507 -20.85 20.39 12.42
C PHE B 507 -21.33 18.96 12.21
N LYS B 508 -21.82 18.32 13.27
CA LYS B 508 -22.24 16.92 13.18
C LYS B 508 -23.53 16.74 12.39
N ILE B 509 -24.21 17.84 12.03
CA ILE B 509 -25.39 17.74 11.17
C ILE B 509 -25.03 17.05 9.86
N THR B 510 -23.89 17.44 9.27
CA THR B 510 -23.47 16.90 7.99
C THR B 510 -22.12 16.21 8.04
N ALA B 511 -21.53 16.05 9.22
CA ALA B 511 -20.21 15.44 9.32
C ALA B 511 -20.23 13.97 8.90
N LYS B 512 -19.05 13.48 8.52
CA LYS B 512 -18.90 12.12 8.01
C LYS B 512 -18.71 11.17 9.20
N LYS B 513 -19.72 10.35 9.47
CA LYS B 513 -19.66 9.40 10.59
C LYS B 513 -18.85 8.18 10.17
N MET B 514 -17.74 7.94 10.85
CA MET B 514 -16.80 6.88 10.49
C MET B 514 -17.02 5.60 11.28
N SER B 515 -16.98 5.67 12.60
CA SER B 515 -17.19 4.51 13.45
C SER B 515 -17.86 5.00 14.74
N LYS B 516 -18.02 4.09 15.70
CA LYS B 516 -18.68 4.44 16.96
C LYS B 516 -17.93 5.58 17.65
N ASN B 517 -18.64 6.70 17.87
CA ASN B 517 -18.08 7.89 18.52
C ASN B 517 -16.93 8.50 17.73
N ILE B 518 -16.95 8.40 16.41
CA ILE B 518 -15.88 8.94 15.57
C ILE B 518 -16.48 9.60 14.34
N TYR B 519 -16.29 10.92 14.23
CA TYR B 519 -16.58 11.66 13.01
C TYR B 519 -15.26 12.05 12.35
N ASP B 520 -15.30 12.23 11.04
CA ASP B 520 -14.15 12.77 10.31
C ASP B 520 -14.13 14.29 10.44
N TYR B 521 -13.01 14.82 10.92
CA TYR B 521 -12.77 16.26 10.93
C TYR B 521 -11.71 16.53 9.88
N TYR B 522 -12.16 16.66 8.64
CA TYR B 522 -11.34 16.84 7.45
C TYR B 522 -11.66 18.18 6.81
N PRO B 523 -10.69 18.79 6.12
CA PRO B 523 -10.96 20.10 5.50
C PRO B 523 -12.10 20.10 4.51
N ASN B 524 -12.38 18.97 3.85
CA ASN B 524 -13.48 18.96 2.88
C ASN B 524 -14.83 19.20 3.54
N LYS B 525 -14.90 19.08 4.86
CA LYS B 525 -16.08 19.46 5.63
C LYS B 525 -15.80 20.53 6.67
N VAL B 526 -14.62 20.50 7.30
CA VAL B 526 -14.30 21.50 8.32
C VAL B 526 -14.18 22.89 7.70
N MET B 527 -13.54 23.01 6.54
CA MET B 527 -13.39 24.31 5.90
C MET B 527 -14.71 24.86 5.37
N LYS B 528 -15.75 24.03 5.27
CA LYS B 528 -17.07 24.50 4.89
C LYS B 528 -17.89 24.95 6.08
N ILE B 529 -17.33 24.89 7.30
CA ILE B 529 -18.03 25.41 8.46
C ILE B 529 -18.17 26.92 8.33
N ARG B 530 -19.39 27.42 8.50
CA ARG B 530 -19.67 28.83 8.34
C ARG B 530 -19.61 29.55 9.68
N ILE B 531 -19.02 30.74 9.69
CA ILE B 531 -18.80 31.51 10.91
C ILE B 531 -19.39 32.90 10.75
N PHE B 532 -19.55 33.58 11.87
CA PHE B 532 -20.23 34.87 11.94
C PHE B 532 -19.40 35.85 12.76
N ARG B 533 -19.74 37.13 12.63
CA ARG B 533 -19.24 38.15 13.55
C ARG B 533 -20.31 39.23 13.69
N ASP B 534 -20.63 39.59 14.93
CA ASP B 534 -21.67 40.56 15.23
C ASP B 534 -21.31 41.28 16.51
N ASN B 535 -22.31 41.90 17.15
CA ASN B 535 -22.07 42.67 18.37
C ASN B 535 -21.57 41.81 19.51
N ASN B 536 -21.71 40.48 19.42
CA ASN B 536 -21.24 39.58 20.47
C ASN B 536 -19.77 39.20 20.32
N TYR B 537 -19.07 39.74 19.31
CA TYR B 537 -17.71 39.33 19.04
C TYR B 537 -16.79 39.60 20.23
N GLU B 538 -16.88 40.80 20.81
CA GLU B 538 -15.94 41.18 21.87
C GLU B 538 -16.11 40.31 23.10
N GLU B 539 -17.35 40.06 23.51
CA GLU B 539 -17.58 39.27 24.72
C GLU B 539 -17.22 37.80 24.51
N ILE B 540 -17.56 37.26 23.33
CA ILE B 540 -17.18 35.88 23.03
C ILE B 540 -15.67 35.72 23.06
N GLU B 541 -14.96 36.65 22.43
CA GLU B 541 -13.49 36.57 22.38
C GLU B 541 -12.90 36.68 23.78
N ASN B 542 -13.46 37.57 24.61
CA ASN B 542 -12.97 37.71 25.97
C ASN B 542 -13.19 36.44 26.77
N LEU B 543 -14.35 35.81 26.61
CA LEU B 543 -14.62 34.56 27.32
C LEU B 543 -13.65 33.46 26.89
N SER B 544 -13.35 33.39 25.59
CA SER B 544 -12.38 32.41 25.11
C SER B 544 -11.00 32.66 25.71
N LYS B 545 -10.58 33.94 25.79
CA LYS B 545 -9.26 34.24 26.35
C LYS B 545 -9.20 33.89 27.83
N GLN B 546 -10.29 34.14 28.57
CA GLN B 546 -10.32 33.76 29.98
C GLN B 546 -10.15 32.25 30.14
N ILE B 547 -10.84 31.47 29.30
CA ILE B 547 -10.74 30.02 29.36
C ILE B 547 -9.31 29.57 29.08
N ILE B 548 -8.67 30.16 28.06
CA ILE B 548 -7.30 29.76 27.72
C ILE B 548 -6.36 30.10 28.87
N SER B 549 -6.58 31.23 29.53
CA SER B 549 -5.75 31.59 30.68
C SER B 549 -5.89 30.57 31.80
N ILE B 550 -7.11 30.11 32.05
CA ILE B 550 -7.33 29.14 33.12
C ILE B 550 -6.69 27.79 32.77
N LEU B 551 -6.85 27.35 31.52
CA LEU B 551 -6.31 26.06 31.11
C LEU B 551 -4.78 26.02 31.17
N LEU B 552 -4.12 27.14 30.87
CA LEU B 552 -2.66 27.21 30.93
C LEU B 552 -2.15 27.50 32.34
N ASN B 553 -3.03 27.67 33.32
CA ASN B 553 -2.62 27.98 34.68
C ASN B 553 -2.14 26.72 35.39
N LYS B 554 -1.48 26.92 36.54
CA LYS B 554 -1.01 25.80 37.34
C LYS B 554 -2.19 25.01 37.91
N SER B 555 -3.14 25.71 38.53
CA SER B 555 -4.35 25.10 39.06
C SER B 555 -5.49 25.38 38.10
N ILE B 556 -5.99 24.34 37.44
CA ILE B 556 -7.09 24.47 36.50
C ILE B 556 -8.40 24.31 37.26
N ASP B 557 -9.21 25.37 37.28
CA ASP B 557 -10.54 25.32 37.89
C ASP B 557 -11.50 24.84 36.82
N LYS B 558 -11.77 23.54 36.83
CA LYS B 558 -12.65 22.95 35.81
C LYS B 558 -14.05 23.53 35.88
N GLY B 559 -14.55 23.77 37.09
CA GLY B 559 -15.88 24.35 37.23
C GLY B 559 -15.99 25.74 36.64
N LYS B 560 -14.95 26.56 36.86
CA LYS B 560 -14.96 27.92 36.32
C LYS B 560 -14.93 27.90 34.79
N VAL B 561 -14.17 26.98 34.21
CA VAL B 561 -14.15 26.86 32.75
C VAL B 561 -15.53 26.50 32.23
N GLU B 562 -16.22 25.57 32.91
CA GLU B 562 -17.54 25.17 32.48
C GLU B 562 -18.52 26.33 32.54
N LYS B 563 -18.45 27.14 33.61
CA LYS B 563 -19.32 28.30 33.71
C LYS B 563 -19.08 29.28 32.58
N LEU B 564 -17.80 29.52 32.24
CA LEU B 564 -17.49 30.38 31.11
C LEU B 564 -17.95 29.76 29.79
N GLN B 565 -17.78 28.44 29.65
CA GLN B 565 -18.20 27.78 28.42
C GLN B 565 -19.72 27.86 28.24
N ILE B 566 -20.47 27.67 29.33
CA ILE B 566 -21.92 27.82 29.27
C ILE B 566 -22.29 29.26 28.91
N LYS B 567 -21.58 30.22 29.51
CA LYS B 567 -21.82 31.63 29.20
C LYS B 567 -21.57 31.92 27.73
N MET B 568 -20.51 31.36 27.16
CA MET B 568 -20.22 31.57 25.75
C MET B 568 -21.22 30.82 24.86
N ASP B 569 -21.66 29.63 25.29
CA ASP B 569 -22.61 28.86 24.51
C ASP B 569 -23.91 29.63 24.33
N ASN B 570 -24.40 30.25 25.40
CA ASN B 570 -25.64 31.01 25.32
C ASN B 570 -25.49 32.24 24.43
N LEU B 571 -24.31 32.89 24.46
CA LEU B 571 -24.08 34.04 23.59
C LEU B 571 -24.15 33.64 22.13
N ILE B 572 -23.55 32.51 21.77
CA ILE B 572 -23.55 32.05 20.39
C ILE B 572 -24.95 31.62 19.97
N MET B 573 -25.69 30.98 20.89
CA MET B 573 -27.09 30.67 20.62
C MET B 573 -27.88 31.95 20.38
N ASP B 574 -27.60 33.00 21.16
CA ASP B 574 -28.29 34.27 20.98
C ASP B 574 -27.96 34.88 19.63
N SER B 575 -26.69 34.82 19.22
CA SER B 575 -26.27 35.44 17.97
C SER B 575 -26.90 34.75 16.77
N LEU B 576 -27.02 33.43 16.81
CA LEU B 576 -27.57 32.67 15.71
C LEU B 576 -29.08 32.47 15.81
N GLY B 577 -29.71 32.99 16.86
CA GLY B 577 -31.16 32.91 17.00
C GLY B 577 -31.69 31.50 17.11
N ILE B 578 -31.04 30.67 17.91
CA ILE B 578 -31.45 29.28 18.08
C ILE B 578 -31.53 28.93 19.56
N TYR C 31 16.73 -41.08 28.49
CA TYR C 31 15.89 -42.26 28.25
C TYR C 31 16.61 -43.25 27.33
N TYR C 32 16.93 -44.42 27.88
CA TYR C 32 17.67 -45.43 27.13
C TYR C 32 16.78 -46.10 26.10
N THR C 33 17.17 -45.98 24.84
CA THR C 33 16.45 -46.64 23.75
C THR C 33 16.86 -48.11 23.68
N PRO C 34 15.91 -49.05 23.56
CA PRO C 34 16.27 -50.47 23.55
C PRO C 34 17.19 -50.82 22.38
N LYS C 35 18.05 -51.82 22.62
CA LYS C 35 19.16 -52.08 21.71
C LYS C 35 18.70 -52.45 20.32
N ILE C 36 17.64 -53.26 20.20
CA ILE C 36 17.25 -53.74 18.88
C ILE C 36 16.71 -52.60 18.02
N ILE C 37 16.15 -51.55 18.64
CA ILE C 37 15.61 -50.44 17.88
C ILE C 37 16.74 -49.57 17.32
N VAL C 38 17.74 -49.26 18.15
CA VAL C 38 18.87 -48.45 17.66
C VAL C 38 19.64 -49.21 16.59
N ASP C 39 19.85 -50.51 16.78
CA ASP C 39 20.45 -51.33 15.74
C ASP C 39 19.63 -51.27 14.45
N TYR C 40 18.31 -51.38 14.58
CA TYR C 40 17.43 -51.34 13.41
C TYR C 40 17.51 -49.99 12.70
N ILE C 41 17.54 -48.89 13.46
CA ILE C 41 17.61 -47.57 12.86
C ILE C 41 18.92 -47.39 12.10
N VAL C 42 20.04 -47.83 12.70
CA VAL C 42 21.33 -47.77 12.01
C VAL C 42 21.29 -48.61 10.74
N LYS C 43 20.62 -49.76 10.79
CA LYS C 43 20.49 -50.60 9.61
C LYS C 43 19.64 -49.92 8.53
N LYS C 44 18.60 -49.18 8.92
CA LYS C 44 17.75 -48.53 7.92
C LYS C 44 18.52 -47.48 7.12
N THR C 45 19.59 -46.93 7.69
CA THR C 45 20.37 -45.91 7.00
C THR C 45 21.53 -46.51 6.20
N LEU C 46 22.34 -47.35 6.81
CA LEU C 46 23.62 -47.74 6.25
C LEU C 46 23.61 -49.10 5.56
N LYS C 47 22.44 -49.71 5.39
CA LYS C 47 22.39 -51.06 4.81
C LYS C 47 22.92 -51.07 3.38
N ASN C 48 22.65 -50.02 2.61
CA ASN C 48 22.99 -49.95 1.19
C ASN C 48 23.87 -48.75 0.88
N HIS C 49 24.88 -48.51 1.71
CA HIS C 49 25.85 -47.45 1.46
C HIS C 49 27.09 -48.05 0.80
N ASP C 50 27.50 -47.46 -0.32
CA ASP C 50 28.70 -47.89 -1.04
C ASP C 50 29.89 -47.15 -0.44
N ILE C 51 30.68 -47.86 0.38
CA ILE C 51 31.84 -47.24 1.01
C ILE C 51 32.96 -47.01 0.01
N ILE C 52 32.90 -47.65 -1.16
CA ILE C 52 33.91 -47.41 -2.19
C ILE C 52 33.57 -46.17 -3.00
N LYS C 53 32.29 -45.99 -3.34
CA LYS C 53 31.89 -44.80 -4.10
C LYS C 53 32.06 -43.54 -3.27
N ASN C 54 31.64 -43.57 -2.01
CA ASN C 54 31.76 -42.42 -1.11
C ASN C 54 32.42 -42.90 0.19
N PRO C 55 33.75 -42.93 0.23
CA PRO C 55 34.44 -43.32 1.48
C PRO C 55 34.33 -42.30 2.60
N TYR C 56 33.59 -41.21 2.40
CA TYR C 56 33.45 -40.15 3.41
C TYR C 56 31.97 -39.88 3.67
N PRO C 57 31.28 -40.79 4.34
CA PRO C 57 29.91 -40.51 4.76
C PRO C 57 29.87 -39.83 6.11
N ARG C 58 28.81 -39.03 6.32
CA ARG C 58 28.65 -38.25 7.54
C ARG C 58 27.32 -38.60 8.18
N ILE C 59 27.39 -39.26 9.34
CA ILE C 59 26.21 -39.70 10.09
C ILE C 59 26.07 -38.79 11.31
N LEU C 60 24.86 -38.28 11.53
CA LEU C 60 24.61 -37.31 12.58
C LEU C 60 23.52 -37.80 13.52
N ASP C 61 23.75 -37.62 14.82
CA ASP C 61 22.73 -37.81 15.84
C ASP C 61 22.52 -36.46 16.51
N ILE C 62 21.36 -35.86 16.26
CA ILE C 62 21.05 -34.52 16.76
C ILE C 62 20.82 -34.51 18.27
N SER C 63 20.39 -35.62 18.86
CA SER C 63 20.14 -35.76 20.29
C SER C 63 20.82 -37.01 20.83
N CYS C 64 22.11 -37.13 20.55
CA CYS C 64 22.85 -38.36 20.82
C CYS C 64 22.83 -38.74 22.30
N GLY C 65 22.88 -37.75 23.19
CA GLY C 65 22.97 -38.06 24.60
C GLY C 65 24.28 -38.78 24.89
N CYS C 66 24.17 -39.92 25.58
CA CYS C 66 25.35 -40.75 25.83
C CYS C 66 25.85 -41.45 24.56
N GLY C 67 25.08 -41.41 23.48
CA GLY C 67 25.52 -41.99 22.22
C GLY C 67 25.04 -43.40 22.00
N ASN C 68 23.76 -43.66 22.25
CA ASN C 68 23.22 -45.00 22.03
C ASN C 68 23.31 -45.38 20.55
N PHE C 69 23.02 -44.44 19.66
CA PHE C 69 23.04 -44.73 18.23
C PHE C 69 24.44 -44.62 17.65
N LEU C 70 25.21 -43.63 18.10
CA LEU C 70 26.52 -43.37 17.49
C LEU C 70 27.50 -44.49 17.76
N LEU C 71 27.42 -45.13 18.95
CA LEU C 71 28.29 -46.26 19.22
C LEU C 71 28.01 -47.42 18.26
N GLU C 72 26.73 -47.69 17.99
CA GLU C 72 26.39 -48.71 17.01
C GLU C 72 26.81 -48.30 15.60
N VAL C 73 26.77 -47.00 15.29
CA VAL C 73 27.27 -46.51 14.01
C VAL C 73 28.76 -46.79 13.88
N TYR C 74 29.52 -46.56 14.95
CA TYR C 74 30.95 -46.81 14.93
C TYR C 74 31.25 -48.29 14.68
N ASP C 75 30.52 -49.19 15.34
CA ASP C 75 30.75 -50.62 15.15
C ASP C 75 30.42 -51.04 13.71
N ILE C 76 29.31 -50.54 13.17
CA ILE C 76 28.93 -50.91 11.81
C ILE C 76 29.93 -50.36 10.80
N LEU C 77 30.35 -49.11 10.98
CA LEU C 77 31.32 -48.51 10.05
C LEU C 77 32.66 -49.23 10.10
N TYR C 78 33.12 -49.61 11.30
CA TYR C 78 34.39 -50.33 11.42
C TYR C 78 34.35 -51.65 10.65
N ASP C 79 33.27 -52.40 10.79
CA ASP C 79 33.15 -53.65 10.04
C ASP C 79 33.03 -53.41 8.54
N LEU C 80 32.41 -52.30 8.14
CA LEU C 80 32.29 -51.99 6.71
C LEU C 80 33.63 -51.62 6.10
N PHE C 81 34.44 -50.83 6.82
CA PHE C 81 35.77 -50.49 6.32
C PHE C 81 36.68 -51.70 6.26
N GLU C 82 36.57 -52.59 7.25
CA GLU C 82 37.47 -53.75 7.31
C GLU C 82 37.27 -54.67 6.12
N GLU C 83 36.01 -54.91 5.73
CA GLU C 83 35.71 -55.84 4.64
C GLU C 83 36.03 -55.27 3.26
N ASN C 84 36.20 -53.96 3.13
CA ASN C 84 36.44 -53.32 1.84
C ASN C 84 37.78 -52.58 1.82
N ILE C 85 38.76 -53.06 2.60
CA ILE C 85 39.99 -52.30 2.76
C ILE C 85 40.88 -52.44 1.54
N TYR C 86 40.86 -53.59 0.87
CA TYR C 86 41.74 -53.81 -0.28
C TYR C 86 41.35 -52.92 -1.45
N GLU C 87 40.05 -52.83 -1.74
CA GLU C 87 39.60 -51.94 -2.81
C GLU C 87 39.82 -50.48 -2.44
N LEU C 88 39.83 -50.16 -1.16
CA LEU C 88 40.15 -48.80 -0.73
C LEU C 88 41.62 -48.48 -1.03
N LYS C 89 42.52 -49.43 -0.77
CA LYS C 89 43.93 -49.22 -1.06
C LYS C 89 44.22 -49.22 -2.56
N LYS C 90 43.31 -49.76 -3.38
CA LYS C 90 43.52 -49.80 -4.82
C LYS C 90 42.93 -48.57 -5.52
N LYS C 91 41.65 -48.27 -5.25
CA LYS C 91 40.98 -47.14 -5.89
C LYS C 91 41.46 -45.79 -5.35
N TYR C 92 41.85 -45.74 -4.08
CA TYR C 92 42.29 -44.51 -3.42
C TYR C 92 43.74 -44.66 -2.97
N ASP C 93 44.20 -43.71 -2.17
CA ASP C 93 45.56 -43.74 -1.61
C ASP C 93 45.86 -45.08 -0.98
N GLU C 94 46.89 -45.75 -1.47
CA GLU C 94 47.20 -47.10 -1.01
C GLU C 94 47.73 -47.08 0.42
N ASN C 95 48.61 -46.14 0.75
CA ASN C 95 49.25 -46.13 2.06
C ASN C 95 48.28 -45.71 3.16
N TYR C 96 47.51 -44.63 2.94
CA TYR C 96 46.67 -44.10 3.99
C TYR C 96 45.50 -45.04 4.34
N TRP C 97 44.96 -45.74 3.35
CA TRP C 97 43.84 -46.65 3.58
C TRP C 97 44.37 -47.95 4.15
N THR C 98 44.50 -47.99 5.47
CA THR C 98 44.98 -49.17 6.19
C THR C 98 44.06 -49.44 7.37
N VAL C 99 44.23 -50.63 7.96
CA VAL C 99 43.41 -51.00 9.11
C VAL C 99 43.76 -50.14 10.32
N ASP C 100 45.05 -49.82 10.48
CA ASP C 100 45.48 -49.04 11.64
C ASP C 100 44.85 -47.65 11.64
N ASN C 101 44.61 -47.07 10.47
CA ASN C 101 44.03 -45.74 10.36
C ASN C 101 42.51 -45.74 10.37
N ILE C 102 41.88 -46.92 10.34
CA ILE C 102 40.41 -46.99 10.31
C ILE C 102 39.82 -46.37 11.57
N HIS C 103 40.44 -46.62 12.72
CA HIS C 103 39.97 -46.02 13.97
C HIS C 103 39.98 -44.49 13.88
N ARG C 104 41.11 -43.91 13.48
CA ARG C 104 41.22 -42.47 13.41
C ARG C 104 40.34 -41.88 12.30
N HIS C 105 40.09 -42.64 11.24
CA HIS C 105 39.31 -42.12 10.13
C HIS C 105 37.84 -41.95 10.49
N ILE C 106 37.31 -42.85 11.32
CA ILE C 106 35.89 -42.81 11.65
C ILE C 106 35.57 -41.56 12.48
N LEU C 107 36.36 -41.31 13.52
CA LEU C 107 36.07 -40.18 14.40
C LEU C 107 36.32 -38.85 13.69
N ASN C 108 37.36 -38.79 12.85
CA ASN C 108 37.77 -37.51 12.27
C ASN C 108 36.78 -37.02 11.22
N TYR C 109 36.21 -37.92 10.42
CA TYR C 109 35.47 -37.53 9.23
C TYR C 109 34.04 -38.05 9.14
N CYS C 110 33.63 -39.02 9.96
CA CYS C 110 32.38 -39.72 9.71
C CYS C 110 31.29 -39.49 10.75
N ILE C 111 31.65 -39.41 12.04
CA ILE C 111 30.67 -39.40 13.12
C ILE C 111 30.44 -37.98 13.60
N TYR C 112 29.17 -37.59 13.74
CA TYR C 112 28.77 -36.30 14.26
C TYR C 112 27.65 -36.47 15.28
N GLY C 113 27.70 -35.69 16.34
CA GLY C 113 26.69 -35.75 17.38
C GLY C 113 26.62 -34.44 18.14
N ALA C 114 25.40 -34.10 18.58
CA ALA C 114 25.17 -32.87 19.32
C ALA C 114 24.20 -33.15 20.45
N ASP C 115 24.34 -32.38 21.54
CA ASP C 115 23.50 -32.51 22.71
C ASP C 115 23.81 -31.36 23.67
N ILE C 116 22.79 -30.94 24.43
CA ILE C 116 22.97 -29.86 25.40
C ILE C 116 23.56 -30.33 26.72
N ASP C 117 23.57 -31.64 26.99
CA ASP C 117 24.07 -32.17 28.25
C ASP C 117 25.58 -32.34 28.14
N GLU C 118 26.30 -31.47 28.85
CA GLU C 118 27.77 -31.51 28.81
C GLU C 118 28.31 -32.80 29.40
N LYS C 119 27.70 -33.28 30.48
CA LYS C 119 28.15 -34.53 31.09
C LYS C 119 27.99 -35.70 30.12
N ALA C 120 26.81 -35.83 29.53
CA ALA C 120 26.54 -36.96 28.64
C ALA C 120 27.44 -36.94 27.41
N ILE C 121 27.65 -35.76 26.83
CA ILE C 121 28.50 -35.68 25.64
C ILE C 121 29.96 -35.92 26.01
N SER C 122 30.34 -35.67 27.26
CA SER C 122 31.68 -36.04 27.71
C SER C 122 31.81 -37.56 27.83
N ILE C 123 30.74 -38.24 28.24
CA ILE C 123 30.75 -39.69 28.30
C ILE C 123 30.94 -40.28 26.91
N LEU C 124 30.32 -39.66 25.90
CA LEU C 124 30.46 -40.13 24.53
C LEU C 124 31.91 -40.01 24.06
N LYS C 125 32.58 -38.91 24.39
CA LYS C 125 33.98 -38.74 23.99
C LYS C 125 34.86 -39.80 24.64
N ASP C 126 34.64 -40.09 25.93
CA ASP C 126 35.40 -41.15 26.59
C ASP C 126 35.12 -42.50 25.96
N SER C 127 33.85 -42.80 25.67
CA SER C 127 33.51 -44.07 25.04
C SER C 127 34.12 -44.19 23.66
N LEU C 128 34.13 -43.10 22.88
CA LEU C 128 34.73 -43.14 21.56
C LEU C 128 36.24 -43.32 21.63
N THR C 129 36.89 -42.66 22.60
CA THR C 129 38.34 -42.80 22.73
C THR C 129 38.73 -44.22 23.10
N ASN C 130 37.98 -44.86 24.01
CA ASN C 130 38.29 -46.23 24.40
C ASN C 130 38.10 -47.21 23.24
N LYS C 131 36.99 -47.07 22.50
CA LYS C 131 36.69 -47.99 21.41
C LYS C 131 37.60 -47.73 20.21
N ILE C 142 43.21 -37.40 17.65
CA ILE C 142 42.12 -37.16 16.71
C ILE C 142 41.04 -36.28 17.34
N LYS C 143 40.36 -35.50 16.52
CA LYS C 143 39.30 -34.61 16.98
C LYS C 143 37.95 -35.24 16.68
N ILE C 144 37.17 -35.48 17.74
CA ILE C 144 35.84 -36.04 17.61
C ILE C 144 34.85 -34.91 17.37
N ASN C 145 33.95 -35.09 16.40
CA ASN C 145 33.03 -34.04 15.97
C ASN C 145 31.79 -34.07 16.87
N LEU C 146 31.97 -33.54 18.08
CA LEU C 146 30.89 -33.41 19.05
C LEU C 146 30.67 -31.94 19.37
N PHE C 147 29.40 -31.55 19.51
CA PHE C 147 29.04 -30.16 19.79
C PHE C 147 28.05 -30.14 20.94
N CYS C 148 28.41 -29.44 22.02
CA CYS C 148 27.52 -29.24 23.15
C CYS C 148 26.74 -27.95 22.92
N CYS C 149 25.52 -28.08 22.40
CA CYS C 149 24.77 -26.91 21.96
C CYS C 149 23.30 -27.28 21.82
N ASP C 150 22.47 -26.25 21.69
CA ASP C 150 21.07 -26.40 21.31
C ASP C 150 21.03 -26.82 19.84
N SER C 151 20.59 -28.06 19.58
CA SER C 151 20.65 -28.60 18.23
C SER C 151 19.73 -27.85 17.28
N LEU C 152 18.60 -27.34 17.78
CA LEU C 152 17.69 -26.58 16.92
C LEU C 152 18.24 -25.22 16.53
N LYS C 153 19.30 -24.75 17.20
CA LYS C 153 19.90 -23.45 16.88
C LYS C 153 21.26 -23.55 16.22
N LYS C 154 21.95 -24.68 16.35
CA LYS C 154 23.32 -24.81 15.85
C LYS C 154 23.33 -24.75 14.33
N LYS C 155 23.90 -23.68 13.77
CA LYS C 155 24.04 -23.58 12.33
C LYS C 155 25.01 -24.64 11.82
N TRP C 156 24.62 -25.32 10.75
CA TRP C 156 25.44 -26.36 10.15
C TRP C 156 25.98 -25.86 8.82
N ARG C 157 27.31 -25.88 8.68
CA ARG C 157 27.95 -25.43 7.46
C ARG C 157 27.90 -26.47 6.35
N TYR C 158 27.51 -27.70 6.65
CA TYR C 158 27.49 -28.77 5.67
C TYR C 158 26.40 -29.77 6.02
N LYS C 159 25.61 -30.17 5.02
CA LYS C 159 24.54 -31.13 5.23
C LYS C 159 25.11 -32.52 5.45
N PHE C 160 24.24 -33.46 5.81
CA PHE C 160 24.65 -34.78 6.27
C PHE C 160 24.06 -35.88 5.40
N ASP C 161 24.84 -36.94 5.21
CA ASP C 161 24.42 -38.09 4.41
C ASP C 161 23.38 -38.95 5.13
N TYR C 162 23.54 -39.16 6.43
CA TYR C 162 22.61 -40.00 7.18
C TYR C 162 22.36 -39.39 8.55
N ILE C 163 21.13 -39.50 9.04
CA ILE C 163 20.73 -38.96 10.33
C ILE C 163 19.94 -40.02 11.09
N VAL C 164 20.32 -40.24 12.35
CA VAL C 164 19.67 -41.20 13.23
C VAL C 164 19.46 -40.54 14.59
N GLY C 165 18.62 -41.15 15.42
CA GLY C 165 18.53 -40.75 16.80
C GLY C 165 17.11 -40.84 17.34
N ASN C 166 16.97 -40.38 18.58
CA ASN C 166 15.71 -40.41 19.32
C ASN C 166 15.56 -39.07 20.01
N PRO C 167 14.84 -38.12 19.41
CA PRO C 167 14.80 -36.75 19.95
C PRO C 167 13.99 -36.68 21.23
N PRO C 168 14.08 -35.58 21.97
CA PRO C 168 13.25 -35.42 23.16
C PRO C 168 11.80 -35.09 22.81
N TYR C 169 10.89 -35.61 23.64
CA TYR C 169 9.46 -35.34 23.51
C TYR C 169 9.04 -34.49 24.70
N ILE C 170 8.62 -33.25 24.43
CA ILE C 170 8.14 -32.34 25.47
C ILE C 170 6.89 -31.65 24.96
N GLY C 171 5.77 -31.83 25.67
CA GLY C 171 4.50 -31.27 25.28
C GLY C 171 4.37 -29.80 25.65
N HIS C 172 3.16 -29.28 25.47
CA HIS C 172 2.93 -27.86 25.68
C HIS C 172 2.91 -27.50 27.15
N LYS C 173 2.50 -28.42 28.03
CA LYS C 173 2.49 -28.13 29.45
C LYS C 173 3.90 -28.04 30.02
N LYS C 174 4.75 -29.01 29.70
CA LYS C 174 6.06 -29.15 30.32
C LYS C 174 7.15 -28.34 29.65
N LEU C 175 6.86 -27.70 28.53
CA LEU C 175 7.86 -26.90 27.81
C LEU C 175 7.89 -25.48 28.35
N GLU C 176 9.10 -24.96 28.54
CA GLU C 176 9.27 -23.61 29.08
C GLU C 176 8.73 -22.57 28.11
N LYS C 177 8.08 -21.55 28.66
CA LYS C 177 7.43 -20.54 27.81
C LYS C 177 8.46 -19.74 27.01
N LYS C 178 9.62 -19.46 27.62
CA LYS C 178 10.65 -18.69 26.91
C LYS C 178 11.13 -19.41 25.67
N TYR C 179 11.31 -20.73 25.76
CA TYR C 179 11.73 -21.51 24.59
C TYR C 179 10.59 -21.66 23.58
N LYS C 180 9.34 -21.63 24.04
CA LYS C 180 8.20 -21.69 23.12
C LYS C 180 8.20 -20.49 22.18
N LYS C 181 8.60 -19.31 22.68
CA LYS C 181 8.63 -18.12 21.85
C LYS C 181 9.60 -18.31 20.68
N PHE C 182 10.77 -18.90 20.94
CA PHE C 182 11.71 -19.20 19.86
C PHE C 182 11.14 -20.22 18.89
N LEU C 183 10.50 -21.28 19.41
CA LEU C 183 9.94 -22.30 18.55
C LEU C 183 8.81 -21.75 17.68
N LEU C 184 7.95 -20.91 18.25
CA LEU C 184 6.85 -20.33 17.49
C LEU C 184 7.34 -19.38 16.40
N GLU C 185 8.55 -18.83 16.54
CA GLU C 185 9.09 -17.88 15.57
C GLU C 185 9.79 -18.59 14.41
N LYS C 186 10.79 -19.43 14.70
CA LYS C 186 11.61 -20.03 13.67
C LYS C 186 11.07 -21.37 13.17
N TYR C 187 10.18 -22.02 13.90
CA TYR C 187 9.65 -23.32 13.52
C TYR C 187 8.14 -23.30 13.33
N SER C 188 7.60 -22.17 12.85
CA SER C 188 6.16 -22.04 12.66
C SER C 188 5.60 -23.00 11.63
N GLU C 189 6.43 -23.47 10.68
CA GLU C 189 5.94 -24.40 9.67
C GLU C 189 5.48 -25.71 10.26
N VAL C 190 5.97 -26.08 11.44
CA VAL C 190 5.54 -27.32 12.09
C VAL C 190 5.04 -27.12 13.51
N TYR C 191 5.38 -26.03 14.19
CA TYR C 191 5.08 -25.87 15.61
C TYR C 191 4.04 -24.76 15.79
N LYS C 192 2.85 -25.14 16.23
CA LYS C 192 1.80 -24.21 16.60
C LYS C 192 0.99 -24.80 17.74
N ASP C 193 0.41 -23.92 18.56
CA ASP C 193 -0.60 -24.30 19.56
C ASP C 193 -0.09 -25.39 20.50
N LYS C 194 -0.74 -26.57 20.46
CA LYS C 194 -0.40 -27.67 21.34
C LYS C 194 0.59 -28.64 20.72
N ALA C 195 1.45 -28.18 19.83
CA ALA C 195 2.43 -29.04 19.20
C ALA C 195 3.49 -29.49 20.21
N ASP C 196 4.38 -30.37 19.75
CA ASP C 196 5.41 -30.94 20.60
C ASP C 196 6.79 -30.60 20.03
N LEU C 197 7.80 -30.74 20.89
CA LEU C 197 9.17 -30.40 20.52
C LEU C 197 9.71 -31.31 19.42
N TYR C 198 9.34 -32.60 19.43
CA TYR C 198 9.85 -33.49 18.41
C TYR C 198 9.32 -33.17 17.02
N PHE C 199 8.30 -32.32 16.91
CA PHE C 199 7.92 -31.79 15.60
C PHE C 199 9.07 -30.97 15.02
N CYS C 200 9.69 -30.13 15.84
CA CYS C 200 10.77 -29.27 15.37
C CYS C 200 12.03 -30.07 15.07
N PHE C 201 12.29 -31.13 15.84
CA PHE C 201 13.42 -32.00 15.53
C PHE C 201 13.23 -32.72 14.20
N TYR C 202 11.98 -33.05 13.85
CA TYR C 202 11.70 -33.58 12.52
C TYR C 202 12.07 -32.58 11.43
N LYS C 203 11.71 -31.30 11.62
CA LYS C 203 12.01 -30.30 10.61
C LYS C 203 13.51 -30.06 10.50
N LYS C 204 14.21 -29.98 11.64
CA LYS C 204 15.66 -29.75 11.60
C LYS C 204 16.38 -30.90 10.93
N ILE C 205 15.98 -32.13 11.21
CA ILE C 205 16.62 -33.30 10.60
C ILE C 205 16.40 -33.29 9.09
N ILE C 206 15.17 -33.00 8.65
CA ILE C 206 14.89 -32.96 7.21
C ILE C 206 15.71 -31.89 6.52
N ASP C 207 15.78 -30.70 7.11
CA ASP C 207 16.42 -29.57 6.46
C ASP C 207 17.91 -29.80 6.23
N ILE C 208 18.61 -30.37 7.22
CA ILE C 208 20.06 -30.50 7.14
C ILE C 208 20.43 -31.86 6.58
N LEU C 209 19.47 -32.53 5.96
CA LEU C 209 19.73 -33.79 5.28
C LEU C 209 20.19 -33.49 3.86
N LYS C 210 21.35 -34.05 3.49
CA LYS C 210 21.87 -33.88 2.14
C LYS C 210 20.97 -34.59 1.14
N GLN C 211 20.95 -34.08 -0.09
CA GLN C 211 20.15 -34.69 -1.13
C GLN C 211 20.64 -36.10 -1.41
N GLY C 212 19.70 -37.04 -1.43
CA GLY C 212 20.03 -38.45 -1.51
C GLY C 212 20.30 -39.11 -0.16
N GLY C 213 20.24 -38.35 0.93
CA GLY C 213 20.47 -38.91 2.25
C GLY C 213 19.25 -39.62 2.80
N ILE C 214 19.48 -40.32 3.91
CA ILE C 214 18.44 -41.12 4.55
C ILE C 214 18.38 -40.75 6.03
N GLY C 215 17.16 -40.62 6.54
CA GLY C 215 16.94 -40.37 7.95
C GLY C 215 16.07 -41.46 8.56
N SER C 216 16.37 -41.81 9.81
CA SER C 216 15.60 -42.82 10.54
C SER C 216 15.59 -42.46 12.02
N VAL C 217 14.40 -42.28 12.58
CA VAL C 217 14.24 -41.85 13.96
C VAL C 217 13.10 -42.63 14.61
N ILE C 218 13.10 -42.64 15.94
CA ILE C 218 11.97 -43.13 16.73
C ILE C 218 11.42 -41.97 17.54
N THR C 219 10.13 -41.70 17.37
CA THR C 219 9.44 -40.57 17.99
C THR C 219 8.10 -41.06 18.50
N PRO C 220 7.29 -40.22 19.17
CA PRO C 220 5.92 -40.63 19.47
C PRO C 220 5.13 -40.85 18.19
N ARG C 221 4.16 -41.76 18.27
CA ARG C 221 3.31 -42.07 17.13
C ARG C 221 2.15 -41.10 16.96
N TYR C 222 1.94 -40.21 17.93
CA TYR C 222 0.70 -39.42 17.96
C TYR C 222 0.61 -38.44 16.80
N PHE C 223 1.74 -37.99 16.26
CA PHE C 223 1.70 -37.02 15.16
C PHE C 223 1.10 -37.61 13.88
N LEU C 224 1.03 -38.95 13.77
CA LEU C 224 0.44 -39.56 12.59
C LEU C 224 -1.04 -39.25 12.46
N GLU C 225 -1.72 -38.97 13.58
CA GLU C 225 -3.16 -38.75 13.58
C GLU C 225 -3.60 -37.47 14.28
N SER C 226 -2.75 -36.88 15.13
CA SER C 226 -3.18 -35.75 15.96
C SER C 226 -3.45 -34.52 15.10
N LEU C 227 -4.34 -33.66 15.62
CA LEU C 227 -4.61 -32.39 14.97
C LEU C 227 -3.37 -31.51 14.94
N SER C 228 -2.58 -31.52 16.01
CA SER C 228 -1.38 -30.70 16.08
C SER C 228 -0.35 -31.08 15.04
N GLY C 229 -0.39 -32.30 14.53
CA GLY C 229 0.56 -32.76 13.55
C GLY C 229 0.20 -32.52 12.10
N LYS C 230 -0.88 -31.78 11.83
CA LYS C 230 -1.28 -31.57 10.45
C LYS C 230 -0.21 -30.85 9.64
N ASP C 231 0.40 -29.82 10.24
CA ASP C 231 1.47 -29.11 9.55
C ASP C 231 2.71 -30.00 9.39
N LEU C 232 3.04 -30.77 10.41
CA LEU C 232 4.24 -31.61 10.35
C LEU C 232 4.11 -32.68 9.26
N ARG C 233 2.95 -33.32 9.17
CA ARG C 233 2.73 -34.30 8.11
C ARG C 233 2.86 -33.67 6.73
N GLU C 234 2.31 -32.47 6.56
CA GLU C 234 2.46 -31.75 5.30
C GLU C 234 3.92 -31.42 5.02
N TYR C 235 4.65 -30.98 6.06
CA TYR C 235 6.07 -30.67 5.88
C TYR C 235 6.86 -31.93 5.53
N ILE C 236 6.54 -33.05 6.18
CA ILE C 236 7.18 -34.32 5.84
C ILE C 236 6.79 -34.77 4.44
N LYS C 237 5.50 -34.66 4.11
CA LYS C 237 5.01 -35.16 2.83
C LYS C 237 5.67 -34.46 1.64
N SER C 238 6.00 -33.18 1.80
CA SER C 238 6.48 -32.35 0.70
C SER C 238 7.99 -32.20 0.63
N ASN C 239 8.74 -32.87 1.51
CA ASN C 239 10.19 -32.70 1.54
C ASN C 239 10.99 -33.99 1.49
N VAL C 240 10.41 -35.14 1.85
CA VAL C 240 11.12 -36.41 1.79
C VAL C 240 10.19 -37.48 1.23
N ASN C 241 10.80 -38.54 0.72
CA ASN C 241 10.07 -39.77 0.40
C ASN C 241 10.06 -40.64 1.66
N VAL C 242 8.86 -41.02 2.10
CA VAL C 242 8.71 -41.82 3.31
C VAL C 242 8.85 -43.28 2.93
N GLN C 243 9.96 -43.90 3.32
CA GLN C 243 10.24 -45.28 2.93
C GLN C 243 9.33 -46.24 3.69
N GLU C 244 9.41 -46.24 5.01
CA GLU C 244 8.59 -47.16 5.79
C GLU C 244 8.19 -46.51 7.11
N ILE C 245 7.06 -46.98 7.67
CA ILE C 245 6.54 -46.53 8.96
C ILE C 245 6.31 -47.77 9.82
N VAL C 246 7.07 -47.88 10.91
CA VAL C 246 6.89 -48.94 11.90
C VAL C 246 6.07 -48.36 13.04
N ASP C 247 4.82 -48.78 13.13
CA ASP C 247 3.88 -48.29 14.13
C ASP C 247 3.67 -49.38 15.18
N PHE C 248 4.02 -49.05 16.42
CA PHE C 248 3.84 -49.97 17.55
C PHE C 248 2.49 -49.80 18.23
N LEU C 249 1.68 -48.82 17.82
CA LEU C 249 0.37 -48.54 18.40
C LEU C 249 0.56 -48.37 19.91
N GLY C 250 -0.28 -48.98 20.75
CA GLY C 250 -0.21 -48.81 22.19
C GLY C 250 0.81 -49.65 22.90
N ALA C 251 1.68 -50.35 22.18
CA ALA C 251 2.68 -51.19 22.81
C ALA C 251 3.66 -50.36 23.63
N ASN C 252 4.10 -50.94 24.76
CA ASN C 252 5.01 -50.26 25.68
C ASN C 252 6.44 -50.56 25.25
N ILE C 253 7.06 -49.62 24.55
CA ILE C 253 8.41 -49.80 24.05
C ILE C 253 9.46 -49.40 25.08
N PHE C 254 9.22 -48.31 25.81
CA PHE C 254 10.13 -47.85 26.85
C PHE C 254 9.58 -48.24 28.21
N LYS C 255 10.38 -48.97 28.98
CA LYS C 255 9.94 -49.46 30.27
C LYS C 255 9.68 -48.30 31.23
N ASN C 256 8.56 -48.38 31.95
CA ASN C 256 8.15 -47.36 32.93
C ASN C 256 8.01 -45.98 32.30
N ILE C 257 7.68 -45.93 31.01
CA ILE C 257 7.44 -44.69 30.28
C ILE C 257 6.08 -44.78 29.62
N GLY C 258 5.25 -43.77 29.81
CA GLY C 258 3.91 -43.76 29.24
C GLY C 258 3.85 -43.10 27.88
N VAL C 259 4.59 -43.61 26.91
CA VAL C 259 4.57 -43.10 25.55
C VAL C 259 4.43 -44.27 24.60
N SER C 260 3.77 -44.02 23.47
CA SER C 260 3.64 -44.98 22.39
C SER C 260 4.44 -44.49 21.20
N SER C 261 5.31 -45.35 20.67
CA SER C 261 6.36 -44.93 19.76
C SER C 261 6.09 -45.40 18.33
N CYS C 262 6.89 -44.86 17.41
CA CYS C 262 6.90 -45.29 16.02
C CYS C 262 8.26 -45.00 15.43
N ILE C 263 8.59 -45.70 14.36
CA ILE C 263 9.86 -45.53 13.65
C ILE C 263 9.56 -45.02 12.25
N LEU C 264 10.18 -43.91 11.89
CA LEU C 264 9.99 -43.28 10.59
C LEU C 264 11.31 -43.27 9.83
N THR C 265 11.30 -43.81 8.62
CA THR C 265 12.47 -43.83 7.74
C THR C 265 12.14 -43.12 6.44
N PHE C 266 13.00 -42.20 6.04
CA PHE C 266 12.72 -41.34 4.89
C PHE C 266 14.03 -40.99 4.19
N ASP C 267 13.90 -40.59 2.93
CA ASP C 267 15.06 -40.25 2.11
C ASP C 267 14.74 -39.05 1.23
N LYS C 268 15.81 -38.38 0.79
CA LYS C 268 15.72 -37.30 -0.18
C LYS C 268 16.23 -37.72 -1.55
N LYS C 269 16.09 -39.00 -1.88
CA LYS C 269 16.59 -39.52 -3.15
C LYS C 269 15.60 -39.23 -4.28
N LYS C 270 16.03 -39.57 -5.50
CA LYS C 270 15.18 -39.36 -6.67
C LYS C 270 13.88 -40.13 -6.50
N THR C 271 12.76 -39.43 -6.69
CA THR C 271 11.44 -39.98 -6.39
C THR C 271 11.13 -41.19 -7.27
N LYS C 272 11.10 -42.37 -6.65
CA LYS C 272 10.73 -43.61 -7.31
C LYS C 272 9.22 -43.81 -7.19
N GLU C 273 8.73 -45.02 -7.42
CA GLU C 273 7.32 -45.33 -7.21
C GLU C 273 6.84 -44.94 -5.82
N THR C 274 7.76 -44.75 -4.87
CA THR C 274 7.52 -44.19 -3.54
C THR C 274 6.25 -44.73 -2.90
N TYR C 275 6.15 -46.06 -2.84
CA TYR C 275 5.14 -46.72 -2.03
C TYR C 275 5.69 -46.91 -0.62
N ILE C 276 4.88 -46.54 0.38
CA ILE C 276 5.32 -46.56 1.76
C ILE C 276 5.00 -47.93 2.37
N ASP C 277 6.00 -48.55 2.99
CA ASP C 277 5.83 -49.84 3.65
C ASP C 277 5.43 -49.58 5.09
N VAL C 278 4.19 -49.92 5.44
CA VAL C 278 3.66 -49.63 6.77
C VAL C 278 3.55 -50.94 7.54
N PHE C 279 4.23 -51.00 8.68
CA PHE C 279 4.13 -52.14 9.61
C PHE C 279 3.35 -51.68 10.83
N LYS C 280 2.13 -52.19 10.99
CA LYS C 280 1.32 -51.92 12.17
C LYS C 280 1.26 -53.17 13.03
N ILE C 281 1.54 -53.02 14.32
CA ILE C 281 1.51 -54.15 15.23
C ILE C 281 0.08 -54.64 15.38
N LYS C 282 -0.06 -55.96 15.60
CA LYS C 282 -1.38 -56.55 15.76
C LYS C 282 -1.68 -56.94 17.20
N ASN C 283 -0.66 -57.08 18.04
CA ASN C 283 -0.83 -57.37 19.46
C ASN C 283 -0.02 -56.36 20.25
N GLU C 284 -0.70 -55.49 21.00
CA GLU C 284 -0.03 -54.46 21.76
C GLU C 284 0.67 -54.99 23.01
N ASP C 285 0.48 -56.27 23.34
CA ASP C 285 0.97 -56.83 24.58
C ASP C 285 2.40 -57.37 24.49
N ILE C 286 3.07 -57.21 23.36
CA ILE C 286 4.39 -57.81 23.19
C ILE C 286 5.41 -57.09 24.07
N CYS C 287 6.30 -57.88 24.68
CA CYS C 287 7.44 -57.34 25.40
C CYS C 287 8.62 -57.22 24.43
N ILE C 288 9.17 -56.01 24.34
CA ILE C 288 10.15 -55.73 23.28
C ILE C 288 11.47 -56.47 23.53
N ASN C 289 11.85 -56.64 24.80
CA ASN C 289 13.16 -57.22 25.14
C ASN C 289 13.21 -58.73 24.97
N LYS C 290 12.18 -59.34 24.39
CA LYS C 290 12.13 -60.78 24.22
C LYS C 290 12.47 -61.22 22.79
N PHE C 291 12.99 -60.31 21.96
CA PHE C 291 13.28 -60.61 20.57
C PHE C 291 14.72 -60.25 20.23
N GLU C 292 15.39 -61.15 19.50
CA GLU C 292 16.78 -60.94 19.15
C GLU C 292 16.94 -59.76 18.19
N THR C 293 16.08 -59.67 17.19
CA THR C 293 16.11 -58.58 16.23
C THR C 293 14.69 -58.07 16.00
N LEU C 294 14.60 -56.83 15.53
CA LEU C 294 13.30 -56.25 15.21
C LEU C 294 12.70 -56.89 13.95
N GLU C 295 13.56 -57.29 13.01
CA GLU C 295 13.06 -57.91 11.77
C GLU C 295 12.34 -59.21 12.05
N GLU C 296 12.70 -59.91 13.14
CA GLU C 296 11.96 -61.10 13.54
C GLU C 296 10.50 -60.75 13.82
N LEU C 297 10.25 -59.62 14.48
CA LEU C 297 8.89 -59.16 14.72
C LEU C 297 8.21 -58.74 13.43
N LEU C 298 8.88 -57.91 12.63
CA LEU C 298 8.25 -57.33 11.45
C LEU C 298 7.92 -58.39 10.42
N LYS C 299 8.80 -59.37 10.21
CA LYS C 299 8.61 -60.41 9.20
C LYS C 299 7.86 -61.61 9.74
N SER C 300 7.04 -61.42 10.77
CA SER C 300 6.27 -62.51 11.38
C SER C 300 4.78 -62.14 11.35
N SER C 301 3.96 -62.99 11.98
CA SER C 301 2.53 -62.76 12.07
C SER C 301 2.15 -61.69 13.09
N LYS C 302 3.13 -61.20 13.86
CA LYS C 302 2.86 -60.16 14.86
C LYS C 302 2.68 -58.77 14.25
N PHE C 303 2.95 -58.60 12.96
CA PHE C 303 2.90 -57.28 12.33
C PHE C 303 2.21 -57.39 10.98
N GLU C 304 1.17 -56.58 10.79
CA GLU C 304 0.55 -56.44 9.48
C GLU C 304 1.35 -55.47 8.62
N HIS C 305 1.43 -55.76 7.32
CA HIS C 305 2.12 -54.91 6.37
C HIS C 305 1.19 -54.57 5.22
N PHE C 306 1.30 -53.33 4.72
CA PHE C 306 0.58 -52.91 3.53
C PHE C 306 1.30 -51.70 2.94
N ASN C 307 0.93 -51.35 1.71
CA ASN C 307 1.54 -50.25 0.99
C ASN C 307 0.61 -49.05 0.96
N ILE C 308 1.20 -47.86 1.01
CA ILE C 308 0.47 -46.59 0.92
C ILE C 308 1.15 -45.72 -0.12
N ASN C 309 0.36 -45.17 -1.04
CA ASN C 309 0.89 -44.23 -2.02
C ASN C 309 1.09 -42.88 -1.36
N GLN C 310 2.35 -42.41 -1.35
CA GLN C 310 2.65 -41.15 -0.68
C GLN C 310 2.01 -39.96 -1.40
N ARG C 311 1.95 -40.01 -2.73
CA ARG C 311 1.34 -38.94 -3.50
C ARG C 311 -0.17 -38.84 -3.31
N LEU C 312 -0.79 -39.85 -2.71
CA LEU C 312 -2.23 -39.88 -2.50
C LEU C 312 -2.63 -39.45 -1.09
N LEU C 313 -1.69 -38.96 -0.30
CA LEU C 313 -1.98 -38.55 1.07
C LEU C 313 -2.54 -37.15 1.09
N SER C 314 -3.62 -36.96 1.86
CA SER C 314 -4.18 -35.64 2.14
C SER C 314 -3.53 -35.10 3.40
N ASP C 315 -4.10 -34.02 3.96
CA ASP C 315 -3.62 -33.51 5.24
C ASP C 315 -3.77 -34.54 6.36
N GLU C 316 -4.61 -35.55 6.19
CA GLU C 316 -4.74 -36.66 7.12
C GLU C 316 -4.18 -37.92 6.47
N TRP C 317 -3.36 -38.65 7.22
CA TRP C 317 -2.70 -39.86 6.72
C TRP C 317 -3.56 -41.07 7.11
N ILE C 318 -4.29 -41.61 6.15
CA ILE C 318 -5.15 -42.77 6.39
C ILE C 318 -4.30 -44.00 6.06
N LEU C 319 -3.66 -44.54 7.09
CA LEU C 319 -2.74 -45.67 6.93
C LEU C 319 -3.51 -46.95 7.27
N VAL C 320 -4.18 -47.52 6.27
CA VAL C 320 -4.97 -48.73 6.43
C VAL C 320 -4.80 -49.59 5.18
N ASN C 321 -5.26 -50.83 5.26
CA ASN C 321 -5.21 -51.74 4.12
C ASN C 321 -6.35 -51.42 3.15
N LYS C 322 -6.42 -52.20 2.07
CA LYS C 322 -7.43 -51.94 1.04
C LYS C 322 -8.84 -52.14 1.57
N ASP C 323 -9.05 -53.16 2.40
CA ASP C 323 -10.39 -53.44 2.91
C ASP C 323 -10.91 -52.29 3.77
N ASP C 324 -10.08 -51.80 4.70
CA ASP C 324 -10.50 -50.71 5.55
C ASP C 324 -10.72 -49.44 4.75
N GLU C 325 -9.87 -49.20 3.74
CA GLU C 325 -10.01 -48.01 2.90
C GLU C 325 -11.35 -48.00 2.18
N THR C 326 -11.71 -49.13 1.56
CA THR C 326 -12.99 -49.22 0.88
C THR C 326 -14.16 -49.09 1.86
N PHE C 327 -14.04 -49.75 3.02
CA PHE C 327 -15.09 -49.67 4.03
C PHE C 327 -15.25 -48.24 4.54
N TYR C 328 -14.13 -47.57 4.80
CA TYR C 328 -14.19 -46.18 5.28
C TYR C 328 -14.79 -45.26 4.24
N ASN C 329 -14.39 -45.41 2.97
CA ASN C 329 -14.89 -44.53 1.93
C ASN C 329 -16.37 -44.76 1.63
N LYS C 330 -16.86 -45.99 1.79
CA LYS C 330 -18.28 -46.25 1.60
C LYS C 330 -19.11 -45.45 2.60
N ILE C 331 -18.71 -45.48 3.87
CA ILE C 331 -19.44 -44.74 4.89
C ILE C 331 -19.34 -43.24 4.67
N GLN C 332 -18.16 -42.77 4.28
CA GLN C 332 -17.95 -41.33 4.10
C GLN C 332 -18.87 -40.76 3.03
N GLU C 333 -18.92 -41.42 1.86
CA GLU C 333 -19.72 -40.89 0.76
C GLU C 333 -21.21 -41.11 0.97
N LYS C 334 -21.59 -42.24 1.59
CA LYS C 334 -23.01 -42.55 1.77
C LYS C 334 -23.68 -41.58 2.72
N CYS C 335 -22.99 -41.20 3.81
CA CYS C 335 -23.58 -40.33 4.82
C CYS C 335 -23.65 -38.90 4.33
N LYS C 336 -24.80 -38.26 4.56
CA LYS C 336 -25.00 -36.87 4.16
C LYS C 336 -24.67 -35.87 5.26
N TYR C 337 -24.68 -36.30 6.52
CA TYR C 337 -24.48 -35.41 7.66
C TYR C 337 -23.24 -35.83 8.44
N SER C 338 -22.74 -34.90 9.25
CA SER C 338 -21.74 -35.18 10.27
C SER C 338 -22.28 -34.71 11.61
N LEU C 339 -21.68 -35.22 12.68
CA LEU C 339 -22.13 -34.84 14.03
C LEU C 339 -21.95 -33.34 14.25
N GLU C 340 -20.90 -32.75 13.68
CA GLU C 340 -20.70 -31.31 13.79
C GLU C 340 -21.84 -30.54 13.13
N ASP C 341 -22.43 -31.09 12.07
CA ASP C 341 -23.52 -30.41 11.38
C ASP C 341 -24.79 -30.32 12.22
N ILE C 342 -25.05 -31.33 13.06
CA ILE C 342 -26.35 -31.47 13.71
C ILE C 342 -26.28 -31.27 15.22
N ALA C 343 -25.11 -31.10 15.81
CA ALA C 343 -25.00 -31.08 17.26
C ALA C 343 -24.08 -29.97 17.71
N ILE C 344 -24.26 -29.55 18.97
CA ILE C 344 -23.40 -28.57 19.62
C ILE C 344 -22.54 -29.31 20.63
N SER C 345 -21.22 -29.27 20.43
CA SER C 345 -20.28 -29.98 21.28
C SER C 345 -19.60 -29.03 22.25
N PHE C 346 -19.25 -29.54 23.43
CA PHE C 346 -18.53 -28.76 24.42
C PHE C 346 -17.78 -29.67 25.36
N GLN C 347 -16.71 -29.13 25.95
CA GLN C 347 -15.88 -29.81 26.93
C GLN C 347 -16.44 -29.57 28.34
N GLY C 348 -16.06 -30.46 29.25
CA GLY C 348 -16.58 -30.42 30.60
C GLY C 348 -15.97 -29.31 31.43
N ILE C 349 -16.41 -29.27 32.69
CA ILE C 349 -15.90 -28.26 33.62
C ILE C 349 -14.42 -28.47 33.86
N ILE C 350 -13.66 -27.39 33.86
CA ILE C 350 -12.27 -27.40 34.30
C ILE C 350 -12.20 -26.49 35.52
N THR C 351 -12.28 -27.09 36.71
CA THR C 351 -12.23 -26.30 37.94
C THR C 351 -10.87 -25.65 38.12
N GLY C 352 -9.80 -26.33 37.70
CA GLY C 352 -8.45 -25.92 37.97
C GLY C 352 -7.84 -26.53 39.21
N CYS C 353 -8.68 -26.99 40.15
CA CYS C 353 -8.22 -27.75 41.30
C CYS C 353 -9.42 -28.55 41.79
N ASP C 354 -9.47 -29.83 41.42
CA ASP C 354 -10.64 -30.66 41.70
C ASP C 354 -10.84 -30.86 43.21
N LYS C 355 -9.74 -31.00 43.96
CA LYS C 355 -9.85 -31.26 45.39
C LYS C 355 -10.51 -30.12 46.14
N ALA C 356 -10.64 -28.94 45.52
CA ALA C 356 -11.29 -27.80 46.16
C ALA C 356 -12.78 -27.74 45.88
N PHE C 357 -13.29 -28.43 44.85
CA PHE C 357 -14.68 -28.31 44.45
C PHE C 357 -15.44 -29.62 44.37
N ILE C 358 -14.77 -30.78 44.39
CA ILE C 358 -15.41 -32.07 44.20
C ILE C 358 -15.37 -32.84 45.51
N LEU C 359 -16.54 -33.31 45.95
CA LEU C 359 -16.64 -34.15 47.13
C LEU C 359 -17.50 -35.36 46.82
N SER C 360 -17.18 -36.48 47.46
CA SER C 360 -18.04 -37.65 47.37
C SER C 360 -19.39 -37.33 48.02
N LYS C 361 -20.46 -37.87 47.42
CA LYS C 361 -21.80 -37.52 47.88
C LYS C 361 -22.08 -38.01 49.30
N ASP C 362 -21.26 -38.90 49.84
CA ASP C 362 -21.38 -39.32 51.22
C ASP C 362 -20.53 -38.48 52.17
N ASP C 363 -19.79 -37.50 51.66
CA ASP C 363 -18.98 -36.64 52.50
C ASP C 363 -19.88 -35.78 53.38
N VAL C 364 -19.57 -35.73 54.68
CA VAL C 364 -20.39 -34.98 55.61
C VAL C 364 -20.22 -33.48 55.46
N LYS C 365 -19.10 -33.04 54.88
CA LYS C 365 -18.88 -31.60 54.69
C LYS C 365 -19.87 -30.99 53.69
N LEU C 366 -20.62 -31.82 52.97
CA LEU C 366 -21.70 -31.33 52.12
C LEU C 366 -22.84 -30.72 52.93
N ASN C 367 -22.87 -30.93 54.25
CA ASN C 367 -23.85 -30.24 55.07
C ASN C 367 -23.66 -28.73 55.01
N LEU C 368 -22.44 -28.27 54.76
CA LEU C 368 -22.12 -26.85 54.72
C LEU C 368 -22.54 -26.18 53.41
N VAL C 369 -22.97 -26.94 52.41
CA VAL C 369 -23.24 -26.42 51.09
C VAL C 369 -24.73 -26.49 50.82
N ASP C 370 -25.34 -25.34 50.53
CA ASP C 370 -26.73 -25.32 50.09
C ASP C 370 -26.88 -26.11 48.80
N ASP C 371 -27.96 -26.90 48.70
CA ASP C 371 -28.12 -27.83 47.59
C ASP C 371 -28.22 -27.13 46.25
N LYS C 372 -28.58 -25.84 46.21
CA LYS C 372 -28.61 -25.12 44.94
C LYS C 372 -27.24 -24.97 44.32
N PHE C 373 -26.16 -25.04 45.11
CA PHE C 373 -24.80 -24.96 44.60
C PHE C 373 -24.25 -26.31 44.14
N LEU C 374 -24.93 -27.41 44.43
CA LEU C 374 -24.40 -28.74 44.21
C LEU C 374 -24.89 -29.30 42.89
N LYS C 375 -23.96 -29.91 42.14
CA LYS C 375 -24.25 -30.56 40.88
C LYS C 375 -23.72 -31.99 40.93
N CYS C 376 -24.40 -32.88 40.21
CA CYS C 376 -23.90 -34.25 40.06
C CYS C 376 -22.63 -34.26 39.23
N TRP C 377 -21.72 -35.18 39.57
CA TRP C 377 -20.38 -35.20 39.01
C TRP C 377 -20.02 -36.62 38.64
N ILE C 378 -19.68 -36.86 37.38
CA ILE C 378 -19.35 -38.19 36.88
C ILE C 378 -17.96 -38.16 36.26
N LYS C 379 -17.35 -39.34 36.19
CA LYS C 379 -16.04 -39.52 35.60
C LYS C 379 -16.14 -40.36 34.34
N SER C 380 -15.01 -40.52 33.66
CA SER C 380 -14.97 -41.36 32.47
C SER C 380 -15.31 -42.81 32.78
N LYS C 381 -15.15 -43.24 34.04
CA LYS C 381 -15.57 -44.57 34.45
C LYS C 381 -17.06 -44.80 34.21
N ASN C 382 -17.87 -43.78 34.50
CA ASN C 382 -19.31 -43.95 34.62
C ASN C 382 -20.03 -44.04 33.29
N ILE C 383 -19.35 -43.81 32.17
CA ILE C 383 -19.99 -43.84 30.86
C ILE C 383 -19.97 -45.27 30.34
N ASN C 384 -21.15 -45.80 30.07
CA ASN C 384 -21.31 -47.08 29.40
C ASN C 384 -21.96 -46.84 28.04
N LYS C 385 -22.25 -47.92 27.32
CA LYS C 385 -23.09 -47.83 26.13
C LYS C 385 -24.54 -47.59 26.55
N TYR C 386 -25.13 -46.51 26.04
CA TYR C 386 -26.50 -46.02 26.11
C TYR C 386 -26.90 -45.43 27.48
N ILE C 387 -26.09 -45.57 28.54
CA ILE C 387 -26.51 -45.13 29.87
C ILE C 387 -25.28 -44.72 30.68
N VAL C 388 -25.52 -43.88 31.69
CA VAL C 388 -24.49 -43.39 32.58
C VAL C 388 -24.72 -43.97 33.98
N ASP C 389 -23.63 -44.33 34.65
CA ASP C 389 -23.72 -44.78 36.03
C ASP C 389 -24.24 -43.65 36.92
N LYS C 390 -24.88 -44.02 38.03
CA LYS C 390 -25.26 -43.04 39.02
C LYS C 390 -24.02 -42.33 39.57
N SER C 391 -24.11 -41.01 39.71
CA SER C 391 -22.98 -40.22 40.13
C SER C 391 -22.68 -40.42 41.61
N GLU C 392 -21.39 -40.56 41.93
CA GLU C 392 -20.93 -40.74 43.30
C GLU C 392 -20.29 -39.50 43.88
N TYR C 393 -20.04 -38.47 43.07
CA TYR C 393 -19.42 -37.24 43.52
C TYR C 393 -20.40 -36.07 43.31
N ARG C 394 -20.10 -34.97 43.99
CA ARG C 394 -20.84 -33.73 43.85
C ARG C 394 -19.87 -32.59 43.55
N LEU C 395 -20.28 -31.68 42.66
CA LEU C 395 -19.49 -30.51 42.31
C LEU C 395 -20.08 -29.28 42.98
N ILE C 396 -19.22 -28.49 43.62
CA ILE C 396 -19.61 -27.20 44.17
C ILE C 396 -19.44 -26.18 43.07
N TYR C 397 -20.55 -25.65 42.56
CA TYR C 397 -20.52 -24.65 41.48
C TYR C 397 -20.36 -23.28 42.12
N SER C 398 -19.12 -22.98 42.53
CA SER C 398 -18.84 -21.77 43.31
C SER C 398 -19.08 -20.48 42.53
N ASN C 399 -19.21 -20.55 41.21
CA ASN C 399 -19.48 -19.35 40.42
C ASN C 399 -20.83 -18.73 40.76
N ASP C 400 -21.73 -19.49 41.39
CA ASP C 400 -23.04 -18.99 41.80
C ASP C 400 -23.01 -18.31 43.16
N ILE C 401 -21.85 -18.22 43.80
CA ILE C 401 -21.70 -17.47 45.03
C ILE C 401 -21.34 -16.03 44.67
N ASP C 402 -22.23 -15.10 45.03
CA ASP C 402 -22.10 -13.72 44.55
C ASP C 402 -20.81 -13.06 45.06
N ASN C 403 -20.49 -13.24 46.34
CA ASN C 403 -19.30 -12.63 46.91
C ASN C 403 -18.79 -13.51 48.04
N GLU C 404 -17.68 -13.08 48.66
CA GLU C 404 -17.09 -13.86 49.75
C GLU C 404 -17.92 -13.78 51.02
N ASN C 405 -18.58 -12.65 51.27
CA ASN C 405 -19.16 -12.35 52.57
C ASN C 405 -20.57 -12.89 52.76
N THR C 406 -21.11 -13.64 51.80
CA THR C 406 -22.46 -14.20 51.93
C THR C 406 -22.44 -15.65 52.38
N ASN C 407 -21.59 -16.47 51.76
CA ASN C 407 -21.49 -17.90 52.09
C ASN C 407 -20.07 -18.21 52.57
N LYS C 408 -19.57 -17.39 53.49
CA LYS C 408 -18.18 -17.47 53.94
C LYS C 408 -17.79 -18.88 54.38
N ARG C 409 -18.71 -19.60 55.01
CA ARG C 409 -18.36 -20.90 55.59
C ARG C 409 -17.95 -21.89 54.51
N ILE C 410 -18.57 -21.83 53.32
CA ILE C 410 -18.18 -22.71 52.23
C ILE C 410 -16.75 -22.42 51.80
N LEU C 411 -16.43 -21.13 51.62
CA LEU C 411 -15.09 -20.76 51.18
C LEU C 411 -14.05 -21.09 52.24
N ASP C 412 -14.38 -20.86 53.52
CA ASP C 412 -13.38 -21.02 54.58
C ASP C 412 -13.06 -22.49 54.83
N GLU C 413 -14.04 -23.38 54.71
CA GLU C 413 -13.87 -24.75 55.16
C GLU C 413 -13.67 -25.76 54.04
N ILE C 414 -14.01 -25.41 52.80
CA ILE C 414 -13.87 -26.37 51.70
C ILE C 414 -12.95 -25.85 50.61
N ILE C 415 -13.35 -24.75 49.97
CA ILE C 415 -12.60 -24.25 48.83
C ILE C 415 -11.28 -23.63 49.27
N GLY C 416 -11.29 -22.88 50.38
CA GLY C 416 -10.10 -22.18 50.85
C GLY C 416 -8.99 -23.08 51.32
N LEU C 417 -9.25 -24.38 51.50
CA LEU C 417 -8.19 -25.31 51.87
C LEU C 417 -7.12 -25.42 50.78
N TYR C 418 -7.42 -24.97 49.56
CA TYR C 418 -6.47 -24.93 48.47
C TYR C 418 -6.37 -23.53 47.88
N LYS C 419 -6.54 -22.52 48.73
CA LYS C 419 -6.58 -21.14 48.25
C LYS C 419 -5.28 -20.74 47.58
N THR C 420 -4.15 -21.16 48.15
CA THR C 420 -2.87 -20.86 47.53
C THR C 420 -2.77 -21.50 46.15
N LYS C 421 -3.21 -22.75 46.04
CA LYS C 421 -3.21 -23.42 44.74
C LYS C 421 -4.16 -22.72 43.77
N LEU C 422 -5.32 -22.29 44.25
CA LEU C 422 -6.31 -21.65 43.39
C LEU C 422 -5.82 -20.28 42.93
N GLU C 423 -5.11 -19.55 43.79
CA GLU C 423 -4.63 -18.22 43.43
C GLU C 423 -3.57 -18.24 42.35
N ASN C 424 -2.84 -19.35 42.20
CA ASN C 424 -1.80 -19.43 41.18
C ASN C 424 -2.35 -19.71 39.79
N ARG C 425 -3.65 -19.98 39.66
CA ARG C 425 -4.25 -20.18 38.35
C ARG C 425 -4.14 -18.90 37.52
N ARG C 426 -4.02 -19.07 36.20
CA ARG C 426 -3.69 -17.94 35.32
C ARG C 426 -4.76 -16.87 35.38
N GLU C 427 -6.03 -17.25 35.22
CA GLU C 427 -7.10 -16.26 35.21
C GLU C 427 -7.29 -15.58 36.56
N CYS C 428 -6.87 -16.23 37.65
CA CYS C 428 -6.85 -15.55 38.95
C CYS C 428 -5.75 -14.50 38.99
N LYS C 429 -4.57 -14.83 38.47
CA LYS C 429 -3.46 -13.89 38.53
C LYS C 429 -3.68 -12.68 37.62
N SER C 430 -4.44 -12.86 36.53
CA SER C 430 -4.79 -11.74 35.67
C SER C 430 -5.93 -10.90 36.22
N GLY C 431 -6.59 -11.38 37.29
CA GLY C 431 -7.59 -10.61 37.98
C GLY C 431 -9.00 -10.78 37.49
N ILE C 432 -9.22 -11.47 36.37
CA ILE C 432 -10.56 -11.62 35.83
C ILE C 432 -11.38 -12.70 36.52
N ARG C 433 -10.74 -13.55 37.31
CA ARG C 433 -11.40 -14.68 37.95
C ARG C 433 -11.12 -14.63 39.45
N LYS C 434 -12.18 -14.68 40.26
CA LYS C 434 -12.01 -14.72 41.70
C LYS C 434 -11.35 -16.03 42.12
N TRP C 435 -10.68 -16.00 43.28
CA TRP C 435 -9.88 -17.15 43.69
C TRP C 435 -10.75 -18.38 43.93
N TYR C 436 -11.94 -18.19 44.48
CA TYR C 436 -12.81 -19.30 44.83
C TYR C 436 -13.68 -19.78 43.67
N GLU C 437 -13.61 -19.12 42.52
CA GLU C 437 -14.44 -19.49 41.39
C GLU C 437 -13.82 -20.64 40.59
N LEU C 438 -14.66 -21.35 39.85
CA LEU C 438 -14.18 -22.35 38.90
C LEU C 438 -13.39 -21.68 37.78
N GLN C 439 -12.29 -22.30 37.38
CA GLN C 439 -11.42 -21.69 36.36
C GLN C 439 -12.16 -21.55 35.04
N TRP C 440 -12.81 -22.62 34.59
CA TRP C 440 -13.63 -22.60 33.38
C TRP C 440 -14.96 -23.26 33.74
N GLY C 441 -15.92 -22.45 34.20
CA GLY C 441 -17.20 -22.95 34.64
C GLY C 441 -18.19 -23.28 33.54
N ARG C 442 -17.86 -22.91 32.30
CA ARG C 442 -18.70 -23.20 31.12
C ARG C 442 -20.09 -22.58 31.33
N GLU C 443 -21.12 -23.22 30.78
CA GLU C 443 -22.50 -22.73 30.87
C GLU C 443 -23.35 -23.83 31.50
N LYS C 444 -24.01 -23.50 32.62
CA LYS C 444 -24.83 -24.50 33.30
C LYS C 444 -25.93 -25.05 32.41
N LEU C 445 -26.51 -24.19 31.57
CA LEU C 445 -27.65 -24.61 30.76
C LEU C 445 -27.26 -25.58 29.65
N PHE C 446 -25.97 -25.72 29.34
CA PHE C 446 -25.56 -26.79 28.44
C PHE C 446 -25.59 -28.15 29.14
N PHE C 447 -25.13 -28.20 30.39
CA PHE C 447 -25.11 -29.46 31.13
C PHE C 447 -26.49 -29.86 31.63
N GLU C 448 -27.28 -28.90 32.11
CA GLU C 448 -28.57 -29.20 32.75
C GLU C 448 -29.66 -29.33 31.67
N ARG C 449 -29.51 -30.37 30.87
CA ARG C 449 -30.45 -30.69 29.81
C ARG C 449 -30.21 -32.13 29.38
N LYS C 450 -31.12 -32.65 28.55
CA LYS C 450 -30.90 -33.94 27.94
C LYS C 450 -29.77 -33.84 26.92
N LYS C 451 -28.80 -34.75 26.99
CA LYS C 451 -27.62 -34.68 26.14
C LYS C 451 -26.97 -36.06 26.07
N ILE C 452 -25.88 -36.13 25.31
CA ILE C 452 -25.11 -37.35 25.11
C ILE C 452 -23.71 -37.13 25.63
N MET C 453 -23.20 -38.09 26.40
CA MET C 453 -21.87 -37.98 27.00
C MET C 453 -21.06 -39.23 26.65
N TYR C 454 -19.74 -39.03 26.51
CA TYR C 454 -18.82 -40.11 26.18
C TYR C 454 -17.46 -39.82 26.79
N PRO C 455 -16.73 -40.84 27.24
CA PRO C 455 -15.41 -40.60 27.86
C PRO C 455 -14.40 -40.11 26.83
N TYR C 456 -13.44 -39.33 27.32
CA TYR C 456 -12.44 -38.75 26.43
C TYR C 456 -11.38 -39.77 26.00
N LYS C 457 -11.20 -40.84 26.78
CA LYS C 457 -10.26 -41.90 26.44
C LYS C 457 -10.92 -43.23 26.76
N SER C 458 -11.02 -44.11 25.77
CA SER C 458 -11.75 -45.36 25.95
C SER C 458 -11.22 -46.41 24.99
N ASN C 459 -11.52 -47.66 25.30
CA ASN C 459 -11.18 -48.77 24.42
C ASN C 459 -12.17 -48.94 23.28
N GLU C 460 -13.39 -48.45 23.44
CA GLU C 460 -14.45 -48.66 22.47
C GLU C 460 -15.35 -47.44 22.45
N ASN C 461 -16.31 -47.44 21.53
CA ASN C 461 -17.32 -46.39 21.48
C ASN C 461 -18.26 -46.55 22.68
N ARG C 462 -18.38 -45.50 23.49
CA ARG C 462 -19.29 -45.50 24.64
C ARG C 462 -20.03 -44.16 24.62
N PHE C 463 -21.16 -44.12 23.90
CA PHE C 463 -21.99 -42.92 23.81
C PHE C 463 -23.28 -43.19 24.58
N ALA C 464 -23.50 -42.41 25.64
CA ALA C 464 -24.62 -42.61 26.55
C ALA C 464 -25.49 -41.37 26.62
N ILE C 465 -26.78 -41.59 26.83
CA ILE C 465 -27.73 -40.50 27.06
C ILE C 465 -27.75 -40.17 28.54
N ASP C 466 -27.59 -38.89 28.87
CA ASP C 466 -27.63 -38.43 30.26
C ASP C 466 -28.97 -37.77 30.53
N TYR C 467 -29.76 -38.37 31.42
CA TYR C 467 -31.05 -37.84 31.82
C TYR C 467 -30.99 -37.06 33.12
N ASP C 468 -29.84 -37.05 33.81
CA ASP C 468 -29.76 -36.57 35.19
C ASP C 468 -28.95 -35.28 35.33
N ASN C 469 -28.77 -34.55 34.23
CA ASN C 469 -28.07 -33.26 34.25
C ASN C 469 -26.68 -33.39 34.88
N ASN C 470 -25.95 -34.41 34.43
CA ASN C 470 -24.64 -34.71 34.99
C ASN C 470 -23.61 -33.69 34.53
N PHE C 471 -22.85 -33.15 35.48
CA PHE C 471 -21.65 -32.38 35.18
C PHE C 471 -20.45 -33.31 35.17
N SER C 472 -19.38 -32.87 34.51
CA SER C 472 -18.17 -33.68 34.42
C SER C 472 -16.98 -32.78 34.17
N SER C 473 -15.79 -33.33 34.41
CA SER C 473 -14.55 -32.65 34.08
C SER C 473 -14.27 -32.82 32.59
N ALA C 474 -13.05 -32.47 32.17
CA ALA C 474 -12.71 -32.60 30.76
C ALA C 474 -12.48 -34.05 30.34
N ASP C 475 -12.60 -35.02 31.24
CA ASP C 475 -12.47 -36.42 30.88
C ASP C 475 -13.74 -37.00 30.28
N VAL C 476 -14.83 -36.23 30.25
CA VAL C 476 -16.08 -36.64 29.61
C VAL C 476 -16.56 -35.49 28.75
N TYR C 477 -16.75 -35.74 27.46
CA TYR C 477 -17.28 -34.76 26.53
C TYR C 477 -18.78 -34.94 26.36
N SER C 478 -19.45 -33.84 25.99
CA SER C 478 -20.90 -33.82 25.85
C SER C 478 -21.29 -33.09 24.56
N PHE C 479 -22.47 -33.44 24.05
CA PHE C 479 -23.09 -32.68 22.97
C PHE C 479 -24.60 -32.87 23.03
N PHE C 480 -25.31 -31.93 22.41
CA PHE C 480 -26.75 -32.02 22.29
C PHE C 480 -27.15 -31.64 20.87
N ILE C 481 -28.29 -32.19 20.43
CA ILE C 481 -28.75 -31.95 19.07
C ILE C 481 -29.24 -30.52 18.92
N LYS C 482 -28.96 -29.92 17.78
CA LYS C 482 -29.47 -28.58 17.49
C LYS C 482 -30.99 -28.60 17.39
N GLU C 483 -31.59 -27.45 17.71
CA GLU C 483 -33.05 -27.35 17.72
C GLU C 483 -33.64 -27.59 16.34
N GLU C 484 -32.91 -27.23 15.28
CA GLU C 484 -33.41 -27.42 13.92
C GLU C 484 -33.32 -28.87 13.46
N TYR C 485 -32.47 -29.68 14.08
CA TYR C 485 -32.32 -31.09 13.70
C TYR C 485 -33.09 -32.03 14.62
N LEU C 486 -33.83 -31.52 15.60
CA LEU C 486 -34.52 -32.40 16.54
C LEU C 486 -35.61 -33.21 15.86
N ASP C 487 -36.17 -32.72 14.76
CA ASP C 487 -37.20 -33.45 14.02
C ASP C 487 -36.61 -34.44 13.01
N LYS C 488 -35.31 -34.40 12.77
CA LYS C 488 -34.65 -35.37 11.91
C LYS C 488 -33.83 -36.41 12.66
N PHE C 489 -33.29 -36.06 13.84
CA PHE C 489 -32.45 -36.96 14.62
C PHE C 489 -32.92 -36.96 16.07
N SER C 490 -32.88 -38.14 16.69
CA SER C 490 -33.19 -38.29 18.10
C SER C 490 -31.95 -38.77 18.84
N TYR C 491 -31.93 -38.52 20.15
CA TYR C 491 -30.82 -38.99 20.97
C TYR C 491 -30.74 -40.51 20.99
N GLU C 492 -31.89 -41.18 20.94
CA GLU C 492 -31.90 -42.64 20.98
C GLU C 492 -31.32 -43.23 19.69
N TYR C 493 -31.67 -42.67 18.54
CA TYR C 493 -31.11 -43.14 17.28
C TYR C 493 -29.61 -42.89 17.22
N LEU C 494 -29.16 -41.73 17.71
CA LEU C 494 -27.74 -41.39 17.64
C LEU C 494 -26.90 -42.37 18.46
N VAL C 495 -27.29 -42.60 19.71
CA VAL C 495 -26.52 -43.53 20.54
C VAL C 495 -26.63 -44.95 20.00
N GLY C 496 -27.73 -45.28 19.33
CA GLY C 496 -27.85 -46.60 18.73
C GLY C 496 -26.82 -46.85 17.65
N ILE C 497 -26.65 -45.86 16.74
CA ILE C 497 -25.71 -46.05 15.65
C ILE C 497 -24.28 -45.79 16.10
N LEU C 498 -24.08 -44.93 17.09
CA LEU C 498 -22.73 -44.60 17.53
C LEU C 498 -22.11 -45.73 18.34
N ASN C 499 -22.92 -46.54 19.01
CA ASN C 499 -22.43 -47.67 19.81
C ASN C 499 -22.35 -48.96 19.01
N SER C 500 -22.69 -48.93 17.72
CA SER C 500 -22.73 -50.15 16.92
C SER C 500 -21.31 -50.62 16.57
N SER C 501 -21.23 -51.87 16.12
CA SER C 501 -19.95 -52.40 15.67
C SER C 501 -19.45 -51.63 14.45
N VAL C 502 -20.36 -51.23 13.57
CA VAL C 502 -19.97 -50.51 12.35
C VAL C 502 -19.25 -49.22 12.69
N TYR C 503 -19.86 -48.41 13.57
CA TYR C 503 -19.28 -47.12 13.92
C TYR C 503 -18.08 -47.23 14.87
N ASP C 504 -17.98 -48.33 15.62
CA ASP C 504 -16.77 -48.55 16.41
C ASP C 504 -15.56 -48.77 15.51
N LYS C 505 -15.71 -49.66 14.51
CA LYS C 505 -14.65 -49.86 13.52
C LYS C 505 -14.43 -48.60 12.69
N TYR C 506 -15.52 -47.90 12.35
CA TYR C 506 -15.42 -46.71 11.51
C TYR C 506 -14.64 -45.61 12.21
N PHE C 507 -14.92 -45.36 13.49
CA PHE C 507 -14.21 -44.30 14.20
C PHE C 507 -12.75 -44.67 14.42
N LYS C 508 -12.48 -45.93 14.76
CA LYS C 508 -11.12 -46.35 15.08
C LYS C 508 -10.20 -46.40 13.88
N ILE C 509 -10.74 -46.24 12.66
CA ILE C 509 -9.89 -46.16 11.48
C ILE C 509 -8.97 -44.94 11.56
N THR C 510 -9.53 -43.80 11.95
CA THR C 510 -8.78 -42.55 12.03
C THR C 510 -8.55 -42.06 13.44
N ALA C 511 -8.94 -42.84 14.46
CA ALA C 511 -8.83 -42.39 15.83
C ALA C 511 -7.37 -42.28 16.26
N LYS C 512 -7.14 -41.51 17.32
CA LYS C 512 -5.81 -41.24 17.84
C LYS C 512 -5.48 -42.28 18.91
N LYS C 513 -4.56 -43.19 18.59
CA LYS C 513 -4.20 -44.28 19.50
C LYS C 513 -3.22 -43.75 20.54
N MET C 514 -3.64 -43.73 21.80
CA MET C 514 -2.84 -43.11 22.86
C MET C 514 -1.96 -44.12 23.59
N SER C 515 -2.59 -45.12 24.21
CA SER C 515 -1.86 -46.13 24.95
C SER C 515 -2.50 -47.48 24.62
N LYS C 516 -2.12 -48.51 25.36
CA LYS C 516 -2.69 -49.83 25.16
C LYS C 516 -4.19 -49.81 25.43
N ASN C 517 -4.98 -50.14 24.41
CA ASN C 517 -6.44 -50.20 24.50
C ASN C 517 -7.07 -48.85 24.85
N ILE C 518 -6.43 -47.75 24.45
CA ILE C 518 -6.96 -46.42 24.73
C ILE C 518 -6.89 -45.58 23.45
N TYR C 519 -8.05 -45.14 22.98
CA TYR C 519 -8.15 -44.18 21.89
C TYR C 519 -8.61 -42.84 22.44
N ASP C 520 -8.18 -41.77 21.78
CA ASP C 520 -8.69 -40.44 22.11
C ASP C 520 -10.08 -40.28 21.52
N TYR C 521 -11.08 -40.07 22.39
CA TYR C 521 -12.42 -39.71 21.96
C TYR C 521 -12.60 -38.22 22.25
N TYR C 522 -12.13 -37.39 21.31
CA TYR C 522 -12.14 -35.94 21.40
C TYR C 522 -13.00 -35.37 20.28
N PRO C 523 -13.59 -34.19 20.48
CA PRO C 523 -14.45 -33.61 19.43
C PRO C 523 -13.74 -33.37 18.12
N ASN C 524 -12.43 -33.13 18.13
CA ASN C 524 -11.72 -32.82 16.88
C ASN C 524 -11.78 -33.97 15.89
N LYS C 525 -12.11 -35.18 16.36
CA LYS C 525 -12.41 -36.30 15.48
C LYS C 525 -13.80 -36.89 15.70
N VAL C 526 -14.34 -36.80 16.92
CA VAL C 526 -15.69 -37.32 17.17
C VAL C 526 -16.73 -36.51 16.40
N MET C 527 -16.59 -35.19 16.37
CA MET C 527 -17.55 -34.36 15.66
C MET C 527 -17.47 -34.54 14.14
N LYS C 528 -16.43 -35.19 13.63
CA LYS C 528 -16.33 -35.47 12.21
C LYS C 528 -16.94 -36.81 11.83
N ILE C 529 -17.50 -37.54 12.79
CA ILE C 529 -18.21 -38.78 12.48
C ILE C 529 -19.42 -38.46 11.62
N ARG C 530 -19.61 -39.21 10.54
CA ARG C 530 -20.68 -38.92 9.61
C ARG C 530 -21.91 -39.77 9.90
N ILE C 531 -23.09 -39.19 9.63
CA ILE C 531 -24.36 -39.75 10.02
C ILE C 531 -25.26 -39.86 8.79
N PHE C 532 -26.16 -40.85 8.81
CA PHE C 532 -27.09 -41.08 7.71
C PHE C 532 -28.52 -41.08 8.23
N ARG C 533 -29.46 -41.16 7.29
CA ARG C 533 -30.88 -41.15 7.63
C ARG C 533 -31.65 -41.78 6.48
N ASP C 534 -32.34 -42.89 6.73
CA ASP C 534 -33.07 -43.60 5.68
C ASP C 534 -34.23 -44.38 6.29
N ASN C 535 -34.77 -45.32 5.51
CA ASN C 535 -35.96 -46.04 5.91
C ASN C 535 -35.75 -46.97 7.10
N ASN C 536 -34.50 -47.26 7.47
CA ASN C 536 -34.22 -48.07 8.65
C ASN C 536 -34.13 -47.24 9.92
N TYR C 537 -34.40 -45.93 9.83
CA TYR C 537 -34.29 -45.06 10.99
C TYR C 537 -35.23 -45.50 12.11
N GLU C 538 -36.50 -45.79 11.76
CA GLU C 538 -37.49 -46.09 12.79
C GLU C 538 -37.15 -47.36 13.55
N GLU C 539 -36.74 -48.41 12.83
CA GLU C 539 -36.45 -49.68 13.50
C GLU C 539 -35.16 -49.60 14.31
N ILE C 540 -34.15 -48.89 13.78
CA ILE C 540 -32.91 -48.71 14.54
C ILE C 540 -33.20 -47.97 15.84
N GLU C 541 -34.00 -46.91 15.76
CA GLU C 541 -34.38 -46.17 16.96
C GLU C 541 -35.18 -47.04 17.92
N ASN C 542 -36.10 -47.85 17.39
CA ASN C 542 -36.88 -48.74 18.23
C ASN C 542 -35.98 -49.75 18.94
N LEU C 543 -34.99 -50.29 18.24
CA LEU C 543 -34.05 -51.22 18.86
C LEU C 543 -33.25 -50.53 19.96
N SER C 544 -32.84 -49.28 19.72
CA SER C 544 -32.09 -48.55 20.74
C SER C 544 -32.94 -48.29 21.98
N LYS C 545 -34.23 -47.99 21.79
CA LYS C 545 -35.11 -47.79 22.93
C LYS C 545 -35.22 -49.06 23.76
N GLN C 546 -35.35 -50.21 23.10
CA GLN C 546 -35.45 -51.48 23.81
C GLN C 546 -34.17 -51.78 24.59
N ILE C 547 -33.01 -51.50 23.97
CA ILE C 547 -31.74 -51.72 24.66
C ILE C 547 -31.62 -50.83 25.89
N ILE C 548 -32.02 -49.57 25.76
CA ILE C 548 -32.02 -48.67 26.92
C ILE C 548 -32.96 -49.19 28.00
N SER C 549 -34.15 -49.66 27.60
CA SER C 549 -35.13 -50.13 28.57
C SER C 549 -34.60 -51.33 29.36
N ILE C 550 -33.94 -52.27 28.69
CA ILE C 550 -33.41 -53.44 29.38
C ILE C 550 -32.23 -53.05 30.27
N LEU C 551 -31.38 -52.14 29.80
CA LEU C 551 -30.21 -51.74 30.57
C LEU C 551 -30.58 -51.01 31.86
N LEU C 552 -31.82 -50.54 31.97
CA LEU C 552 -32.30 -49.86 33.16
C LEU C 552 -33.14 -50.76 34.06
N ASN C 553 -33.19 -52.05 33.77
CA ASN C 553 -34.00 -52.99 34.53
C ASN C 553 -33.24 -53.51 35.74
N LYS C 554 -33.99 -54.10 36.67
CA LYS C 554 -33.37 -54.78 37.82
C LYS C 554 -32.69 -56.07 37.37
N SER C 555 -33.35 -56.85 36.52
CA SER C 555 -32.80 -58.08 35.98
C SER C 555 -32.43 -57.81 34.52
N ILE C 556 -31.18 -57.43 34.30
CA ILE C 556 -30.69 -57.10 32.97
C ILE C 556 -30.25 -58.39 32.28
N ASP C 557 -30.98 -58.80 31.26
CA ASP C 557 -30.64 -59.99 30.47
C ASP C 557 -29.65 -59.58 29.39
N LYS C 558 -28.38 -59.95 29.58
CA LYS C 558 -27.33 -59.55 28.65
C LYS C 558 -27.54 -60.19 27.27
N GLY C 559 -28.02 -61.43 27.24
CA GLY C 559 -28.24 -62.10 25.96
C GLY C 559 -29.28 -61.40 25.11
N LYS C 560 -30.35 -60.91 25.73
CA LYS C 560 -31.38 -60.19 25.00
C LYS C 560 -30.83 -58.88 24.42
N VAL C 561 -29.99 -58.18 25.18
CA VAL C 561 -29.39 -56.94 24.69
C VAL C 561 -28.48 -57.23 23.50
N GLU C 562 -27.71 -58.32 23.56
CA GLU C 562 -26.80 -58.66 22.48
C GLU C 562 -27.55 -58.91 21.17
N LYS C 563 -28.62 -59.68 21.23
CA LYS C 563 -29.39 -59.97 20.02
C LYS C 563 -30.01 -58.70 19.45
N LEU C 564 -30.50 -57.81 20.31
CA LEU C 564 -31.02 -56.54 19.83
C LEU C 564 -29.94 -55.72 19.15
N GLN C 565 -28.73 -55.70 19.72
CA GLN C 565 -27.63 -54.96 19.11
C GLN C 565 -27.26 -55.55 17.75
N ILE C 566 -27.26 -56.87 17.63
CA ILE C 566 -26.90 -57.52 16.38
C ILE C 566 -27.88 -57.15 15.27
N LYS C 567 -29.17 -57.17 15.58
CA LYS C 567 -30.17 -56.79 14.57
C LYS C 567 -30.01 -55.33 14.16
N MET C 568 -29.66 -54.46 15.11
CA MET C 568 -29.36 -53.08 14.77
C MET C 568 -28.12 -52.98 13.90
N ASP C 569 -27.10 -53.78 14.20
CA ASP C 569 -25.87 -53.77 13.41
C ASP C 569 -26.15 -54.17 11.96
N ASN C 570 -27.00 -55.18 11.76
CA ASN C 570 -27.34 -55.60 10.41
C ASN C 570 -28.09 -54.51 9.65
N LEU C 571 -28.99 -53.79 10.34
CA LEU C 571 -29.70 -52.70 9.68
C LEU C 571 -28.74 -51.59 9.24
N ILE C 572 -27.77 -51.25 10.09
CA ILE C 572 -26.83 -50.18 9.76
C ILE C 572 -25.96 -50.59 8.57
N MET C 573 -25.54 -51.87 8.53
CA MET C 573 -24.79 -52.37 7.39
C MET C 573 -25.63 -52.33 6.11
N ASP C 574 -26.92 -52.67 6.21
CA ASP C 574 -27.79 -52.58 5.05
C ASP C 574 -27.94 -51.13 4.60
N SER C 575 -27.99 -50.19 5.55
CA SER C 575 -28.15 -48.78 5.21
C SER C 575 -26.89 -48.18 4.60
N LEU C 576 -25.72 -48.76 4.86
CA LEU C 576 -24.46 -48.21 4.37
C LEU C 576 -23.84 -49.04 3.25
N GLY C 577 -24.46 -50.15 2.87
CA GLY C 577 -23.90 -50.96 1.80
C GLY C 577 -22.72 -51.82 2.22
N ILE C 578 -22.62 -52.15 3.49
CA ILE C 578 -21.50 -52.96 3.97
C ILE C 578 -21.90 -54.43 4.01
#